data_8GET
#
_entry.id   8GET
#
_cell.length_a   100.466
_cell.length_b   146.290
_cell.length_c   281.432
_cell.angle_alpha   90.000
_cell.angle_beta   90.000
_cell.angle_gamma   90.000
#
_symmetry.space_group_name_H-M   'P 2 21 21'
#
loop_
_entity.id
_entity.type
_entity.pdbx_description
1 polymer beta-galactosidase
2 non-polymer GLYCEROL
3 non-polymer 'beta-D-glucopyranuronic acid'
4 non-polymer 'FLAVIN MONONUCLEOTIDE'
5 non-polymer 11-(4-beta-D-glucopyranuronosylpiperazin-1-yl)dibenzo[b,f][1,4]thiazepine
#
_entity_poly.entity_id   1
_entity_poly.type   'polypeptide(L)'
_entity_poly.pdbx_seq_one_letter_code
;MREVINFNTKWAFTKEATEVPKEMPEKWYWVTLPHSWNEIDGQDGGNDYYRGTCYYAKQLKKSELPEADCYYLELRGANA
SADVYVNGKAVAHHDGGYSTWRVDITKELTEEENLIVIAVENGVNDRVYPQNADFTFYGGLYRDVNIIAVNKSHFDLDYY
GGPGIKVTPEIKGADASVEVEVFLTNAAADQKLVYTVKDAEGKEVAKTETAAGETKAVLSIPAVHLWNGKKDPYLYTAEV
ALVSGEEAVDAVSTRFGCRTFEIDPERGFILNGEEYPLRGVSRHQDRWGIGNALLPEHHREDIDLICELGATTIRLAHYQ
HDQYFYDLCDERGLVIWAEIPYISSHMPNGRENTISQMKELVVQNYNHPSIVVWGLSNEITMAGSSDEDLLENHRILNDM
VHEMDHTRLTTIAVVSMCDIHDPYIQIPDVISYNHYFGWYGGDVSMNGPWMDNFHKEFPNIPLGMSEYGCEALNWHTSDP
KQGDYTEEYQAYYHEEMIKQLFTRKYIWATHVWNMFDFGADARNEGGENGQNHKGLVTFDRKYKKDSFYAYKAWLSDEPF
VHLCGKRYVDRVEDTTKVTVYSNLPEVELFVNGKSAGKLQAEDHFFHFEVPNVGESTLVAVAGEYKDESHIRKVDTFNEE
YSLKESGAILNWFDITEPEGYYSLNDRLSDIMKSEEGKALFMGLMSKVAAGMSQGNEKNDGNPAAGAMANPKMLEMLGGF
TVIRMINLMGAAGPKVEWKKEDLLGLNAQLNKIKRVD
;
_entity_poly.pdbx_strand_id   A,B,C,D
#
# COMPACT_ATOMS: atom_id res chain seq x y z
N MET A 1 -5.21 -26.93 9.15
CA MET A 1 -4.19 -26.13 8.47
C MET A 1 -4.81 -25.24 7.39
N ARG A 2 -6.14 -25.16 7.39
CA ARG A 2 -6.83 -24.31 6.44
C ARG A 2 -6.34 -22.87 6.57
N GLU A 3 -6.05 -22.24 5.44
CA GLU A 3 -5.44 -20.92 5.41
C GLU A 3 -6.27 -19.98 4.54
N VAL A 4 -6.63 -18.83 5.09
CA VAL A 4 -7.38 -17.81 4.37
C VAL A 4 -6.45 -16.62 4.14
N ILE A 5 -6.33 -16.19 2.89
CA ILE A 5 -5.41 -15.13 2.49
C ILE A 5 -6.20 -13.98 1.91
N ASN A 6 -5.96 -12.78 2.44
CA ASN A 6 -6.61 -11.59 1.91
C ASN A 6 -6.14 -11.31 0.49
N PHE A 7 -7.05 -10.85 -0.37
CA PHE A 7 -6.72 -10.65 -1.80
C PHE A 7 -7.52 -9.45 -2.31
N ASN A 8 -7.46 -8.34 -1.58
CA ASN A 8 -8.29 -7.16 -1.93
C ASN A 8 -7.43 -6.00 -2.45
N THR A 9 -6.11 -6.09 -2.32
CA THR A 9 -5.23 -4.94 -2.69
C THR A 9 -4.91 -4.94 -4.19
N LYS A 10 -4.42 -3.82 -4.70
CA LYS A 10 -4.00 -3.72 -6.12
C LYS A 10 -4.97 -4.46 -7.05
N TRP A 11 -6.05 -3.79 -7.44
CA TRP A 11 -6.99 -4.38 -8.42
C TRP A 11 -7.19 -3.40 -9.56
N ALA A 12 -6.86 -3.81 -10.79
CA ALA A 12 -7.08 -2.97 -11.96
C ALA A 12 -8.56 -2.97 -12.33
N PHE A 13 -9.12 -1.77 -12.49
CA PHE A 13 -10.55 -1.62 -12.74
C PHE A 13 -10.79 -0.74 -13.97
N THR A 14 -11.89 -1.02 -14.67
CA THR A 14 -12.30 -0.24 -15.83
C THR A 14 -13.77 -0.47 -16.10
N LYS A 15 -14.42 0.54 -16.66
CA LYS A 15 -15.78 0.44 -17.16
C LYS A 15 -15.83 0.45 -18.69
N GLU A 16 -14.68 0.46 -19.35
CA GLU A 16 -14.62 0.64 -20.80
C GLU A 16 -14.29 -0.64 -21.56
N ALA A 17 -13.84 -1.69 -20.89
CA ALA A 17 -13.47 -2.92 -21.59
C ALA A 17 -14.69 -3.67 -22.08
N THR A 18 -14.52 -4.41 -23.18
CA THR A 18 -15.56 -5.26 -23.72
C THR A 18 -15.08 -6.69 -23.93
N GLU A 19 -13.92 -7.05 -23.37
CA GLU A 19 -13.43 -8.41 -23.44
C GLU A 19 -12.42 -8.61 -22.30
N VAL A 20 -12.15 -9.87 -21.99
CA VAL A 20 -11.23 -10.22 -20.91
C VAL A 20 -9.80 -9.98 -21.36
N PRO A 21 -9.04 -9.11 -20.69
CA PRO A 21 -7.69 -8.81 -21.16
C PRO A 21 -6.79 -10.04 -21.12
N LYS A 22 -5.98 -10.21 -22.17
CA LYS A 22 -5.06 -11.33 -22.23
C LYS A 22 -3.87 -11.14 -21.30
N GLU A 23 -3.43 -9.89 -21.11
CA GLU A 23 -2.33 -9.57 -20.22
C GLU A 23 -2.80 -8.56 -19.18
N MET A 24 -2.01 -8.39 -18.13
CA MET A 24 -2.37 -7.50 -17.04
C MET A 24 -2.45 -6.05 -17.53
N PRO A 25 -3.61 -5.40 -17.44
CA PRO A 25 -3.73 -4.04 -17.96
C PRO A 25 -2.75 -3.09 -17.27
N GLU A 26 -2.23 -2.15 -18.05
CA GLU A 26 -1.26 -1.17 -17.55
C GLU A 26 -1.85 0.20 -17.29
N LYS A 27 -2.94 0.55 -17.98
CA LYS A 27 -3.54 1.89 -17.87
C LYS A 27 -4.88 1.88 -17.16
N TRP A 28 -5.28 0.77 -16.57
CA TRP A 28 -6.54 0.74 -15.83
C TRP A 28 -6.39 1.49 -14.50
N TYR A 29 -7.51 1.72 -13.84
CA TYR A 29 -7.55 2.46 -12.59
C TYR A 29 -7.37 1.51 -11.41
N TRP A 30 -6.39 1.83 -10.56
CA TRP A 30 -6.11 1.01 -9.39
C TRP A 30 -7.17 1.21 -8.32
N VAL A 31 -7.59 0.11 -7.69
CA VAL A 31 -8.54 0.15 -6.60
C VAL A 31 -8.21 -0.97 -5.64
N THR A 32 -8.57 -0.78 -4.37
CA THR A 32 -8.47 -1.82 -3.35
C THR A 32 -9.86 -2.12 -2.81
N LEU A 33 -10.16 -3.40 -2.65
CA LEU A 33 -11.46 -3.83 -2.17
C LEU A 33 -11.52 -3.78 -0.65
N PRO A 34 -12.71 -3.60 -0.07
CA PRO A 34 -14.02 -3.39 -0.72
C PRO A 34 -14.03 -2.21 -1.70
N HIS A 35 -14.79 -2.33 -2.79
CA HIS A 35 -14.84 -1.26 -3.78
C HIS A 35 -16.15 -1.37 -4.56
N SER A 36 -16.64 -0.23 -5.02
CA SER A 36 -17.79 -0.17 -5.91
C SER A 36 -17.65 1.07 -6.79
N TRP A 37 -18.04 0.93 -8.06
CA TRP A 37 -17.92 2.03 -8.99
C TRP A 37 -19.09 3.01 -8.93
N ASN A 38 -20.06 2.79 -8.04
CA ASN A 38 -21.23 3.65 -7.90
C ASN A 38 -21.22 4.41 -6.59
N GLU A 39 -20.02 4.82 -6.15
CA GLU A 39 -19.90 5.52 -4.87
C GLU A 39 -20.28 6.98 -4.97
N ILE A 40 -20.17 7.59 -6.16
CA ILE A 40 -20.59 8.97 -6.38
C ILE A 40 -21.89 9.02 -7.19
N ASP A 41 -21.87 8.47 -8.40
CA ASP A 41 -23.03 8.56 -9.29
C ASP A 41 -24.24 7.84 -8.73
N GLY A 42 -24.05 6.94 -7.75
CA GLY A 42 -25.15 6.20 -7.16
C GLY A 42 -25.77 6.81 -5.93
N GLN A 43 -25.33 8.00 -5.52
CA GLN A 43 -25.89 8.70 -4.37
C GLN A 43 -26.15 10.17 -4.66
N ASP A 44 -26.11 10.59 -5.92
CA ASP A 44 -26.30 11.98 -6.29
C ASP A 44 -27.66 12.26 -6.92
N GLY A 45 -28.44 11.24 -7.24
CA GLY A 45 -29.74 11.45 -7.85
C GLY A 45 -29.70 11.23 -9.35
N GLY A 46 -30.86 11.50 -9.96
CA GLY A 46 -31.00 11.37 -11.40
C GLY A 46 -31.12 9.95 -11.91
N ASN A 47 -31.07 8.94 -11.04
CA ASN A 47 -31.19 7.55 -11.45
C ASN A 47 -30.18 7.21 -12.55
N ASP A 48 -29.06 7.93 -12.56
CA ASP A 48 -28.11 7.88 -13.66
C ASP A 48 -26.90 7.02 -13.38
N TYR A 49 -26.84 6.33 -12.24
CA TYR A 49 -25.64 5.60 -11.88
C TYR A 49 -25.38 4.48 -12.87
N TYR A 50 -24.13 4.40 -13.33
CA TYR A 50 -23.77 3.51 -14.42
C TYR A 50 -24.04 2.06 -14.05
N ARG A 51 -24.77 1.37 -14.92
CA ARG A 51 -25.09 -0.04 -14.75
C ARG A 51 -24.68 -0.79 -16.01
N GLY A 52 -23.78 -1.75 -15.85
CA GLY A 52 -23.29 -2.54 -16.97
C GLY A 52 -22.27 -3.56 -16.50
N THR A 53 -21.28 -3.86 -17.34
CA THR A 53 -20.23 -4.81 -17.00
C THR A 53 -18.92 -4.06 -16.86
N CYS A 54 -18.20 -4.34 -15.77
CA CYS A 54 -16.89 -3.76 -15.51
C CYS A 54 -15.94 -4.88 -15.11
N TYR A 55 -14.65 -4.64 -15.29
CA TYR A 55 -13.65 -5.68 -15.17
C TYR A 55 -12.65 -5.36 -14.07
N TYR A 56 -12.35 -6.37 -13.25
CA TYR A 56 -11.29 -6.32 -12.26
C TYR A 56 -10.15 -7.24 -12.71
N ALA A 57 -8.91 -6.77 -12.56
CA ALA A 57 -7.74 -7.53 -12.97
C ALA A 57 -6.70 -7.51 -11.86
N LYS A 58 -6.15 -8.69 -11.56
CA LYS A 58 -5.12 -8.80 -10.54
C LYS A 58 -4.39 -10.12 -10.73
N GLN A 59 -3.08 -10.11 -10.51
CA GLN A 59 -2.25 -11.28 -10.74
C GLN A 59 -2.07 -12.08 -9.45
N LEU A 60 -2.07 -13.40 -9.60
CA LEU A 60 -1.82 -14.33 -8.49
C LEU A 60 -0.44 -14.93 -8.68
N LYS A 61 0.49 -14.59 -7.80
CA LYS A 61 1.84 -15.13 -7.87
C LYS A 61 1.86 -16.48 -7.17
N LYS A 62 2.07 -17.56 -7.94
CA LYS A 62 2.09 -18.90 -7.37
C LYS A 62 3.07 -18.99 -6.20
N SER A 63 4.29 -18.52 -6.40
CA SER A 63 5.31 -18.60 -5.36
C SER A 63 4.82 -17.97 -4.06
N GLU A 64 4.30 -16.74 -4.14
CA GLU A 64 3.81 -16.05 -2.96
C GLU A 64 2.48 -16.64 -2.50
N LEU A 65 2.49 -17.91 -2.09
CA LEU A 65 1.25 -18.60 -1.74
C LEU A 65 1.51 -19.76 -0.79
N PRO A 66 0.94 -19.74 0.42
CA PRO A 66 1.03 -20.92 1.29
C PRO A 66 0.44 -22.14 0.58
N GLU A 67 1.27 -23.10 0.20
CA GLU A 67 0.87 -24.16 -0.71
C GLU A 67 0.55 -25.44 0.05
N ALA A 68 -0.67 -25.94 -0.13
CA ALA A 68 -1.05 -27.29 0.28
C ALA A 68 -1.50 -28.08 -0.94
N ASP A 69 -2.78 -28.42 -1.01
CA ASP A 69 -3.32 -29.22 -2.10
C ASP A 69 -4.27 -28.46 -3.02
N CYS A 70 -5.18 -27.67 -2.46
CA CYS A 70 -6.20 -26.98 -3.25
C CYS A 70 -6.24 -25.50 -2.89
N TYR A 71 -6.66 -24.69 -3.87
CA TYR A 71 -6.81 -23.26 -3.69
C TYR A 71 -8.19 -22.84 -4.19
N TYR A 72 -8.97 -22.22 -3.33
CA TYR A 72 -10.29 -21.73 -3.67
C TYR A 72 -10.29 -20.21 -3.67
N LEU A 73 -10.88 -19.61 -4.71
CA LEU A 73 -11.12 -18.18 -4.74
C LEU A 73 -12.51 -17.92 -4.17
N GLU A 74 -12.57 -17.13 -3.10
CA GLU A 74 -13.81 -16.85 -2.39
C GLU A 74 -14.23 -15.42 -2.62
N LEU A 75 -15.48 -15.22 -3.05
CA LEU A 75 -16.08 -13.91 -3.23
C LEU A 75 -17.19 -13.74 -2.22
N ARG A 76 -17.11 -12.69 -1.40
CA ARG A 76 -18.08 -12.44 -0.34
C ARG A 76 -19.14 -11.43 -0.74
N GLY A 77 -19.01 -10.80 -1.90
CA GLY A 77 -19.98 -9.81 -2.34
C GLY A 77 -19.64 -9.23 -3.69
N ALA A 78 -20.28 -9.73 -4.74
CA ALA A 78 -20.11 -9.24 -6.11
C ALA A 78 -21.48 -8.89 -6.66
N ASN A 79 -21.80 -7.60 -6.70
CA ASN A 79 -23.10 -7.11 -7.12
C ASN A 79 -23.04 -6.73 -8.59
N ALA A 80 -23.88 -7.35 -9.41
CA ALA A 80 -24.87 -8.36 -9.02
C ALA A 80 -24.51 -9.73 -9.59
N SER A 81 -24.24 -9.76 -10.90
CA SER A 81 -23.78 -10.95 -11.59
C SER A 81 -22.31 -10.82 -11.92
N ALA A 82 -21.57 -11.93 -11.81
CA ALA A 82 -20.13 -11.90 -11.99
C ALA A 82 -19.66 -13.13 -12.75
N ASP A 83 -18.52 -13.00 -13.41
CA ASP A 83 -17.83 -14.09 -14.09
C ASP A 83 -16.36 -14.05 -13.72
N VAL A 84 -15.78 -15.22 -13.47
CA VAL A 84 -14.41 -15.33 -13.00
C VAL A 84 -13.58 -16.05 -14.06
N TYR A 85 -12.53 -15.39 -14.52
CA TYR A 85 -11.57 -15.98 -15.44
C TYR A 85 -10.21 -16.10 -14.77
N VAL A 86 -9.49 -17.16 -15.13
CA VAL A 86 -8.16 -17.43 -14.60
C VAL A 86 -7.28 -17.78 -15.80
N ASN A 87 -6.42 -16.84 -16.20
CA ASN A 87 -5.57 -17.00 -17.39
C ASN A 87 -6.40 -16.99 -18.67
N GLY A 88 -7.50 -16.25 -18.68
CA GLY A 88 -8.37 -16.18 -19.84
C GLY A 88 -9.42 -17.28 -19.93
N LYS A 89 -9.42 -18.23 -19.00
CA LYS A 89 -10.38 -19.31 -18.99
C LYS A 89 -11.48 -19.03 -17.98
N ALA A 90 -12.72 -19.36 -18.36
CA ALA A 90 -13.85 -19.21 -17.46
C ALA A 90 -13.85 -20.34 -16.43
N VAL A 91 -14.11 -19.98 -15.17
CA VAL A 91 -14.07 -20.95 -14.08
C VAL A 91 -15.31 -20.94 -13.21
N ALA A 92 -16.15 -19.93 -13.27
CA ALA A 92 -17.33 -19.88 -12.42
C ALA A 92 -18.16 -18.65 -12.78
N HIS A 93 -19.45 -18.73 -12.50
CA HIS A 93 -20.38 -17.63 -12.68
C HIS A 93 -21.32 -17.58 -11.49
N HIS A 94 -21.85 -16.39 -11.19
CA HIS A 94 -22.75 -16.25 -10.05
C HIS A 94 -23.77 -15.16 -10.35
N ASP A 95 -24.96 -15.31 -9.75
CA ASP A 95 -26.04 -14.35 -9.87
C ASP A 95 -26.55 -14.02 -8.47
N GLY A 96 -26.75 -12.73 -8.21
CA GLY A 96 -27.15 -12.28 -6.90
C GLY A 96 -25.96 -11.82 -6.07
N GLY A 97 -25.78 -10.51 -5.96
CA GLY A 97 -24.58 -9.96 -5.35
C GLY A 97 -24.71 -9.61 -3.88
N TYR A 98 -25.14 -10.57 -3.07
CA TYR A 98 -25.22 -10.36 -1.62
C TYR A 98 -24.85 -11.62 -0.84
N SER A 99 -24.39 -12.67 -1.51
CA SER A 99 -24.07 -13.93 -0.87
C SER A 99 -22.66 -14.36 -1.26
N THR A 100 -22.11 -15.26 -0.45
CA THR A 100 -20.76 -15.76 -0.67
C THR A 100 -20.75 -16.92 -1.66
N TRP A 101 -19.73 -16.94 -2.52
CA TRP A 101 -19.53 -18.04 -3.46
C TRP A 101 -18.04 -18.24 -3.65
N ARG A 102 -17.67 -19.47 -4.01
CA ARG A 102 -16.28 -19.84 -4.15
C ARG A 102 -16.10 -20.69 -5.40
N VAL A 103 -14.84 -20.95 -5.74
CA VAL A 103 -14.51 -21.77 -6.91
C VAL A 103 -13.09 -22.28 -6.80
N ASP A 104 -12.92 -23.60 -6.88
CA ASP A 104 -11.59 -24.18 -6.90
C ASP A 104 -10.88 -23.81 -8.19
N ILE A 105 -9.72 -23.16 -8.08
CA ILE A 105 -8.91 -22.75 -9.22
C ILE A 105 -7.55 -23.43 -9.23
N THR A 106 -7.37 -24.48 -8.42
CA THR A 106 -6.07 -25.14 -8.32
C THR A 106 -5.56 -25.56 -9.69
N LYS A 107 -6.36 -26.35 -10.42
CA LYS A 107 -5.92 -26.86 -11.71
C LYS A 107 -5.61 -25.73 -12.71
N GLU A 108 -6.07 -24.51 -12.44
CA GLU A 108 -5.91 -23.41 -13.38
C GLU A 108 -4.71 -22.52 -13.08
N LEU A 109 -3.96 -22.81 -12.02
CA LEU A 109 -2.74 -22.05 -11.71
C LEU A 109 -1.53 -22.70 -12.37
N THR A 110 -1.62 -22.91 -13.68
CA THR A 110 -0.58 -23.62 -14.40
C THR A 110 0.70 -22.79 -14.48
N GLU A 111 0.57 -21.48 -14.65
CA GLU A 111 1.71 -20.60 -14.77
C GLU A 111 2.04 -19.97 -13.41
N GLU A 112 3.19 -19.30 -13.37
CA GLU A 112 3.57 -18.57 -12.16
C GLU A 112 2.91 -17.20 -12.08
N GLU A 113 2.53 -16.64 -13.23
CA GLU A 113 1.89 -15.33 -13.32
C GLU A 113 0.42 -15.55 -13.73
N ASN A 114 -0.39 -15.93 -12.75
CA ASN A 114 -1.79 -16.24 -13.01
C ASN A 114 -2.62 -14.97 -13.00
N LEU A 115 -3.27 -14.68 -14.13
CA LEU A 115 -4.07 -13.47 -14.29
C LEU A 115 -5.52 -13.79 -13.94
N ILE A 116 -6.05 -13.11 -12.92
CA ILE A 116 -7.44 -13.27 -12.50
C ILE A 116 -8.25 -12.10 -13.02
N VAL A 117 -9.33 -12.40 -13.74
CA VAL A 117 -10.24 -11.39 -14.25
C VAL A 117 -11.64 -11.75 -13.75
N ILE A 118 -12.27 -10.80 -13.05
CA ILE A 118 -13.63 -10.95 -12.56
C ILE A 118 -14.49 -9.87 -13.21
N ALA A 119 -15.44 -10.30 -14.03
CA ALA A 119 -16.35 -9.38 -14.70
C ALA A 119 -17.62 -9.27 -13.86
N VAL A 120 -17.87 -8.10 -13.29
CA VAL A 120 -19.04 -7.85 -12.46
C VAL A 120 -20.02 -6.99 -13.26
N GLU A 121 -21.30 -7.34 -13.17
CA GLU A 121 -22.34 -6.66 -13.93
C GLU A 121 -23.55 -6.40 -13.03
N ASN A 122 -24.15 -5.23 -13.19
CA ASN A 122 -25.33 -4.83 -12.42
C ASN A 122 -26.38 -4.23 -13.33
N GLY A 123 -26.58 -4.83 -14.51
CA GLY A 123 -27.48 -4.30 -15.50
C GLY A 123 -28.94 -4.63 -15.22
N VAL A 124 -29.73 -4.59 -16.30
CA VAL A 124 -31.18 -4.77 -16.23
C VAL A 124 -31.54 -6.05 -16.97
N ASN A 125 -32.29 -6.92 -16.31
CA ASN A 125 -32.71 -8.17 -16.93
C ASN A 125 -33.91 -8.71 -16.17
N ASP A 126 -34.49 -9.78 -16.73
CA ASP A 126 -35.70 -10.40 -16.19
C ASP A 126 -35.40 -11.64 -15.37
N ARG A 127 -34.16 -11.85 -14.95
CA ARG A 127 -33.77 -13.08 -14.28
C ARG A 127 -33.20 -12.91 -12.88
N VAL A 128 -32.55 -11.78 -12.58
CA VAL A 128 -31.82 -11.61 -11.33
C VAL A 128 -32.42 -10.44 -10.56
N TYR A 129 -32.84 -10.71 -9.26
CA TYR A 129 -33.33 -9.73 -8.30
C TYR A 129 -32.17 -9.11 -7.55
N PRO A 130 -32.29 -7.83 -7.14
CA PRO A 130 -33.43 -6.93 -7.33
C PRO A 130 -33.39 -6.19 -8.67
N GLN A 131 -34.54 -5.69 -9.13
CA GLN A 131 -34.62 -4.93 -10.36
C GLN A 131 -35.44 -3.66 -10.15
N ASN A 132 -36.41 -3.72 -9.25
CA ASN A 132 -37.26 -2.58 -8.91
C ASN A 132 -37.28 -2.44 -7.39
N ALA A 133 -36.65 -1.39 -6.88
CA ALA A 133 -36.60 -1.16 -5.44
C ALA A 133 -36.18 0.28 -5.19
N ASP A 134 -36.36 0.72 -3.95
CA ASP A 134 -35.98 2.06 -3.54
C ASP A 134 -34.64 2.03 -2.79
N PHE A 135 -33.62 1.58 -3.51
CA PHE A 135 -32.25 1.63 -3.01
C PHE A 135 -31.32 1.32 -4.18
N THR A 136 -30.14 1.93 -4.15
CA THR A 136 -29.22 1.83 -5.27
C THR A 136 -28.60 0.45 -5.36
N PHE A 137 -28.44 -0.04 -6.59
CA PHE A 137 -27.79 -1.32 -6.84
C PHE A 137 -26.30 -1.08 -7.11
N TYR A 138 -25.58 -0.77 -6.03
CA TYR A 138 -24.14 -0.56 -6.13
C TYR A 138 -23.48 -1.75 -6.81
N GLY A 139 -22.66 -1.46 -7.81
CA GLY A 139 -21.98 -2.49 -8.57
C GLY A 139 -20.54 -2.66 -8.13
N GLY A 140 -20.00 -3.85 -8.37
CA GLY A 140 -18.60 -4.13 -8.14
C GLY A 140 -18.37 -5.12 -7.01
N LEU A 141 -17.09 -5.35 -6.73
CA LEU A 141 -16.66 -6.23 -5.64
C LEU A 141 -16.58 -5.40 -4.37
N TYR A 142 -17.73 -5.21 -3.73
CA TYR A 142 -17.84 -4.39 -2.54
C TYR A 142 -17.62 -5.16 -1.25
N ARG A 143 -17.26 -6.43 -1.33
CA ARG A 143 -16.91 -7.25 -0.17
C ARG A 143 -15.56 -7.90 -0.41
N ASP A 144 -15.10 -8.66 0.58
CA ASP A 144 -13.76 -9.25 0.52
C ASP A 144 -13.65 -10.26 -0.61
N VAL A 145 -12.42 -10.48 -1.06
CA VAL A 145 -12.06 -11.56 -1.98
C VAL A 145 -10.85 -12.26 -1.38
N ASN A 146 -10.97 -13.56 -1.14
CA ASN A 146 -9.95 -14.31 -0.43
C ASN A 146 -9.51 -15.51 -1.25
N ILE A 147 -8.35 -16.04 -0.88
CA ILE A 147 -7.81 -17.27 -1.44
C ILE A 147 -7.69 -18.27 -0.29
N ILE A 148 -8.49 -19.33 -0.34
CA ILE A 148 -8.53 -20.34 0.72
C ILE A 148 -7.65 -21.50 0.30
N ALA A 149 -6.61 -21.77 1.09
CA ALA A 149 -5.73 -22.91 0.89
C ALA A 149 -6.14 -24.02 1.86
N VAL A 150 -6.52 -25.17 1.32
CA VAL A 150 -6.99 -26.30 2.12
C VAL A 150 -6.34 -27.58 1.62
N ASN A 151 -6.43 -28.61 2.43
CA ASN A 151 -5.96 -29.93 2.06
C ASN A 151 -6.87 -30.53 0.99
N LYS A 152 -6.38 -31.55 0.29
CA LYS A 152 -7.21 -32.24 -0.71
C LYS A 152 -8.48 -32.71 -0.01
N SER A 153 -8.34 -33.16 1.22
CA SER A 153 -9.49 -33.62 2.00
C SER A 153 -9.88 -32.48 2.95
N HIS A 154 -10.89 -31.72 2.57
CA HIS A 154 -11.31 -30.52 3.29
C HIS A 154 -12.81 -30.55 3.52
N PHE A 155 -13.27 -29.66 4.40
CA PHE A 155 -14.70 -29.50 4.62
C PHE A 155 -15.32 -28.81 3.41
N ASP A 156 -16.58 -29.17 3.13
CA ASP A 156 -17.23 -28.75 1.90
C ASP A 156 -17.13 -27.24 1.70
N LEU A 157 -16.50 -26.85 0.61
CA LEU A 157 -16.38 -25.45 0.22
C LEU A 157 -17.22 -25.11 -1.01
N ASP A 158 -18.01 -26.06 -1.52
CA ASP A 158 -18.67 -25.90 -2.81
C ASP A 158 -20.18 -26.00 -2.72
N TYR A 159 -20.77 -25.83 -1.53
CA TYR A 159 -22.22 -25.91 -1.38
C TYR A 159 -22.76 -24.52 -1.03
N TYR A 160 -23.03 -23.74 -2.07
CA TYR A 160 -23.72 -22.45 -1.92
C TYR A 160 -23.04 -21.56 -0.88
N GLY A 161 -21.70 -21.55 -0.92
CA GLY A 161 -20.94 -20.68 -0.03
C GLY A 161 -21.17 -20.93 1.44
N GLY A 162 -21.49 -22.17 1.82
CA GLY A 162 -21.74 -22.51 3.19
C GLY A 162 -20.47 -22.80 3.97
N PRO A 163 -20.57 -22.82 5.30
CA PRO A 163 -19.39 -23.07 6.13
C PRO A 163 -18.99 -24.54 6.22
N GLY A 164 -19.83 -25.46 5.74
CA GLY A 164 -19.56 -26.87 5.93
C GLY A 164 -19.78 -27.35 7.33
N ILE A 165 -20.52 -26.60 8.14
CA ILE A 165 -20.76 -26.94 9.55
C ILE A 165 -22.13 -26.40 9.93
N LYS A 166 -22.97 -27.26 10.50
CA LYS A 166 -24.34 -26.92 10.86
C LYS A 166 -24.57 -27.25 12.32
N VAL A 167 -24.98 -26.26 13.11
CA VAL A 167 -25.20 -26.42 14.54
C VAL A 167 -26.68 -26.18 14.81
N THR A 168 -27.39 -27.22 15.25
CA THR A 168 -28.81 -27.14 15.57
C THR A 168 -29.02 -27.57 17.03
N PRO A 169 -29.05 -26.62 17.96
CA PRO A 169 -29.25 -26.99 19.37
C PRO A 169 -30.69 -27.37 19.66
N GLU A 170 -30.85 -28.39 20.48
CA GLU A 170 -32.15 -28.78 21.03
C GLU A 170 -32.10 -28.65 22.53
N ILE A 171 -33.09 -27.97 23.11
CA ILE A 171 -33.13 -27.71 24.54
C ILE A 171 -34.01 -28.76 25.19
N LYS A 172 -33.40 -29.64 25.99
CA LYS A 172 -34.14 -30.64 26.75
C LYS A 172 -34.33 -30.14 28.18
N GLY A 173 -35.18 -29.13 28.30
CA GLY A 173 -35.47 -28.52 29.59
C GLY A 173 -34.36 -27.61 30.07
N ALA A 174 -33.45 -28.15 30.88
CA ALA A 174 -32.31 -27.39 31.39
C ALA A 174 -30.98 -27.83 30.79
N ASP A 175 -30.99 -28.81 29.89
CA ASP A 175 -29.80 -29.26 29.19
C ASP A 175 -29.98 -29.03 27.69
N ALA A 176 -28.90 -29.21 26.94
CA ALA A 176 -28.91 -29.01 25.50
C ALA A 176 -28.29 -30.20 24.80
N SER A 177 -28.93 -30.65 23.72
CA SER A 177 -28.41 -31.68 22.85
C SER A 177 -28.17 -31.02 21.49
N VAL A 178 -26.99 -30.42 21.33
CA VAL A 178 -26.66 -29.63 20.15
C VAL A 178 -26.16 -30.58 19.07
N GLU A 179 -26.97 -30.79 18.03
CA GLU A 179 -26.54 -31.56 16.88
C GLU A 179 -25.49 -30.78 16.10
N VAL A 180 -24.46 -31.48 15.64
CA VAL A 180 -23.38 -30.88 14.87
C VAL A 180 -23.19 -31.70 13.60
N GLU A 181 -23.47 -31.10 12.45
CA GLU A 181 -23.36 -31.75 11.16
C GLU A 181 -22.23 -31.10 10.35
N VAL A 182 -21.32 -31.92 9.83
CA VAL A 182 -20.23 -31.44 9.01
C VAL A 182 -20.32 -32.10 7.64
N PHE A 183 -19.81 -31.41 6.62
CA PHE A 183 -19.85 -31.87 5.25
C PHE A 183 -18.44 -31.85 4.67
N LEU A 184 -18.07 -32.93 4.00
CA LEU A 184 -16.69 -33.14 3.55
C LEU A 184 -16.64 -33.15 2.02
N THR A 185 -15.42 -33.26 1.50
CA THR A 185 -15.17 -33.29 0.07
C THR A 185 -13.84 -33.97 -0.17
N ASN A 186 -13.83 -34.98 -1.06
CA ASN A 186 -12.64 -35.76 -1.31
C ASN A 186 -12.02 -36.23 0.01
N ALA A 187 -12.82 -36.95 0.78
CA ALA A 187 -12.46 -37.36 2.12
C ALA A 187 -12.07 -38.84 2.13
N ALA A 188 -12.01 -39.41 3.33
CA ALA A 188 -11.63 -40.80 3.49
C ALA A 188 -12.05 -41.34 4.86
N ASP A 190 -11.38 -44.13 6.61
CA ASP A 190 -10.13 -44.30 7.35
C ASP A 190 -9.66 -42.99 7.96
N GLN A 191 -10.56 -42.00 8.00
CA GLN A 191 -10.30 -40.72 8.62
C GLN A 191 -11.31 -40.47 9.72
N LYS A 192 -10.90 -39.72 10.74
CA LYS A 192 -11.72 -39.48 11.92
C LYS A 192 -12.19 -38.03 11.96
N LEU A 193 -13.16 -37.78 12.84
CA LEU A 193 -13.66 -36.44 13.10
C LEU A 193 -13.70 -36.24 14.61
N VAL A 194 -12.97 -35.23 15.10
CA VAL A 194 -12.90 -34.92 16.52
C VAL A 194 -13.75 -33.68 16.75
N TYR A 195 -14.97 -33.88 17.24
CA TYR A 195 -15.86 -32.77 17.55
C TYR A 195 -15.56 -32.21 18.93
N THR A 196 -15.63 -30.89 19.06
CA THR A 196 -15.37 -30.22 20.33
C THR A 196 -16.30 -29.02 20.46
N VAL A 197 -16.88 -28.87 21.64
CA VAL A 197 -17.78 -27.75 21.94
C VAL A 197 -17.22 -27.02 23.15
N LYS A 198 -16.98 -25.72 22.99
CA LYS A 198 -16.46 -24.86 24.05
C LYS A 198 -17.51 -23.83 24.44
N ASP A 199 -17.22 -23.10 25.51
CA ASP A 199 -18.08 -22.04 26.02
C ASP A 199 -17.42 -20.68 25.76
N ALA A 200 -17.95 -19.65 26.43
CA ALA A 200 -17.45 -18.29 26.21
C ALA A 200 -15.97 -18.19 26.55
N GLU A 201 -15.55 -18.85 27.63
CA GLU A 201 -14.15 -18.80 28.05
C GLU A 201 -13.27 -19.79 27.30
N GLY A 202 -13.83 -20.60 26.41
CA GLY A 202 -13.04 -21.57 25.68
C GLY A 202 -12.80 -22.87 26.40
N LYS A 203 -13.57 -23.17 27.44
CA LYS A 203 -13.42 -24.41 28.19
C LYS A 203 -14.27 -25.49 27.53
N GLU A 204 -13.64 -26.59 27.14
CA GLU A 204 -14.34 -27.67 26.46
C GLU A 204 -15.51 -28.16 27.31
N VAL A 205 -16.70 -28.14 26.73
CA VAL A 205 -17.91 -28.60 27.40
C VAL A 205 -18.44 -29.90 26.81
N ALA A 206 -17.78 -30.45 25.79
CA ALA A 206 -18.20 -31.69 25.17
C ALA A 206 -17.21 -32.11 24.09
N LYS A 207 -17.10 -33.42 23.84
CA LYS A 207 -16.16 -33.92 22.85
C LYS A 207 -16.59 -35.31 22.43
N THR A 208 -16.25 -35.66 21.19
CA THR A 208 -16.56 -36.97 20.64
C THR A 208 -15.67 -37.20 19.42
N GLU A 209 -15.81 -38.36 18.80
CA GLU A 209 -14.94 -38.72 17.68
C GLU A 209 -15.61 -39.79 16.85
N THR A 210 -15.87 -39.50 15.57
CA THR A 210 -16.42 -40.43 14.62
C THR A 210 -15.38 -40.71 13.53
N ALA A 211 -15.83 -41.27 12.41
CA ALA A 211 -14.94 -41.62 11.30
C ALA A 211 -15.40 -41.04 9.97
N GLU A 214 -20.65 -40.69 8.92
CA GLU A 214 -20.36 -40.30 10.29
C GLU A 214 -20.13 -38.80 10.41
N THR A 215 -20.84 -38.03 9.57
CA THR A 215 -20.73 -36.58 9.56
C THR A 215 -21.71 -35.92 10.52
N LYS A 216 -22.51 -36.70 11.24
CA LYS A 216 -23.40 -36.18 12.28
C LYS A 216 -22.79 -36.45 13.65
N ALA A 217 -23.27 -35.69 14.64
CA ALA A 217 -22.81 -35.86 16.01
C ALA A 217 -23.62 -34.99 16.96
N VAL A 218 -24.33 -35.62 17.88
CA VAL A 218 -25.14 -34.93 18.87
C VAL A 218 -24.30 -34.80 20.15
N LEU A 219 -23.90 -33.58 20.46
CA LEU A 219 -23.15 -33.29 21.67
C LEU A 219 -24.06 -32.58 22.66
N SER A 220 -23.90 -32.92 23.94
CA SER A 220 -24.74 -32.36 25.00
C SER A 220 -23.88 -31.50 25.92
N ILE A 221 -24.43 -30.32 26.19
CA ILE A 221 -23.78 -29.37 27.14
C ILE A 221 -24.79 -29.18 28.25
N PRO A 222 -24.55 -29.70 29.47
CA PRO A 222 -25.53 -29.58 30.54
C PRO A 222 -25.37 -28.19 31.14
N ALA A 223 -26.29 -27.78 32.00
CA ALA A 223 -26.23 -26.41 32.54
C ALA A 223 -26.16 -25.45 31.36
N VAL A 224 -27.21 -25.44 30.55
CA VAL A 224 -27.26 -24.61 29.35
C VAL A 224 -27.23 -23.14 29.75
N HIS A 225 -26.34 -22.39 29.10
CA HIS A 225 -26.35 -20.93 29.17
C HIS A 225 -27.02 -20.44 27.89
N LEU A 226 -28.29 -20.07 28.01
CA LEU A 226 -29.10 -19.76 26.84
C LEU A 226 -28.74 -18.39 26.27
N TRP A 227 -28.78 -18.29 24.95
CA TRP A 227 -28.69 -17.02 24.26
C TRP A 227 -30.00 -16.26 24.47
N ASN A 228 -29.99 -15.32 25.41
CA ASN A 228 -31.23 -14.64 25.80
C ASN A 228 -31.23 -13.18 25.34
N GLY A 229 -30.97 -12.95 24.07
CA GLY A 229 -31.00 -11.60 23.53
C GLY A 229 -30.01 -10.68 24.23
N LYS A 230 -30.42 -9.42 24.38
CA LYS A 230 -29.54 -8.43 25.01
C LYS A 230 -29.28 -8.75 26.47
N LYS A 231 -30.27 -9.33 27.17
CA LYS A 231 -30.09 -9.67 28.58
C LYS A 231 -28.85 -10.53 28.78
N ASP A 232 -28.62 -11.48 27.88
CA ASP A 232 -27.43 -12.33 27.94
C ASP A 232 -27.23 -13.02 26.60
N PRO A 233 -26.45 -12.45 25.70
CA PRO A 233 -26.19 -13.08 24.39
C PRO A 233 -25.05 -14.08 24.45
N TYR A 234 -25.20 -15.09 25.31
CA TYR A 234 -24.16 -16.11 25.45
C TYR A 234 -23.92 -16.81 24.12
N LEU A 235 -22.67 -17.22 23.89
CA LEU A 235 -22.27 -17.78 22.61
C LEU A 235 -21.26 -18.90 22.85
N TYR A 236 -21.66 -20.13 22.57
CA TYR A 236 -20.74 -21.25 22.50
C TYR A 236 -20.11 -21.31 21.12
N THR A 237 -18.87 -21.82 21.06
CA THR A 237 -18.16 -22.00 19.80
C THR A 237 -17.93 -23.48 19.56
N ALA A 238 -18.26 -23.95 18.37
CA ALA A 238 -18.12 -25.35 18.00
C ALA A 238 -16.99 -25.51 16.98
N GLU A 239 -16.18 -26.54 17.19
CA GLU A 239 -15.06 -26.85 16.33
C GLU A 239 -15.09 -28.32 15.93
N VAL A 240 -14.72 -28.60 14.69
CA VAL A 240 -14.56 -29.96 14.19
C VAL A 240 -13.30 -30.01 13.33
N ALA A 241 -12.52 -31.09 13.48
CA ALA A 241 -11.26 -31.23 12.76
C ALA A 241 -11.21 -32.60 12.11
N LEU A 242 -10.83 -32.64 10.83
CA LEU A 242 -10.67 -33.90 10.10
C LEU A 242 -9.30 -34.47 10.43
N VAL A 243 -9.28 -35.61 11.12
CA VAL A 243 -8.05 -36.19 11.63
C VAL A 243 -7.57 -37.29 10.70
N SER A 244 -6.24 -37.40 10.55
CA SER A 244 -5.60 -38.48 9.80
C SER A 244 -4.44 -38.99 10.66
N GLY A 245 -4.71 -39.99 11.49
CA GLY A 245 -3.71 -40.52 12.38
C GLY A 245 -3.56 -39.71 13.65
N GLU A 246 -2.62 -38.76 13.65
CA GLU A 246 -2.38 -37.90 14.80
C GLU A 246 -2.43 -36.42 14.47
N GLU A 247 -2.42 -36.04 13.20
CA GLU A 247 -2.48 -34.65 12.78
C GLU A 247 -3.86 -34.34 12.19
N ALA A 248 -4.04 -33.08 11.80
CA ALA A 248 -5.29 -32.63 11.20
C ALA A 248 -4.99 -31.93 9.88
N VAL A 249 -5.93 -32.00 8.94
CA VAL A 249 -5.77 -31.41 7.63
C VAL A 249 -6.78 -30.32 7.32
N ASP A 250 -7.78 -30.10 8.17
CA ASP A 250 -8.76 -29.04 7.99
C ASP A 250 -9.63 -28.97 9.24
N ALA A 251 -10.18 -27.79 9.50
CA ALA A 251 -10.99 -27.59 10.69
C ALA A 251 -11.88 -26.37 10.49
N VAL A 252 -13.19 -26.57 10.53
CA VAL A 252 -14.16 -25.49 10.48
C VAL A 252 -14.67 -25.24 11.89
N SER A 253 -15.02 -23.99 12.17
CA SER A 253 -15.55 -23.61 13.47
C SER A 253 -16.75 -22.70 13.26
N THR A 254 -17.51 -22.50 14.34
CA THR A 254 -18.65 -21.60 14.30
C THR A 254 -19.18 -21.35 15.70
N ARG A 255 -19.42 -20.07 16.02
CA ARG A 255 -20.14 -19.74 17.24
C ARG A 255 -21.63 -19.95 17.02
N PHE A 256 -22.32 -20.32 18.09
CA PHE A 256 -23.75 -20.57 18.03
C PHE A 256 -24.38 -20.21 19.36
N GLY A 257 -25.71 -20.30 19.39
CA GLY A 257 -26.45 -19.96 20.59
C GLY A 257 -27.64 -20.86 20.80
N CYS A 258 -27.84 -21.33 22.02
CA CYS A 258 -28.98 -22.16 22.35
C CYS A 258 -30.12 -21.29 22.85
N ARG A 259 -31.29 -21.45 22.27
CA ARG A 259 -32.42 -20.59 22.62
C ARG A 259 -33.67 -21.16 21.96
N THR A 260 -34.81 -20.81 22.55
CA THR A 260 -36.12 -21.10 21.99
C THR A 260 -36.93 -19.82 21.92
N PHE A 261 -37.91 -19.79 21.02
CA PHE A 261 -38.72 -18.60 20.83
C PHE A 261 -40.04 -19.00 20.18
N GLU A 262 -41.02 -18.13 20.32
CA GLU A 262 -42.33 -18.33 19.72
C GLU A 262 -42.92 -16.96 19.40
N ILE A 263 -43.61 -16.87 18.28
CA ILE A 263 -44.28 -15.64 17.87
C ILE A 263 -45.77 -15.84 18.12
N ASP A 264 -46.24 -15.34 19.26
CA ASP A 264 -47.63 -15.51 19.65
C ASP A 264 -48.50 -14.45 18.99
N PRO A 265 -49.60 -14.82 18.35
CA PRO A 265 -50.51 -13.81 17.80
C PRO A 265 -51.14 -12.92 18.85
N GLU A 266 -51.02 -13.26 20.13
CA GLU A 266 -51.56 -12.46 21.22
C GLU A 266 -50.48 -11.85 22.10
N ARG A 267 -49.55 -12.66 22.61
CA ARG A 267 -48.49 -12.18 23.49
C ARG A 267 -47.29 -11.64 22.74
N GLY A 268 -47.39 -11.46 21.41
CA GLY A 268 -46.25 -10.94 20.68
C GLY A 268 -45.09 -11.92 20.67
N PHE A 269 -43.88 -11.37 20.52
CA PHE A 269 -42.70 -12.20 20.49
C PHE A 269 -42.41 -12.78 21.87
N ILE A 270 -41.98 -14.04 21.90
CA ILE A 270 -41.65 -14.75 23.12
C ILE A 270 -40.26 -15.35 22.96
N LEU A 271 -39.38 -15.07 23.92
CA LEU A 271 -38.01 -15.57 23.88
C LEU A 271 -37.75 -16.40 25.13
N ASN A 272 -37.33 -17.65 24.92
CA ASN A 272 -36.90 -18.53 26.01
C ASN A 272 -37.96 -18.63 27.10
N GLY A 273 -39.23 -18.60 26.68
CA GLY A 273 -40.33 -18.82 27.61
C GLY A 273 -41.12 -17.58 27.96
N GLU A 274 -40.44 -16.44 28.11
CA GLU A 274 -41.09 -15.21 28.56
C GLU A 274 -41.09 -14.17 27.45
N GLU A 275 -42.11 -13.31 27.49
CA GLU A 275 -42.28 -12.30 26.45
C GLU A 275 -41.04 -11.42 26.35
N TYR A 276 -40.69 -11.07 25.11
CA TYR A 276 -39.50 -10.24 24.83
C TYR A 276 -39.84 -9.33 23.66
N PRO A 277 -40.54 -8.22 23.93
CA PRO A 277 -41.01 -7.36 22.84
C PRO A 277 -39.92 -6.95 21.87
N LEU A 278 -40.06 -7.37 20.61
CA LEU A 278 -39.14 -6.97 19.54
C LEU A 278 -39.60 -5.63 18.99
N ARG A 279 -38.90 -4.57 19.36
CA ARG A 279 -39.15 -3.24 18.82
C ARG A 279 -37.81 -2.65 18.41
N GLY A 280 -37.63 -2.44 17.11
CA GLY A 280 -36.36 -1.98 16.60
C GLY A 280 -36.48 -1.21 15.31
N VAL A 281 -35.47 -1.39 14.45
CA VAL A 281 -35.34 -0.62 13.22
C VAL A 281 -34.83 -1.56 12.13
N SER A 282 -34.55 -0.99 10.95
CA SER A 282 -33.90 -1.69 9.86
C SER A 282 -32.72 -0.86 9.36
N ARG A 283 -31.79 -1.52 8.69
CA ARG A 283 -30.57 -0.86 8.23
C ARG A 283 -30.16 -1.36 6.86
N HIS A 284 -29.81 -0.44 5.98
CA HIS A 284 -29.15 -0.77 4.73
C HIS A 284 -27.64 -0.83 4.94
N GLN A 285 -26.95 -1.48 4.01
CA GLN A 285 -25.52 -1.74 4.12
C GLN A 285 -24.67 -0.77 3.31
N ASP A 286 -25.02 0.52 3.32
CA ASP A 286 -24.27 1.52 2.58
C ASP A 286 -24.02 2.74 3.47
N ARG A 287 -23.01 3.51 3.09
CA ARG A 287 -22.68 4.75 3.77
C ARG A 287 -22.34 5.83 2.74
N TRP A 288 -22.50 7.07 3.16
CA TRP A 288 -22.27 8.19 2.25
C TRP A 288 -20.81 8.25 1.81
N GLY A 289 -20.60 8.30 0.49
CA GLY A 289 -19.30 8.51 -0.08
C GLY A 289 -18.57 7.25 -0.53
N ILE A 290 -18.89 6.10 0.06
CA ILE A 290 -18.21 4.86 -0.25
C ILE A 290 -19.15 3.79 -0.79
N GLY A 291 -20.37 4.17 -1.16
CA GLY A 291 -21.31 3.20 -1.68
C GLY A 291 -21.60 2.13 -0.63
N ASN A 292 -21.35 0.87 -0.99
CA ASN A 292 -21.53 -0.24 -0.08
C ASN A 292 -20.22 -0.97 0.22
N ALA A 293 -19.08 -0.41 -0.19
CA ALA A 293 -17.77 -1.00 0.10
C ALA A 293 -17.42 -0.70 1.56
N LEU A 294 -18.12 -1.39 2.46
CA LEU A 294 -18.02 -1.12 3.87
C LEU A 294 -16.82 -1.84 4.49
N LEU A 295 -16.20 -1.18 5.46
CA LEU A 295 -15.13 -1.74 6.27
C LEU A 295 -15.69 -2.24 7.60
N PRO A 296 -14.96 -3.12 8.28
CA PRO A 296 -15.44 -3.60 9.59
C PRO A 296 -15.82 -2.47 10.53
N GLU A 297 -15.02 -1.40 10.57
CA GLU A 297 -15.35 -0.26 11.43
C GLU A 297 -16.73 0.29 11.12
N HIS A 298 -17.08 0.37 9.83
CA HIS A 298 -18.39 0.90 9.46
C HIS A 298 -19.52 0.00 9.96
N HIS A 299 -19.30 -1.31 9.97
CA HIS A 299 -20.28 -2.22 10.57
C HIS A 299 -20.35 -2.04 12.08
N ARG A 300 -19.19 -1.92 12.72
CA ARG A 300 -19.17 -1.68 14.17
C ARG A 300 -19.90 -0.39 14.52
N GLU A 301 -19.58 0.70 13.80
CA GLU A 301 -20.22 1.98 14.09
C GLU A 301 -21.73 1.91 13.88
N ASP A 302 -22.18 1.13 12.90
CA ASP A 302 -23.61 1.01 12.66
C ASP A 302 -24.31 0.31 13.81
N ILE A 303 -23.73 -0.78 14.31
CA ILE A 303 -24.35 -1.53 15.38
C ILE A 303 -24.23 -0.79 16.71
N ASP A 304 -23.15 -0.04 16.90
CA ASP A 304 -23.01 0.77 18.11
C ASP A 304 -24.12 1.81 18.19
N LEU A 305 -24.43 2.48 17.08
CA LEU A 305 -25.45 3.52 17.08
C LEU A 305 -26.83 2.94 17.40
N ILE A 306 -27.12 1.74 16.91
CA ILE A 306 -28.41 1.13 17.20
C ILE A 306 -28.46 0.65 18.64
N CYS A 307 -27.35 0.11 19.15
CA CYS A 307 -27.30 -0.30 20.55
C CYS A 307 -27.56 0.89 21.47
N GLU A 308 -26.90 2.02 21.20
CA GLU A 308 -27.19 3.25 21.95
C GLU A 308 -28.68 3.54 21.92
N LEU A 309 -29.30 3.41 20.75
CA LEU A 309 -30.74 3.59 20.65
C LEU A 309 -31.49 2.56 21.49
N GLY A 310 -30.88 1.39 21.70
CA GLY A 310 -31.47 0.37 22.54
C GLY A 310 -32.50 -0.52 21.89
N ALA A 311 -32.47 -0.65 20.57
CA ALA A 311 -33.42 -1.53 19.89
C ALA A 311 -33.09 -2.99 20.16
N THR A 312 -34.13 -3.82 20.12
CA THR A 312 -33.96 -5.25 20.33
C THR A 312 -33.94 -6.05 19.03
N THR A 313 -34.38 -5.48 17.92
CA THR A 313 -34.42 -6.18 16.65
C THR A 313 -34.07 -5.22 15.53
N ILE A 314 -33.44 -5.76 14.49
CA ILE A 314 -33.16 -5.02 13.26
C ILE A 314 -33.65 -5.87 12.09
N ARG A 315 -34.26 -5.20 11.12
CA ARG A 315 -34.65 -5.85 9.86
C ARG A 315 -33.53 -5.59 8.85
N LEU A 316 -32.69 -6.61 8.64
CA LEU A 316 -31.58 -6.51 7.70
C LEU A 316 -32.09 -6.67 6.27
N ALA A 317 -32.76 -5.62 5.79
CA ALA A 317 -33.35 -5.59 4.46
C ALA A 317 -32.46 -4.81 3.50
N HIS A 318 -32.64 -5.08 2.20
CA HIS A 318 -33.58 -6.02 1.60
C HIS A 318 -32.85 -7.20 0.98
N TYR A 319 -31.92 -7.80 1.71
CA TYR A 319 -31.00 -8.76 1.10
C TYR A 319 -30.14 -9.36 2.21
N GLN A 320 -29.32 -10.33 1.83
CA GLN A 320 -28.33 -10.88 2.76
C GLN A 320 -27.25 -9.85 3.01
N HIS A 321 -26.86 -9.70 4.27
CA HIS A 321 -25.90 -8.69 4.69
C HIS A 321 -24.53 -9.33 4.87
N ASP A 322 -23.58 -8.53 5.36
CA ASP A 322 -22.22 -9.02 5.56
C ASP A 322 -22.18 -9.98 6.74
N GLN A 323 -21.32 -11.00 6.62
CA GLN A 323 -21.16 -11.97 7.70
C GLN A 323 -20.72 -11.30 9.00
N TYR A 324 -19.94 -10.22 8.91
CA TYR A 324 -19.47 -9.55 10.11
C TYR A 324 -20.63 -8.92 10.87
N PHE A 325 -21.54 -8.24 10.16
CA PHE A 325 -22.66 -7.61 10.84
C PHE A 325 -23.55 -8.63 11.51
N TYR A 326 -23.77 -9.77 10.86
CA TYR A 326 -24.51 -10.86 11.51
C TYR A 326 -23.79 -11.31 12.77
N ASP A 327 -22.47 -11.47 12.70
CA ASP A 327 -21.70 -11.86 13.87
C ASP A 327 -21.84 -10.81 14.99
N LEU A 328 -21.86 -9.53 14.62
CA LEU A 328 -22.03 -8.49 15.64
C LEU A 328 -23.38 -8.61 16.31
N CYS A 329 -24.43 -8.93 15.55
CA CYS A 329 -25.75 -9.11 16.13
C CYS A 329 -25.76 -10.27 17.12
N ASP A 330 -25.02 -11.34 16.81
CA ASP A 330 -24.96 -12.48 17.72
C ASP A 330 -24.29 -12.09 19.04
N GLU A 331 -23.30 -11.19 19.01
CA GLU A 331 -22.61 -10.80 20.23
C GLU A 331 -23.45 -9.84 21.07
N ARG A 332 -24.14 -8.91 20.43
CA ARG A 332 -24.93 -7.91 21.13
C ARG A 332 -26.33 -8.41 21.46
N GLY A 333 -26.68 -9.63 21.07
CA GLY A 333 -27.95 -10.22 21.47
C GLY A 333 -29.17 -9.68 20.75
N LEU A 334 -29.02 -9.20 19.53
CA LEU A 334 -30.14 -8.68 18.77
C LEU A 334 -30.82 -9.80 17.99
N VAL A 335 -32.14 -9.67 17.84
CA VAL A 335 -32.94 -10.58 17.03
C VAL A 335 -33.08 -9.97 15.64
N ILE A 336 -32.78 -10.77 14.62
CA ILE A 336 -32.60 -10.26 13.26
C ILE A 336 -33.62 -10.89 12.32
N TRP A 337 -34.14 -10.08 11.41
CA TRP A 337 -35.00 -10.51 10.31
C TRP A 337 -34.18 -10.38 9.03
N ALA A 338 -33.87 -11.51 8.41
CA ALA A 338 -33.17 -11.54 7.13
C ALA A 338 -34.15 -11.87 6.01
N GLU A 339 -33.76 -11.54 4.78
CA GLU A 339 -34.65 -11.72 3.64
C GLU A 339 -33.82 -11.68 2.36
N ILE A 340 -34.51 -11.86 1.24
CA ILE A 340 -33.88 -11.85 -0.08
C ILE A 340 -34.41 -10.67 -0.91
N PRO A 341 -33.72 -10.28 -1.98
CA PRO A 341 -34.09 -9.06 -2.72
C PRO A 341 -35.35 -9.21 -3.58
N TYR A 342 -36.18 -10.21 -3.27
CA TYR A 342 -37.46 -10.44 -3.92
C TYR A 342 -38.43 -9.32 -3.55
N ILE A 343 -38.43 -8.23 -4.32
CA ILE A 343 -39.04 -6.98 -3.90
C ILE A 343 -39.77 -6.32 -5.07
N SER A 344 -40.95 -5.79 -4.76
CA SER A 344 -41.73 -4.89 -5.61
C SER A 344 -42.48 -5.64 -6.70
N SER A 345 -41.78 -6.09 -7.73
CA SER A 345 -42.40 -6.71 -8.89
C SER A 345 -42.01 -8.18 -8.99
N HIS A 346 -42.97 -9.02 -9.33
CA HIS A 346 -42.74 -10.46 -9.48
C HIS A 346 -42.31 -10.72 -10.92
N MET A 347 -41.04 -11.01 -11.12
CA MET A 347 -40.56 -11.47 -12.41
C MET A 347 -40.78 -12.97 -12.52
N PRO A 348 -41.68 -13.42 -13.41
CA PRO A 348 -41.88 -14.87 -13.57
C PRO A 348 -40.58 -15.62 -13.83
N ASN A 349 -39.68 -15.03 -14.62
CA ASN A 349 -38.39 -15.64 -14.91
C ASN A 349 -37.39 -15.47 -13.77
N GLY A 350 -37.76 -14.79 -12.68
CA GLY A 350 -36.90 -14.63 -11.54
C GLY A 350 -36.99 -15.70 -10.48
N ARG A 351 -37.94 -16.63 -10.63
CA ARG A 351 -38.10 -17.69 -9.63
C ARG A 351 -36.79 -18.44 -9.40
N GLU A 352 -36.10 -18.79 -10.48
CA GLU A 352 -34.86 -19.54 -10.34
C GLU A 352 -33.86 -18.81 -9.46
N ASN A 353 -33.80 -17.49 -9.56
CA ASN A 353 -32.85 -16.72 -8.76
C ASN A 353 -33.29 -16.66 -7.30
N THR A 354 -34.59 -16.55 -7.04
CA THR A 354 -35.06 -16.52 -5.67
C THR A 354 -34.71 -17.81 -4.93
N ILE A 355 -34.79 -18.95 -5.61
CA ILE A 355 -34.44 -20.22 -4.98
C ILE A 355 -32.95 -20.25 -4.66
N SER A 356 -32.12 -19.84 -5.62
CA SER A 356 -30.68 -19.81 -5.38
C SER A 356 -30.34 -18.84 -4.25
N GLN A 357 -30.80 -17.59 -4.35
CA GLN A 357 -30.49 -16.61 -3.31
C GLN A 357 -31.06 -17.04 -1.97
N MET A 358 -32.27 -17.59 -1.96
CA MET A 358 -32.86 -18.06 -0.71
C MET A 358 -32.08 -19.24 -0.14
N LYS A 359 -31.69 -20.19 -1.00
CA LYS A 359 -30.84 -21.29 -0.55
C LYS A 359 -29.54 -20.75 0.06
N GLU A 360 -28.96 -19.73 -0.55
CA GLU A 360 -27.70 -19.18 -0.04
C GLU A 360 -27.91 -18.51 1.31
N LEU A 361 -29.01 -17.79 1.50
CA LEU A 361 -29.22 -17.06 2.73
C LEU A 361 -29.29 -17.99 3.94
N VAL A 362 -29.93 -19.16 3.78
CA VAL A 362 -30.12 -20.06 4.91
C VAL A 362 -28.86 -20.88 5.17
N VAL A 363 -28.29 -21.46 4.11
CA VAL A 363 -27.09 -22.30 4.28
C VAL A 363 -25.97 -21.50 4.94
N GLN A 364 -25.82 -20.23 4.57
CA GLN A 364 -24.70 -19.44 5.05
C GLN A 364 -24.95 -18.86 6.44
N ASN A 365 -26.21 -18.57 6.78
CA ASN A 365 -26.55 -17.91 8.03
C ASN A 365 -27.43 -18.76 8.92
N TYR A 366 -27.25 -20.08 8.87
CA TYR A 366 -28.04 -20.99 9.68
C TYR A 366 -27.60 -20.98 11.15
N ASN A 367 -26.32 -20.69 11.40
CA ASN A 367 -25.76 -20.79 12.75
C ASN A 367 -25.90 -19.51 13.57
N HIS A 368 -26.28 -18.41 12.94
CA HIS A 368 -26.40 -17.15 13.68
C HIS A 368 -27.60 -17.19 14.61
N PRO A 369 -27.40 -17.30 15.92
CA PRO A 369 -28.56 -17.31 16.84
C PRO A 369 -29.38 -16.04 16.78
N SER A 370 -28.85 -14.97 16.18
CA SER A 370 -29.57 -13.70 16.14
C SER A 370 -30.76 -13.75 15.20
N ILE A 371 -30.69 -14.58 14.14
CA ILE A 371 -31.76 -14.65 13.15
C ILE A 371 -32.85 -15.59 13.65
N VAL A 372 -34.11 -15.25 13.35
CA VAL A 372 -35.24 -16.04 13.82
C VAL A 372 -36.31 -16.19 12.73
N VAL A 373 -36.33 -15.26 11.77
CA VAL A 373 -37.31 -15.30 10.69
C VAL A 373 -36.58 -15.10 9.36
N TRP A 374 -36.99 -15.87 8.36
CA TRP A 374 -36.48 -15.74 7.00
C TRP A 374 -37.54 -15.07 6.14
N GLY A 375 -37.21 -13.90 5.60
CA GLY A 375 -38.14 -13.19 4.74
C GLY A 375 -38.16 -13.75 3.33
N LEU A 376 -39.33 -13.68 2.70
CA LEU A 376 -39.54 -14.18 1.35
C LEU A 376 -39.69 -13.09 0.31
N SER A 377 -40.37 -11.99 0.66
CA SER A 377 -40.60 -10.91 -0.30
C SER A 377 -40.82 -9.61 0.46
N ASN A 378 -40.92 -8.53 -0.28
CA ASN A 378 -41.20 -7.21 0.28
C ASN A 378 -42.05 -6.44 -0.73
N GLU A 379 -43.31 -6.22 -0.40
CA GLU A 379 -44.22 -5.45 -1.25
C GLU A 379 -44.26 -6.03 -2.66
N ILE A 380 -44.32 -7.36 -2.74
CA ILE A 380 -44.31 -8.05 -4.02
C ILE A 380 -45.58 -7.85 -4.83
N THR A 381 -46.61 -7.24 -4.25
CA THR A 381 -47.91 -7.11 -4.89
C THR A 381 -48.18 -5.69 -5.39
N MET A 382 -47.15 -4.85 -5.46
CA MET A 382 -47.30 -3.48 -5.94
C MET A 382 -48.11 -3.41 -7.22
N SER A 385 -52.14 -7.09 -7.73
CA SER A 385 -52.81 -8.24 -7.07
C SER A 385 -51.96 -9.50 -7.22
N SER A 386 -52.32 -10.57 -6.53
CA SER A 386 -51.51 -11.81 -6.57
C SER A 386 -51.87 -12.65 -7.79
N ASP A 387 -50.96 -13.51 -8.22
CA ASP A 387 -51.21 -14.41 -9.38
C ASP A 387 -50.65 -15.79 -9.04
N GLU A 388 -51.06 -16.82 -9.77
CA GLU A 388 -50.63 -18.19 -9.42
C GLU A 388 -49.11 -18.30 -9.47
N ASP A 389 -48.48 -17.63 -10.44
CA ASP A 389 -47.01 -17.65 -10.54
C ASP A 389 -46.43 -17.01 -9.28
N LEU A 390 -46.87 -15.80 -8.96
CA LEU A 390 -46.38 -15.22 -7.72
C LEU A 390 -46.70 -16.12 -6.53
N LEU A 391 -47.89 -16.72 -6.54
CA LEU A 391 -48.30 -17.57 -5.42
C LEU A 391 -47.51 -18.87 -5.39
N GLU A 392 -47.24 -19.46 -6.56
CA GLU A 392 -46.46 -20.69 -6.61
C GLU A 392 -44.99 -20.43 -6.28
N ASN A 393 -44.45 -19.29 -6.70
CA ASN A 393 -43.08 -18.93 -6.34
C ASN A 393 -42.93 -18.82 -4.82
N HIS A 394 -43.84 -18.10 -4.16
CA HIS A 394 -43.76 -17.93 -2.72
C HIS A 394 -44.00 -19.25 -1.99
N ARG A 395 -44.90 -20.08 -2.50
CA ARG A 395 -45.10 -21.40 -1.91
C ARG A 395 -43.83 -22.23 -2.02
N ILE A 396 -43.10 -22.09 -3.13
CA ILE A 396 -41.88 -22.86 -3.34
C ILE A 396 -40.83 -22.49 -2.31
N LEU A 397 -40.60 -21.19 -2.11
CA LEU A 397 -39.64 -20.74 -1.11
C LEU A 397 -40.05 -21.18 0.28
N ASN A 398 -41.32 -20.97 0.64
CA ASN A 398 -41.79 -21.32 1.97
C ASN A 398 -41.50 -22.78 2.30
N ASP A 399 -41.91 -23.69 1.42
CA ASP A 399 -41.63 -25.11 1.66
C ASP A 399 -40.14 -25.37 1.77
N MET A 400 -39.36 -24.83 0.83
CA MET A 400 -37.91 -25.02 0.87
C MET A 400 -37.33 -24.54 2.19
N VAL A 401 -37.70 -23.34 2.62
CA VAL A 401 -37.20 -22.81 3.87
C VAL A 401 -37.59 -23.72 5.03
N HIS A 402 -38.83 -24.23 5.02
CA HIS A 402 -39.30 -25.06 6.10
C HIS A 402 -38.59 -26.41 6.13
N GLU A 403 -38.25 -26.96 4.96
CA GLU A 403 -37.58 -28.25 4.90
C GLU A 403 -36.10 -28.15 5.27
N MET A 404 -35.49 -26.99 5.07
CA MET A 404 -34.07 -26.82 5.32
C MET A 404 -33.77 -26.44 6.77
N ASP A 405 -34.60 -25.59 7.36
CA ASP A 405 -34.39 -25.12 8.73
C ASP A 405 -35.71 -25.16 9.47
N HIS A 406 -35.85 -26.10 10.40
CA HIS A 406 -37.07 -26.27 11.17
C HIS A 406 -37.15 -25.36 12.39
N THR A 407 -36.07 -24.64 12.71
CA THR A 407 -36.00 -23.87 13.95
C THR A 407 -36.49 -22.44 13.81
N ARG A 408 -36.69 -21.94 12.59
CA ARG A 408 -37.08 -20.56 12.38
C ARG A 408 -38.44 -20.49 11.68
N LEU A 409 -38.98 -19.27 11.64
CA LEU A 409 -40.25 -18.99 10.99
C LEU A 409 -40.01 -18.16 9.74
N THR A 410 -40.93 -18.28 8.78
CA THR A 410 -40.92 -17.48 7.57
C THR A 410 -41.86 -16.29 7.72
N THR A 411 -41.57 -15.24 6.95
CA THR A 411 -42.38 -14.03 7.00
C THR A 411 -42.30 -13.33 5.65
N ILE A 412 -43.07 -12.24 5.53
CA ILE A 412 -43.09 -11.41 4.33
C ILE A 412 -43.47 -10.00 4.74
N ALA A 413 -43.13 -9.04 3.89
CA ALA A 413 -43.47 -7.63 4.10
C ALA A 413 -44.48 -7.21 3.05
N VAL A 414 -45.68 -6.87 3.50
CA VAL A 414 -46.79 -6.53 2.60
C VAL A 414 -46.80 -5.04 2.35
N VAL A 415 -47.06 -4.67 1.10
CA VAL A 415 -47.36 -3.28 0.79
C VAL A 415 -48.68 -2.91 1.47
N SER A 416 -48.79 -1.64 1.88
CA SER A 416 -49.93 -1.23 2.68
C SER A 416 -51.24 -1.27 1.90
N MET A 417 -51.18 -1.11 0.58
CA MET A 417 -52.40 -1.15 -0.23
C MET A 417 -52.95 -2.56 -0.36
N CYS A 418 -52.11 -3.58 -0.20
CA CYS A 418 -52.55 -4.96 -0.42
C CYS A 418 -53.79 -5.27 0.41
N ASP A 419 -54.81 -5.80 -0.28
CA ASP A 419 -56.02 -6.22 0.40
C ASP A 419 -55.71 -7.36 1.37
N ILE A 420 -56.19 -7.20 2.61
CA ILE A 420 -55.82 -8.14 3.67
C ILE A 420 -56.22 -9.57 3.32
N HIS A 421 -57.27 -9.74 2.52
CA HIS A 421 -57.76 -11.07 2.15
C HIS A 421 -57.01 -11.65 0.96
N ASP A 422 -55.87 -11.10 0.58
CA ASP A 422 -55.12 -11.65 -0.54
C ASP A 422 -54.59 -13.03 -0.19
N PRO A 423 -54.68 -13.99 -1.12
CA PRO A 423 -54.23 -15.36 -0.79
C PRO A 423 -52.78 -15.44 -0.40
N TYR A 424 -51.96 -14.48 -0.82
CA TYR A 424 -50.49 -14.57 -0.58
C TYR A 424 -50.14 -14.32 0.88
N ILE A 425 -50.97 -13.54 1.56
CA ILE A 425 -50.72 -13.27 2.98
C ILE A 425 -50.85 -14.51 3.85
N GLN A 426 -51.43 -15.60 3.33
CA GLN A 426 -51.70 -16.80 4.10
C GLN A 426 -50.60 -17.85 4.00
N ILE A 427 -49.57 -17.61 3.19
CA ILE A 427 -48.55 -18.63 2.93
C ILE A 427 -47.57 -18.74 4.08
N PRO A 428 -46.92 -17.65 4.49
CA PRO A 428 -45.87 -17.75 5.52
C PRO A 428 -46.44 -17.90 6.91
N ASP A 429 -45.54 -18.13 7.87
CA ASP A 429 -45.94 -18.31 9.26
C ASP A 429 -46.47 -17.01 9.85
N VAL A 430 -45.69 -15.94 9.76
CA VAL A 430 -46.09 -14.62 10.23
C VAL A 430 -46.04 -13.67 9.06
N ILE A 431 -46.57 -12.46 9.28
CA ILE A 431 -46.56 -11.41 8.26
C ILE A 431 -46.33 -10.06 8.93
N SER A 432 -45.96 -9.08 8.11
CA SER A 432 -45.80 -7.70 8.54
C SER A 432 -46.21 -6.79 7.41
N TYR A 433 -46.67 -5.60 7.76
CA TYR A 433 -47.15 -4.62 6.79
C TYR A 433 -46.25 -3.40 6.79
N ASN A 434 -46.07 -2.82 5.59
CA ASN A 434 -45.32 -1.57 5.43
C ASN A 434 -46.34 -0.44 5.30
N HIS A 435 -46.48 0.35 6.35
CA HIS A 435 -47.51 1.39 6.41
C HIS A 435 -46.85 2.74 6.60
N TYR A 436 -47.22 3.70 5.76
CA TYR A 436 -46.71 5.07 5.83
C TYR A 436 -47.85 6.05 6.03
N PHE A 437 -48.82 5.67 6.87
CA PHE A 437 -49.83 6.60 7.34
C PHE A 437 -49.16 7.69 8.16
N GLY A 438 -49.11 8.91 7.63
CA GLY A 438 -48.36 9.98 8.25
C GLY A 438 -47.25 10.53 7.40
N TRP A 439 -47.04 10.00 6.19
CA TRP A 439 -46.11 10.60 5.24
C TRP A 439 -46.65 10.52 3.83
N TYR A 440 -47.06 9.32 3.40
CA TYR A 440 -47.65 9.11 2.08
C TYR A 440 -49.16 9.28 2.08
N GLY A 441 -49.68 10.20 2.88
CA GLY A 441 -51.10 10.45 2.96
C GLY A 441 -51.67 10.05 4.32
N GLY A 442 -52.93 10.43 4.51
CA GLY A 442 -53.61 10.13 5.76
C GLY A 442 -52.97 10.80 6.96
N ASP A 443 -53.43 10.36 8.13
CA ASP A 443 -52.93 10.85 9.41
C ASP A 443 -52.17 9.74 10.12
N VAL A 444 -51.19 10.13 10.94
CA VAL A 444 -50.43 9.15 11.71
C VAL A 444 -51.33 8.38 12.65
N SER A 445 -52.47 8.98 13.04
CA SER A 445 -53.41 8.32 13.93
C SER A 445 -54.06 7.10 13.30
N MET A 446 -53.85 6.87 12.00
CA MET A 446 -54.51 5.77 11.29
C MET A 446 -53.89 4.42 11.59
N ASN A 447 -52.61 4.39 12.00
CA ASN A 447 -51.92 3.11 12.14
C ASN A 447 -52.53 2.26 13.25
N GLY A 448 -52.92 2.88 14.36
CA GLY A 448 -53.51 2.17 15.47
C GLY A 448 -54.74 1.38 15.07
N PRO A 449 -55.74 2.05 14.50
CA PRO A 449 -56.94 1.32 14.06
C PRO A 449 -56.66 0.28 13.00
N TRP A 450 -55.78 0.58 12.03
CA TRP A 450 -55.50 -0.36 10.97
C TRP A 450 -54.97 -1.68 11.53
N MET A 451 -53.94 -1.62 12.37
CA MET A 451 -53.41 -2.83 12.98
C MET A 451 -54.48 -3.55 13.78
N ASP A 452 -55.35 -2.79 14.46
CA ASP A 452 -56.46 -3.39 15.18
C ASP A 452 -57.38 -4.15 14.24
N ASN A 453 -57.76 -3.53 13.13
CA ASN A 453 -58.70 -4.14 12.20
C ASN A 453 -58.18 -5.48 11.70
N PHE A 454 -56.94 -5.51 11.22
CA PHE A 454 -56.38 -6.77 10.70
C PHE A 454 -56.42 -7.85 11.78
N HIS A 455 -55.85 -7.57 12.95
CA HIS A 455 -55.81 -8.56 14.02
C HIS A 455 -57.20 -9.07 14.38
N LYS A 456 -58.25 -8.31 14.09
CA LYS A 456 -59.61 -8.79 14.34
C LYS A 456 -60.00 -9.86 13.34
N GLU A 457 -59.67 -9.67 12.06
CA GLU A 457 -60.06 -10.62 11.03
C GLU A 457 -59.17 -11.86 11.03
N PHE A 458 -57.87 -11.69 11.26
CA PHE A 458 -56.90 -12.78 11.22
C PHE A 458 -56.19 -12.90 12.56
N PRO A 459 -56.92 -13.24 13.63
CA PRO A 459 -56.30 -13.28 14.96
C PRO A 459 -55.30 -14.40 15.15
N ASN A 460 -55.29 -15.41 14.28
CA ASN A 460 -54.37 -16.53 14.40
C ASN A 460 -53.05 -16.30 13.68
N ILE A 461 -52.92 -15.20 12.93
CA ILE A 461 -51.72 -14.90 12.15
C ILE A 461 -50.99 -13.76 12.85
N PRO A 462 -49.79 -14.01 13.38
CA PRO A 462 -49.05 -12.94 14.06
C PRO A 462 -48.73 -11.80 13.11
N LEU A 463 -49.24 -10.62 13.43
CA LEU A 463 -49.08 -9.44 12.58
C LEU A 463 -48.04 -8.50 13.18
N GLY A 464 -47.18 -7.97 12.32
CA GLY A 464 -46.18 -7.01 12.75
C GLY A 464 -46.06 -5.86 11.77
N MET A 465 -45.21 -4.91 12.15
CA MET A 465 -44.95 -3.73 11.29
C MET A 465 -43.51 -3.82 10.80
N SER A 466 -43.33 -4.23 9.56
CA SER A 466 -42.01 -4.36 8.97
C SER A 466 -41.41 -3.02 8.57
N GLU A 467 -42.24 -1.98 8.42
CA GLU A 467 -41.74 -0.70 7.97
C GLU A 467 -42.70 0.41 8.38
N TYR A 468 -42.13 1.59 8.63
CA TYR A 468 -42.88 2.81 8.87
C TYR A 468 -41.86 3.93 9.10
N GLY A 469 -42.12 5.11 8.54
CA GLY A 469 -41.13 6.17 8.66
C GLY A 469 -41.64 7.48 8.08
N CYS A 470 -40.81 8.51 8.28
CA CYS A 470 -41.10 9.85 7.82
C CYS A 470 -39.78 10.52 7.44
N GLU A 471 -39.80 11.29 6.36
CA GLU A 471 -38.59 11.93 5.87
C GLU A 471 -38.33 13.23 6.63
N ALA A 472 -37.05 13.53 6.86
CA ALA A 472 -36.67 14.72 7.60
C ALA A 472 -35.26 15.12 7.22
N LEU A 473 -35.05 16.42 7.00
CA LEU A 473 -33.75 16.95 6.66
C LEU A 473 -33.41 18.13 7.56
N ASN A 474 -32.65 19.10 7.06
CA ASN A 474 -32.28 20.29 7.83
C ASN A 474 -33.34 21.38 7.70
N TRP A 475 -34.61 21.01 7.86
CA TRP A 475 -35.72 21.93 7.76
C TRP A 475 -36.46 21.98 9.09
N HIS A 476 -36.93 23.17 9.46
CA HIS A 476 -37.52 23.37 10.77
C HIS A 476 -38.69 24.35 10.68
N THR A 477 -39.64 24.19 11.60
CA THR A 477 -40.85 25.00 11.61
C THR A 477 -41.51 24.88 12.97
N SER A 478 -42.40 25.83 13.25
CA SER A 478 -43.27 25.76 14.41
C SER A 478 -44.63 25.16 14.08
N ASP A 479 -44.92 24.91 12.81
CA ASP A 479 -46.18 24.33 12.35
C ASP A 479 -45.89 23.06 11.56
N PRO A 480 -45.49 21.98 12.24
CA PRO A 480 -45.12 20.76 11.51
C PRO A 480 -46.30 20.17 10.76
N LYS A 481 -46.09 19.88 9.48
CA LYS A 481 -47.14 19.33 8.63
C LYS A 481 -46.53 18.35 7.64
N GLN A 482 -47.20 17.21 7.46
CA GLN A 482 -46.85 16.23 6.42
C GLN A 482 -46.47 16.94 5.13
N GLY A 483 -45.21 16.84 4.72
CA GLY A 483 -44.76 17.40 3.46
C GLY A 483 -43.75 18.53 3.60
N ASP A 484 -43.45 18.97 4.81
CA ASP A 484 -42.43 20.00 5.02
C ASP A 484 -41.03 19.41 5.13
N TYR A 485 -40.91 18.09 5.27
CA TYR A 485 -39.62 17.41 5.39
C TYR A 485 -38.83 17.90 6.60
N THR A 486 -39.50 18.56 7.55
CA THR A 486 -38.82 19.15 8.68
C THR A 486 -38.54 18.11 9.76
N GLU A 487 -37.47 18.34 10.52
CA GLU A 487 -37.14 17.46 11.64
C GLU A 487 -38.24 17.43 12.68
N GLU A 488 -39.07 18.47 12.76
CA GLU A 488 -40.11 18.52 13.80
C GLU A 488 -41.23 17.53 13.51
N TYR A 489 -41.74 17.52 12.27
CA TYR A 489 -42.81 16.60 11.95
C TYR A 489 -42.35 15.15 12.00
N GLN A 490 -41.10 14.89 11.60
CA GLN A 490 -40.57 13.54 11.73
C GLN A 490 -40.54 13.09 13.19
N ALA A 491 -40.38 14.03 14.11
CA ALA A 491 -40.46 13.69 15.53
C ALA A 491 -41.91 13.51 15.98
N TYR A 492 -42.79 14.43 15.58
CA TYR A 492 -44.21 14.26 15.86
C TYR A 492 -44.71 12.92 15.35
N TYR A 493 -44.45 12.62 14.07
CA TYR A 493 -44.86 11.35 13.50
C TYR A 493 -44.39 10.18 14.36
N HIS A 494 -43.09 10.13 14.66
CA HIS A 494 -42.55 9.00 15.39
C HIS A 494 -43.05 8.97 16.83
N GLU A 495 -43.23 10.13 17.45
CA GLU A 495 -43.82 10.16 18.79
C GLU A 495 -45.16 9.43 18.81
N GLU A 496 -46.07 9.82 17.91
CA GLU A 496 -47.39 9.20 17.86
C GLU A 496 -47.32 7.74 17.44
N MET A 497 -46.33 7.37 16.63
CA MET A 497 -46.21 5.98 16.20
C MET A 497 -45.81 5.08 17.36
N ILE A 498 -44.89 5.54 18.21
CA ILE A 498 -44.52 4.75 19.39
C ILE A 498 -45.73 4.57 20.31
N LYS A 499 -46.42 5.67 20.63
CA LYS A 499 -47.60 5.59 21.47
C LYS A 499 -48.61 4.58 20.96
N GLN A 500 -48.71 4.43 19.63
CA GLN A 500 -49.61 3.46 19.01
C GLN A 500 -49.02 2.07 18.95
N LEU A 501 -47.75 1.93 18.56
CA LEU A 501 -47.18 0.62 18.29
C LEU A 501 -46.63 -0.02 19.56
N PHE A 502 -45.85 0.72 20.34
CA PHE A 502 -45.18 0.15 21.50
C PHE A 502 -46.15 -0.24 22.61
N THR A 503 -47.41 0.16 22.52
CA THR A 503 -48.41 -0.17 23.53
C THR A 503 -49.30 -1.34 23.13
N ARG A 504 -49.12 -1.89 21.93
CA ARG A 504 -49.92 -2.99 21.43
C ARG A 504 -49.04 -4.24 21.41
N LYS A 505 -49.22 -5.11 22.40
CA LYS A 505 -48.35 -6.28 22.54
C LYS A 505 -48.52 -7.29 21.41
N TYR A 506 -49.67 -7.31 20.73
CA TYR A 506 -49.86 -8.29 19.68
C TYR A 506 -49.00 -8.03 18.46
N ILE A 507 -48.51 -6.79 18.28
CA ILE A 507 -47.55 -6.51 17.22
C ILE A 507 -46.25 -7.22 17.57
N TRP A 508 -45.96 -8.32 16.87
CA TRP A 508 -44.82 -9.15 17.24
C TRP A 508 -43.48 -8.48 16.94
N ALA A 509 -43.45 -7.41 16.16
CA ALA A 509 -42.19 -6.72 15.90
C ALA A 509 -42.47 -5.46 15.09
N THR A 510 -41.73 -4.40 15.40
CA THR A 510 -41.76 -3.16 14.65
C THR A 510 -40.36 -2.84 14.15
N HIS A 511 -40.29 -2.25 12.96
CA HIS A 511 -39.01 -1.93 12.32
C HIS A 511 -39.09 -0.51 11.76
N VAL A 512 -38.52 0.45 12.49
CA VAL A 512 -38.48 1.82 12.02
C VAL A 512 -37.73 1.87 10.70
N TRP A 513 -38.33 2.52 9.71
CA TRP A 513 -37.71 2.72 8.41
C TRP A 513 -37.38 4.20 8.27
N ASN A 514 -36.09 4.52 8.27
CA ASN A 514 -34.98 3.59 8.42
C ASN A 514 -34.06 4.09 9.53
N MET A 515 -33.17 3.22 10.02
CA MET A 515 -32.21 3.65 11.04
C MET A 515 -31.33 4.77 10.52
N PHE A 516 -30.74 4.58 9.34
CA PHE A 516 -29.89 5.59 8.71
C PHE A 516 -30.47 5.96 7.35
N ASP A 517 -30.17 7.18 6.92
CA ASP A 517 -30.42 7.54 5.53
C ASP A 517 -29.60 6.66 4.62
N PHE A 518 -30.12 6.47 3.41
CA PHE A 518 -29.46 5.54 2.48
C PHE A 518 -29.45 6.09 1.06
N GLY A 519 -28.78 5.37 0.18
CA GLY A 519 -28.67 5.79 -1.21
C GLY A 519 -29.79 5.23 -2.07
N ALA A 520 -30.51 6.13 -2.75
CA ALA A 520 -31.59 5.78 -3.67
C ALA A 520 -31.50 6.76 -4.85
N ASP A 521 -30.61 6.46 -5.78
CA ASP A 521 -30.28 7.40 -6.85
C ASP A 521 -31.50 7.89 -7.60
N ALA A 522 -32.60 7.14 -7.61
CA ALA A 522 -33.80 7.56 -8.32
C ALA A 522 -34.57 8.65 -7.59
N ARG A 523 -34.31 8.84 -6.31
CA ARG A 523 -35.01 9.86 -5.54
C ARG A 523 -34.50 11.25 -5.88
N ASN A 524 -35.39 12.23 -5.83
CA ASN A 524 -35.08 13.62 -6.15
C ASN A 524 -35.98 14.53 -5.32
N GLU A 525 -35.91 14.41 -3.99
CA GLU A 525 -36.79 15.18 -3.12
C GLU A 525 -36.04 15.61 -1.87
N GLY A 526 -36.63 16.58 -1.16
CA GLY A 526 -36.10 17.05 0.10
C GLY A 526 -35.04 18.13 0.01
N GLY A 527 -34.48 18.36 -1.19
CA GLY A 527 -33.38 19.28 -1.36
C GLY A 527 -32.02 18.61 -1.47
N GLU A 528 -31.94 17.31 -1.21
CA GLU A 528 -30.71 16.53 -1.35
C GLU A 528 -31.09 15.28 -2.16
N ASN A 529 -30.77 15.30 -3.45
CA ASN A 529 -31.23 14.25 -4.34
C ASN A 529 -30.36 12.99 -4.19
N GLY A 530 -30.86 11.89 -4.74
CA GLY A 530 -30.19 10.62 -4.67
C GLY A 530 -30.25 9.93 -3.32
N GLN A 531 -31.11 10.38 -2.42
CA GLN A 531 -31.19 9.81 -1.08
C GLN A 531 -32.63 9.76 -0.61
N ASN A 532 -32.92 8.77 0.23
CA ASN A 532 -34.13 8.75 1.05
C ASN A 532 -33.73 9.17 2.46
N HIS A 533 -34.35 10.25 2.95
CA HIS A 533 -34.01 10.83 4.24
C HIS A 533 -34.98 10.40 5.33
N LYS A 534 -35.41 9.14 5.30
CA LYS A 534 -36.32 8.62 6.30
C LYS A 534 -35.60 8.10 7.55
N GLY A 535 -34.26 8.15 7.56
CA GLY A 535 -33.52 7.57 8.66
C GLY A 535 -33.55 8.42 9.91
N LEU A 536 -33.24 7.76 11.04
CA LEU A 536 -33.07 8.47 12.30
C LEU A 536 -31.70 9.12 12.39
N VAL A 537 -30.70 8.55 11.71
CA VAL A 537 -29.36 9.11 11.65
C VAL A 537 -29.06 9.45 10.20
N THR A 538 -28.29 10.51 10.00
CA THR A 538 -27.99 10.99 8.67
C THR A 538 -27.16 9.96 7.89
N PHE A 539 -27.08 10.17 6.58
CA PHE A 539 -26.40 9.21 5.71
C PHE A 539 -24.95 8.99 6.13
N ASP A 540 -24.26 10.06 6.52
CA ASP A 540 -22.87 9.94 6.97
C ASP A 540 -22.77 9.45 8.41
N ARG A 541 -23.89 9.16 9.06
CA ARG A 541 -23.89 8.69 10.46
C ARG A 541 -23.24 9.72 11.39
N LYS A 542 -23.28 10.99 11.02
CA LYS A 542 -22.67 12.04 11.84
C LYS A 542 -23.68 12.75 12.73
N TYR A 543 -24.95 12.75 12.39
CA TYR A 543 -25.96 13.48 13.14
C TYR A 543 -27.13 12.55 13.46
N LYS A 544 -27.39 12.35 14.74
CA LYS A 544 -28.59 11.63 15.18
C LYS A 544 -29.75 12.59 15.23
N LYS A 545 -30.79 12.33 14.44
CA LYS A 545 -31.94 13.21 14.39
C LYS A 545 -32.70 13.19 15.72
N ASP A 546 -33.46 14.25 15.96
CA ASP A 546 -34.27 14.34 17.17
C ASP A 546 -35.11 13.07 17.37
N SER A 547 -35.67 12.55 16.28
CA SER A 547 -36.46 11.32 16.38
C SER A 547 -35.65 10.15 16.92
N PHE A 548 -34.33 10.18 16.74
CA PHE A 548 -33.48 9.15 17.32
C PHE A 548 -33.67 9.07 18.82
N TYR A 549 -33.84 10.22 19.47
CA TYR A 549 -33.96 10.26 20.93
C TYR A 549 -35.36 9.95 21.41
N ALA A 550 -36.37 10.05 20.53
CA ALA A 550 -37.71 9.60 20.91
C ALA A 550 -37.73 8.11 21.20
N TYR A 551 -36.94 7.34 20.44
CA TYR A 551 -36.86 5.90 20.67
C TYR A 551 -35.92 5.56 21.82
N LYS A 552 -34.77 6.25 21.90
CA LYS A 552 -33.87 6.04 23.02
C LYS A 552 -34.59 6.16 24.36
N ALA A 553 -35.63 7.00 24.42
CA ALA A 553 -36.35 7.18 25.68
C ALA A 553 -37.14 5.93 26.06
N TRP A 554 -37.51 5.10 25.09
CA TRP A 554 -38.35 3.93 25.36
C TRP A 554 -37.57 2.63 25.43
N LEU A 555 -36.35 2.58 24.90
CA LEU A 555 -35.63 1.32 24.76
C LEU A 555 -34.27 1.29 25.44
N SER A 556 -33.69 2.43 25.76
CA SER A 556 -32.37 2.48 26.36
C SER A 556 -32.47 2.74 27.86
N ASP A 557 -31.74 1.96 28.64
CA ASP A 557 -31.61 2.18 30.07
C ASP A 557 -30.51 3.19 30.40
N GLU A 558 -29.76 3.63 29.41
CA GLU A 558 -28.76 4.70 29.59
C GLU A 558 -29.44 6.00 29.98
N PRO A 559 -29.26 6.51 31.20
CA PRO A 559 -29.92 7.77 31.58
C PRO A 559 -29.47 8.91 30.69
N PHE A 560 -30.43 9.69 30.20
CA PHE A 560 -30.13 10.77 29.28
C PHE A 560 -31.29 11.75 29.28
N VAL A 561 -31.03 12.93 28.70
CA VAL A 561 -32.04 13.97 28.52
C VAL A 561 -31.68 14.74 27.26
N HIS A 562 -32.63 14.84 26.33
CA HIS A 562 -32.39 15.47 25.03
C HIS A 562 -33.35 16.62 24.81
N LEU A 563 -32.83 17.74 24.34
CA LEU A 563 -33.62 18.91 23.99
C LEU A 563 -33.85 18.91 22.48
N CYS A 564 -35.11 18.84 22.06
CA CYS A 564 -35.44 18.81 20.65
C CYS A 564 -35.45 20.21 20.06
N GLY A 565 -34.98 20.32 18.82
CA GLY A 565 -35.01 21.59 18.12
C GLY A 565 -33.83 22.50 18.35
N LYS A 566 -32.66 21.95 18.69
CA LYS A 566 -31.48 22.78 18.88
C LYS A 566 -31.12 23.56 17.62
N ARG A 567 -31.47 23.04 16.45
CA ARG A 567 -31.14 23.64 15.17
C ARG A 567 -32.26 24.53 14.63
N TYR A 568 -33.34 24.71 15.40
CA TYR A 568 -34.40 25.68 15.09
C TYR A 568 -34.32 26.77 16.15
N VAL A 569 -33.45 27.74 15.92
CA VAL A 569 -33.16 28.77 16.91
C VAL A 569 -34.04 30.00 16.71
N ASP A 570 -34.06 30.54 15.49
CA ASP A 570 -34.84 31.75 15.20
C ASP A 570 -36.32 31.39 15.11
N ARG A 571 -37.11 31.90 16.04
CA ARG A 571 -38.55 31.65 16.08
C ARG A 571 -39.29 32.97 16.20
N VAL A 572 -40.51 32.99 15.68
CA VAL A 572 -41.25 34.24 15.52
C VAL A 572 -42.27 34.41 16.63
N GLU A 573 -42.78 33.30 17.17
CA GLU A 573 -43.84 33.37 18.16
C GLU A 573 -43.35 34.02 19.45
N ASP A 574 -44.32 34.55 20.22
CA ASP A 574 -44.03 35.08 21.55
C ASP A 574 -44.00 33.98 22.60
N THR A 575 -44.61 32.83 22.33
CA THR A 575 -44.55 31.67 23.20
C THR A 575 -44.18 30.46 22.35
N THR A 576 -43.10 29.76 22.71
CA THR A 576 -42.57 28.67 21.93
C THR A 576 -42.71 27.36 22.69
N LYS A 577 -42.81 26.27 21.93
CA LYS A 577 -42.92 24.92 22.49
C LYS A 577 -41.53 24.28 22.53
N VAL A 578 -41.21 23.67 23.65
CA VAL A 578 -39.93 23.00 23.86
C VAL A 578 -40.20 21.54 24.19
N THR A 579 -39.66 20.64 23.38
CA THR A 579 -39.84 19.20 23.58
C THR A 579 -38.57 18.59 24.14
N VAL A 580 -38.73 17.71 25.13
CA VAL A 580 -37.62 17.03 25.79
C VAL A 580 -37.96 15.55 25.90
N TYR A 581 -37.07 14.71 25.40
CA TYR A 581 -37.16 13.28 25.60
C TYR A 581 -36.24 12.86 26.74
N SER A 582 -36.67 11.86 27.49
CA SER A 582 -35.84 11.32 28.57
C SER A 582 -36.52 10.09 29.14
N ASN A 583 -35.71 9.07 29.45
CA ASN A 583 -36.19 7.87 30.12
C ASN A 583 -36.28 8.05 31.62
N LEU A 584 -36.10 9.26 32.12
CA LEU A 584 -36.20 9.58 33.54
C LEU A 584 -37.59 10.13 33.86
N PRO A 585 -38.00 10.03 35.14
CA PRO A 585 -39.40 10.35 35.45
C PRO A 585 -39.75 11.83 35.35
N GLU A 586 -38.86 12.73 35.78
CA GLU A 586 -39.18 14.14 35.84
C GLU A 586 -38.11 14.97 35.15
N VAL A 587 -38.53 16.06 34.51
CA VAL A 587 -37.64 16.95 33.78
C VAL A 587 -38.06 18.38 34.04
N GLU A 588 -37.14 19.21 34.51
CA GLU A 588 -37.40 20.62 34.75
C GLU A 588 -36.68 21.46 33.70
N LEU A 589 -37.38 22.47 33.17
CA LEU A 589 -36.87 23.29 32.09
C LEU A 589 -36.55 24.69 32.63
N PHE A 590 -35.34 25.17 32.35
CA PHE A 590 -34.86 26.46 32.82
C PHE A 590 -34.65 27.37 31.62
N VAL A 591 -35.34 28.50 31.60
CA VAL A 591 -35.19 29.50 30.56
C VAL A 591 -34.36 30.64 31.12
N ASN A 592 -33.11 30.73 30.66
CA ASN A 592 -32.17 31.76 31.14
C ASN A 592 -32.09 31.76 32.65
N GLY A 593 -31.91 30.57 33.22
CA GLY A 593 -31.78 30.38 34.66
C GLY A 593 -33.06 30.17 35.43
N LYS A 594 -34.09 30.96 35.12
CA LYS A 594 -35.35 30.86 35.83
C LYS A 594 -36.11 29.61 35.40
N SER A 595 -36.73 28.94 36.37
CA SER A 595 -37.44 27.70 36.12
C SER A 595 -38.80 27.99 35.49
N ALA A 596 -39.13 27.26 34.42
CA ALA A 596 -40.43 27.34 33.78
C ALA A 596 -41.38 26.23 34.22
N GLY A 597 -40.98 25.43 35.19
CA GLY A 597 -41.81 24.37 35.72
C GLY A 597 -41.17 23.00 35.55
N LYS A 598 -41.77 22.03 36.26
CA LYS A 598 -41.39 20.63 36.15
C LYS A 598 -42.47 19.87 35.37
N LEU A 599 -42.09 18.72 34.85
CA LEU A 599 -42.98 17.93 34.01
C LEU A 599 -42.68 16.46 34.18
N GLN A 600 -43.74 15.67 34.33
CA GLN A 600 -43.64 14.21 34.34
C GLN A 600 -44.41 13.68 33.13
N ALA A 601 -43.85 12.65 32.50
CA ALA A 601 -44.45 12.10 31.28
C ALA A 601 -44.18 10.61 31.23
N GLU A 602 -45.25 9.82 31.35
CA GLU A 602 -45.12 8.38 31.19
C GLU A 602 -44.59 8.02 29.81
N ASP A 603 -45.07 8.70 28.77
CA ASP A 603 -44.65 8.44 27.40
C ASP A 603 -43.29 9.05 27.06
N HIS A 604 -42.53 9.49 28.05
CA HIS A 604 -41.18 10.01 27.89
C HIS A 604 -41.12 11.22 26.97
N PHE A 605 -42.26 11.79 26.59
CA PHE A 605 -42.31 12.95 25.71
C PHE A 605 -42.74 14.15 26.56
N PHE A 606 -41.76 14.97 26.95
CA PHE A 606 -42.00 16.12 27.80
C PHE A 606 -42.16 17.36 26.92
N HIS A 607 -43.37 17.91 26.90
CA HIS A 607 -43.71 19.06 26.07
C HIS A 607 -43.92 20.28 26.96
N PHE A 608 -42.95 21.19 26.95
CA PHE A 608 -43.02 22.41 27.74
C PHE A 608 -43.47 23.59 26.88
N GLU A 609 -43.82 24.68 27.55
CA GLU A 609 -44.14 25.94 26.91
C GLU A 609 -43.28 27.03 27.53
N VAL A 610 -42.73 27.90 26.69
CA VAL A 610 -41.75 28.89 27.15
C VAL A 610 -41.98 30.21 26.41
N PRO A 611 -41.73 31.31 27.11
CA PRO A 611 -41.73 32.61 26.44
C PRO A 611 -40.49 32.77 25.57
N ASN A 612 -40.68 33.32 24.37
CA ASN A 612 -39.60 33.57 23.43
C ASN A 612 -39.29 35.06 23.46
N VAL A 613 -38.43 35.46 24.39
CA VAL A 613 -38.04 36.85 24.58
C VAL A 613 -36.53 36.95 24.41
N GLY A 614 -36.09 37.68 23.39
CA GLY A 614 -34.67 37.84 23.13
C GLY A 614 -33.93 36.52 23.01
N GLU A 615 -32.62 36.56 23.18
CA GLU A 615 -31.79 35.36 23.10
C GLU A 615 -31.93 34.58 24.41
N SER A 616 -32.79 33.57 24.41
CA SER A 616 -33.01 32.73 25.57
C SER A 616 -32.18 31.46 25.47
N THR A 617 -31.62 31.03 26.60
CA THR A 617 -30.88 29.80 26.71
C THR A 617 -31.68 28.82 27.55
N LEU A 618 -32.04 27.69 26.95
CA LEU A 618 -32.85 26.67 27.62
C LEU A 618 -31.96 25.57 28.15
N VAL A 619 -32.35 25.02 29.31
CA VAL A 619 -31.60 23.96 29.97
C VAL A 619 -32.59 22.95 30.52
N ALA A 620 -32.43 21.69 30.13
CA ALA A 620 -33.26 20.61 30.63
C ALA A 620 -32.48 19.83 31.69
N VAL A 621 -33.11 19.61 32.83
CA VAL A 621 -32.47 18.94 33.96
C VAL A 621 -33.34 17.75 34.37
N ALA A 622 -32.71 16.57 34.45
CA ALA A 622 -33.33 15.38 35.00
C ALA A 622 -32.40 14.84 36.09
N GLY A 623 -32.35 15.56 37.22
CA GLY A 623 -31.42 15.21 38.28
C GLY A 623 -30.02 15.68 37.99
N GLU A 624 -29.12 14.74 37.71
CA GLU A 624 -27.72 15.06 37.43
C GLU A 624 -27.42 15.18 35.95
N TYR A 625 -28.34 14.80 35.08
CA TYR A 625 -28.16 14.91 33.64
C TYR A 625 -28.85 16.15 33.12
N LYS A 626 -28.19 16.86 32.21
CA LYS A 626 -28.72 18.10 31.66
C LYS A 626 -28.50 18.14 30.16
N ASP A 627 -29.28 18.99 29.50
CA ASP A 627 -29.12 19.28 28.08
C ASP A 627 -29.33 20.77 27.86
N GLU A 628 -28.64 21.32 26.88
CA GLU A 628 -28.64 22.75 26.61
C GLU A 628 -29.14 23.03 25.20
N SER A 629 -29.83 24.17 25.05
CA SER A 629 -30.33 24.59 23.76
C SER A 629 -30.42 26.12 23.75
N HIS A 630 -30.48 26.68 22.55
CA HIS A 630 -30.54 28.13 22.37
C HIS A 630 -31.65 28.48 21.40
N ILE A 631 -32.32 29.59 21.68
CA ILE A 631 -33.39 30.11 20.82
C ILE A 631 -33.35 31.63 20.90
N ARG A 632 -34.01 32.27 19.95
CA ARG A 632 -34.08 33.73 19.95
C ARG A 632 -35.30 34.18 19.16
N LYS A 633 -35.99 35.19 19.69
CA LYS A 633 -37.18 35.71 19.05
C LYS A 633 -36.81 36.64 17.91
N VAL A 634 -37.49 36.47 16.76
CA VAL A 634 -37.27 37.29 15.59
C VAL A 634 -38.63 37.77 15.08
N ASP A 635 -38.60 38.59 14.03
CA ASP A 635 -39.81 39.20 13.50
C ASP A 635 -40.43 38.40 12.37
N THR A 636 -39.62 37.75 11.53
CA THR A 636 -40.12 36.96 10.43
C THR A 636 -39.42 35.60 10.41
N PHE A 637 -40.12 34.60 9.89
CA PHE A 637 -39.58 33.25 9.80
C PHE A 637 -38.31 33.24 8.96
N ASN A 638 -37.23 32.71 9.54
CA ASN A 638 -35.97 32.53 8.81
C ASN A 638 -36.21 31.48 7.73
N GLU A 639 -36.30 31.94 6.47
CA GLU A 639 -36.63 31.05 5.36
C GLU A 639 -35.52 30.07 5.02
N GLU A 640 -34.38 30.12 5.71
CA GLU A 640 -33.39 29.06 5.56
C GLU A 640 -33.82 27.78 6.26
N TYR A 641 -34.90 27.82 7.03
CA TYR A 641 -35.48 26.63 7.65
C TYR A 641 -36.47 25.91 6.76
N SER A 642 -37.04 26.62 5.77
CA SER A 642 -38.16 26.10 4.99
C SER A 642 -37.67 25.57 3.64
N LEU A 643 -38.22 24.43 3.24
CA LEU A 643 -37.92 23.84 1.93
C LEU A 643 -38.71 24.55 0.83
N LYS A 644 -38.54 25.86 0.77
CA LYS A 644 -39.22 26.69 -0.23
C LYS A 644 -38.88 26.26 -1.64
N MET B 1 -8.55 -38.91 -38.89
CA MET B 1 -9.56 -39.89 -38.52
C MET B 1 -10.61 -39.22 -37.65
N ARG B 2 -10.95 -37.98 -37.97
CA ARG B 2 -11.93 -37.22 -37.20
C ARG B 2 -13.35 -37.69 -37.51
N GLU B 3 -14.23 -37.65 -36.50
CA GLU B 3 -15.61 -38.12 -36.65
C GLU B 3 -16.56 -37.08 -36.05
N VAL B 4 -17.73 -36.96 -36.68
CA VAL B 4 -18.82 -36.08 -36.23
C VAL B 4 -20.05 -36.96 -36.02
N ILE B 5 -20.43 -37.16 -34.74
CA ILE B 5 -21.58 -37.99 -34.34
C ILE B 5 -22.80 -37.12 -34.10
N ASN B 6 -23.97 -37.60 -34.50
CA ASN B 6 -25.21 -36.88 -34.25
C ASN B 6 -25.74 -37.19 -32.85
N PHE B 7 -26.51 -36.24 -32.31
CA PHE B 7 -26.95 -36.32 -30.92
C PHE B 7 -28.33 -35.68 -30.78
N ASN B 8 -29.17 -35.80 -31.80
CA ASN B 8 -30.45 -35.04 -31.78
C ASN B 8 -31.64 -35.91 -31.42
N THR B 9 -31.44 -37.19 -31.19
CA THR B 9 -32.60 -38.08 -30.96
C THR B 9 -33.05 -38.05 -29.50
N LYS B 10 -34.34 -38.23 -29.25
CA LYS B 10 -34.90 -38.33 -27.87
C LYS B 10 -34.17 -37.46 -26.85
N TRP B 11 -34.68 -36.26 -26.61
CA TRP B 11 -34.13 -35.38 -25.57
C TRP B 11 -35.30 -35.06 -24.64
N ALA B 12 -35.09 -35.10 -23.33
CA ALA B 12 -36.18 -34.70 -22.41
C ALA B 12 -36.25 -33.18 -22.32
N PHE B 13 -37.45 -32.61 -22.35
CA PHE B 13 -37.59 -31.13 -22.35
C PHE B 13 -38.59 -30.71 -21.29
N THR B 14 -38.37 -29.54 -20.69
CA THR B 14 -39.34 -29.00 -19.71
C THR B 14 -39.23 -27.48 -19.70
N LYS B 15 -40.32 -26.80 -19.38
CA LYS B 15 -40.30 -25.33 -19.23
C LYS B 15 -40.62 -25.04 -17.77
N GLU B 16 -40.70 -26.09 -16.95
CA GLU B 16 -41.13 -25.90 -15.54
C GLU B 16 -40.03 -26.38 -14.58
N ALA B 17 -38.82 -26.63 -15.08
CA ALA B 17 -37.71 -26.98 -14.16
C ALA B 17 -37.04 -25.71 -13.68
N THR B 18 -36.52 -25.71 -12.46
CA THR B 18 -35.85 -24.52 -11.89
C THR B 18 -34.51 -24.97 -11.31
N GLU B 19 -33.95 -26.05 -11.84
CA GLU B 19 -32.67 -26.58 -11.32
C GLU B 19 -32.23 -27.75 -12.21
N VAL B 20 -30.93 -27.85 -12.49
CA VAL B 20 -30.43 -28.91 -13.40
C VAL B 20 -30.68 -30.25 -12.73
N PRO B 21 -31.30 -31.22 -13.42
CA PRO B 21 -31.59 -32.52 -12.84
C PRO B 21 -30.31 -33.28 -12.48
N LYS B 22 -30.30 -33.94 -11.33
CA LYS B 22 -29.13 -34.76 -10.92
C LYS B 22 -29.36 -36.19 -11.39
N GLU B 23 -30.56 -36.48 -11.88
CA GLU B 23 -30.87 -37.82 -12.41
C GLU B 23 -31.72 -37.64 -13.67
N MET B 24 -31.50 -38.46 -14.70
CA MET B 24 -32.23 -38.28 -15.97
C MET B 24 -33.72 -38.18 -15.69
N PRO B 25 -34.36 -37.05 -16.06
CA PRO B 25 -35.79 -36.89 -15.86
C PRO B 25 -36.58 -38.05 -16.47
N GLU B 26 -37.78 -38.31 -15.94
CA GLU B 26 -38.57 -39.48 -16.42
C GLU B 26 -40.01 -39.05 -16.73
N LYS B 27 -40.34 -37.79 -16.49
CA LYS B 27 -41.70 -37.27 -16.77
C LYS B 27 -41.59 -36.00 -17.61
N TRP B 28 -40.58 -35.91 -18.46
CA TRP B 28 -40.38 -34.73 -19.31
C TRP B 28 -40.88 -35.04 -20.72
N TYR B 29 -41.34 -34.04 -21.46
CA TYR B 29 -41.79 -34.25 -22.85
C TYR B 29 -40.60 -34.62 -23.72
N TRP B 30 -40.70 -35.76 -24.41
CA TRP B 30 -39.57 -36.22 -25.25
C TRP B 30 -39.55 -35.43 -26.56
N VAL B 31 -38.37 -35.15 -27.10
CA VAL B 31 -38.27 -34.33 -28.34
C VAL B 31 -37.07 -34.77 -29.15
N THR B 32 -37.10 -34.63 -30.47
CA THR B 32 -35.92 -34.89 -31.32
C THR B 32 -35.58 -33.59 -32.04
N LEU B 33 -34.32 -33.17 -32.00
CA LEU B 33 -33.93 -31.85 -32.56
C LEU B 33 -33.69 -31.94 -34.07
N PRO B 34 -33.94 -30.86 -34.83
CA PRO B 34 -34.18 -29.53 -34.26
C PRO B 34 -35.46 -29.43 -33.41
N HIS B 35 -35.47 -28.53 -32.41
CA HIS B 35 -36.67 -28.33 -31.55
C HIS B 35 -36.81 -26.89 -31.07
N SER B 36 -38.04 -26.41 -30.91
CA SER B 36 -38.31 -25.06 -30.37
C SER B 36 -39.65 -25.10 -29.63
N TRP B 37 -39.71 -24.49 -28.45
CA TRP B 37 -40.93 -24.52 -27.61
C TRP B 37 -41.87 -23.40 -28.02
N ASN B 38 -41.49 -22.64 -29.05
CA ASN B 38 -42.32 -21.49 -29.50
C ASN B 38 -42.86 -21.84 -30.89
N GLU B 39 -42.92 -23.13 -31.21
CA GLU B 39 -43.35 -23.59 -32.55
C GLU B 39 -44.81 -23.25 -32.80
N ILE B 40 -45.59 -23.04 -31.75
CA ILE B 40 -47.04 -22.77 -31.91
C ILE B 40 -47.38 -21.44 -31.24
N ASP B 41 -46.70 -21.11 -30.13
CA ASP B 41 -47.02 -19.88 -29.37
C ASP B 41 -46.47 -18.65 -30.06
N GLY B 42 -45.49 -18.83 -30.95
CA GLY B 42 -44.85 -17.68 -31.61
C GLY B 42 -45.31 -17.52 -33.05
N GLN B 43 -46.37 -18.21 -33.45
CA GLN B 43 -46.93 -18.06 -34.81
C GLN B 43 -48.44 -17.88 -34.69
N ASP B 44 -48.93 -17.50 -33.50
CA ASP B 44 -50.39 -17.39 -33.27
C ASP B 44 -50.79 -15.96 -32.93
N GLY B 45 -49.85 -15.16 -32.43
CA GLY B 45 -50.12 -13.75 -32.11
C GLY B 45 -50.11 -13.48 -30.61
N GLY B 46 -50.33 -12.23 -30.22
CA GLY B 46 -50.42 -11.89 -28.79
C GLY B 46 -49.09 -11.56 -28.14
N ASN B 47 -47.99 -11.73 -28.87
CA ASN B 47 -46.65 -11.54 -28.23
C ASN B 47 -46.64 -12.42 -26.99
N ASP B 48 -47.33 -13.56 -27.04
CA ASP B 48 -47.49 -14.40 -25.84
C ASP B 48 -46.48 -15.55 -25.85
N TYR B 49 -45.52 -15.50 -26.76
CA TYR B 49 -44.61 -16.66 -26.86
C TYR B 49 -43.81 -16.77 -25.56
N TYR B 50 -43.77 -17.98 -25.00
CA TYR B 50 -43.07 -18.17 -23.72
C TYR B 50 -41.60 -17.84 -23.90
N ARG B 51 -41.12 -16.89 -23.10
CA ARG B 51 -39.70 -16.52 -23.14
C ARG B 51 -39.13 -16.81 -21.76
N GLY B 52 -38.25 -17.80 -21.66
CA GLY B 52 -37.61 -18.09 -20.36
C GLY B 52 -36.50 -19.11 -20.46
N THR B 53 -36.16 -19.74 -19.34
CA THR B 53 -35.10 -20.77 -19.32
C THR B 53 -35.74 -22.15 -19.32
N CYS B 54 -35.48 -22.91 -20.37
CA CYS B 54 -36.06 -24.27 -20.49
C CYS B 54 -34.90 -25.25 -20.49
N TYR B 55 -35.11 -26.46 -20.00
CA TYR B 55 -33.97 -27.40 -19.83
C TYR B 55 -34.09 -28.61 -20.76
N TYR B 56 -32.97 -29.02 -21.35
CA TYR B 56 -32.96 -30.24 -22.20
C TYR B 56 -32.03 -31.25 -21.54
N ALA B 57 -32.37 -32.53 -21.61
CA ALA B 57 -31.56 -33.56 -20.91
C ALA B 57 -31.42 -34.82 -21.76
N LYS B 58 -30.25 -35.45 -21.70
CA LYS B 58 -29.99 -36.67 -22.50
C LYS B 58 -28.77 -37.37 -21.94
N GLN B 59 -28.79 -38.71 -21.92
CA GLN B 59 -27.67 -39.48 -21.40
C GLN B 59 -26.70 -39.82 -22.52
N LEU B 60 -25.41 -39.77 -22.20
CA LEU B 60 -24.35 -40.10 -23.15
C LEU B 60 -23.61 -41.34 -22.64
N LYS B 61 -23.68 -42.42 -23.40
CA LYS B 61 -23.04 -43.67 -23.03
C LYS B 61 -21.64 -43.72 -23.65
N LYS B 62 -20.61 -43.81 -22.79
CA LYS B 62 -19.24 -43.89 -23.28
C LYS B 62 -19.05 -45.09 -24.21
N SER B 63 -19.79 -46.17 -23.99
CA SER B 63 -19.66 -47.34 -24.83
C SER B 63 -20.04 -47.03 -26.27
N GLU B 64 -21.12 -46.28 -26.47
CA GLU B 64 -21.58 -45.93 -27.81
C GLU B 64 -20.75 -44.79 -28.38
N LEU B 65 -19.47 -44.71 -28.01
CA LEU B 65 -18.58 -43.66 -28.45
C LEU B 65 -17.30 -44.27 -28.99
N PRO B 66 -16.83 -43.85 -30.17
CA PRO B 66 -15.55 -44.37 -30.68
C PRO B 66 -14.39 -43.91 -29.82
N GLU B 67 -13.34 -44.74 -29.79
CA GLU B 67 -12.16 -44.43 -29.00
C GLU B 67 -11.43 -43.23 -29.59
N ALA B 68 -11.22 -42.20 -28.78
CA ALA B 68 -10.54 -41.00 -29.21
C ALA B 68 -9.83 -40.38 -28.00
N ASP B 69 -9.22 -39.22 -28.22
CA ASP B 69 -8.53 -38.50 -27.16
C ASP B 69 -9.32 -37.30 -26.64
N CYS B 70 -10.11 -36.66 -27.48
CA CYS B 70 -10.94 -35.54 -27.09
C CYS B 70 -12.33 -35.70 -27.68
N TYR B 71 -13.35 -35.35 -26.88
CA TYR B 71 -14.73 -35.38 -27.32
C TYR B 71 -15.32 -33.99 -27.12
N TYR B 72 -15.74 -33.36 -28.20
CA TYR B 72 -16.31 -32.03 -28.15
C TYR B 72 -17.83 -32.10 -28.34
N LEU B 73 -18.54 -31.21 -27.65
CA LEU B 73 -19.96 -31.03 -27.85
C LEU B 73 -20.18 -29.81 -28.73
N GLU B 74 -20.71 -30.02 -29.93
CA GLU B 74 -20.94 -28.94 -30.88
C GLU B 74 -22.42 -28.60 -30.89
N LEU B 75 -22.73 -27.33 -30.63
CA LEU B 75 -24.08 -26.79 -30.72
C LEU B 75 -24.10 -25.76 -31.84
N ARG B 76 -24.89 -26.04 -32.88
CA ARG B 76 -24.95 -25.18 -34.06
C ARG B 76 -26.11 -24.19 -34.01
N GLY B 77 -26.86 -24.16 -32.92
CA GLY B 77 -27.96 -23.22 -32.76
C GLY B 77 -28.71 -23.40 -31.46
N ALA B 78 -28.59 -22.43 -30.56
CA ALA B 78 -29.25 -22.49 -29.24
C ALA B 78 -29.75 -21.08 -28.92
N ASN B 79 -30.95 -20.77 -29.41
CA ASN B 79 -31.55 -19.45 -29.22
C ASN B 79 -32.12 -19.33 -27.81
N ALA B 80 -31.64 -18.36 -27.04
CA ALA B 80 -30.64 -17.38 -27.44
C ALA B 80 -29.36 -17.52 -26.62
N SER B 81 -29.53 -17.71 -25.32
CA SER B 81 -28.42 -17.95 -24.39
C SER B 81 -28.58 -19.33 -23.76
N ALA B 82 -27.46 -20.05 -23.64
CA ALA B 82 -27.50 -21.41 -23.16
C ALA B 82 -26.35 -21.67 -22.19
N ASP B 83 -26.55 -22.67 -21.33
CA ASP B 83 -25.53 -23.18 -20.42
C ASP B 83 -25.51 -24.69 -20.54
N VAL B 84 -24.31 -25.27 -20.55
CA VAL B 84 -24.13 -26.69 -20.78
C VAL B 84 -23.55 -27.32 -19.52
N TYR B 85 -24.31 -28.21 -18.89
CA TYR B 85 -23.87 -28.95 -17.72
C TYR B 85 -23.62 -30.40 -18.11
N VAL B 86 -22.56 -30.98 -17.55
CA VAL B 86 -22.23 -32.39 -17.74
C VAL B 86 -22.05 -33.00 -16.36
N ASN B 87 -22.95 -33.89 -15.98
CA ASN B 87 -22.93 -34.50 -14.65
C ASN B 87 -23.08 -33.43 -13.57
N GLY B 88 -23.98 -32.49 -13.80
CA GLY B 88 -24.26 -31.43 -12.84
C GLY B 88 -23.21 -30.34 -12.74
N LYS B 89 -22.13 -30.43 -13.52
CA LYS B 89 -21.04 -29.46 -13.45
C LYS B 89 -21.10 -28.56 -14.67
N ALA B 90 -21.28 -27.25 -14.45
CA ALA B 90 -21.28 -26.30 -15.55
C ALA B 90 -19.96 -26.37 -16.29
N VAL B 91 -20.03 -26.41 -17.62
CA VAL B 91 -18.84 -26.55 -18.44
C VAL B 91 -18.76 -25.55 -19.58
N ALA B 92 -19.86 -24.92 -20.01
CA ALA B 92 -19.82 -23.97 -21.10
C ALA B 92 -21.06 -23.10 -21.06
N HIS B 93 -20.91 -21.87 -21.57
CA HIS B 93 -22.02 -20.94 -21.69
C HIS B 93 -21.82 -20.11 -22.96
N HIS B 94 -22.92 -19.77 -23.60
CA HIS B 94 -22.88 -18.98 -24.83
C HIS B 94 -24.06 -18.03 -24.86
N ASP B 95 -23.87 -16.91 -25.54
CA ASP B 95 -24.91 -15.90 -25.72
C ASP B 95 -25.02 -15.58 -27.21
N GLY B 96 -26.20 -15.81 -27.78
CA GLY B 96 -26.41 -15.61 -29.20
C GLY B 96 -26.81 -16.89 -29.90
N GLY B 97 -28.09 -17.05 -30.19
CA GLY B 97 -28.61 -18.31 -30.69
C GLY B 97 -28.61 -18.48 -32.19
N TYR B 98 -27.63 -17.90 -32.88
CA TYR B 98 -27.50 -18.06 -34.32
C TYR B 98 -26.09 -18.46 -34.72
N SER B 99 -25.28 -18.91 -33.78
CA SER B 99 -23.88 -19.19 -34.02
C SER B 99 -23.53 -20.58 -33.52
N THR B 100 -22.47 -21.14 -34.10
CA THR B 100 -21.97 -22.46 -33.71
C THR B 100 -20.94 -22.29 -32.60
N TRP B 101 -21.16 -22.96 -31.48
CA TRP B 101 -20.19 -23.00 -30.39
C TRP B 101 -19.97 -24.44 -29.97
N ARG B 102 -18.81 -24.69 -29.35
CA ARG B 102 -18.41 -26.03 -28.95
C ARG B 102 -17.78 -25.97 -27.57
N VAL B 103 -17.52 -27.16 -27.02
CA VAL B 103 -16.92 -27.29 -25.69
C VAL B 103 -16.33 -28.68 -25.55
N ASP B 104 -15.10 -28.76 -25.05
CA ASP B 104 -14.45 -30.03 -24.80
C ASP B 104 -14.99 -30.63 -23.51
N ILE B 105 -15.48 -31.86 -23.58
CA ILE B 105 -16.06 -32.54 -22.44
C ILE B 105 -15.35 -33.86 -22.15
N THR B 106 -14.12 -34.01 -22.64
CA THR B 106 -13.40 -35.28 -22.47
C THR B 106 -13.18 -35.59 -21.00
N LYS B 107 -12.83 -34.59 -20.20
CA LYS B 107 -12.47 -34.81 -18.81
C LYS B 107 -13.68 -35.05 -17.91
N GLU B 108 -14.88 -34.63 -18.33
CA GLU B 108 -16.07 -34.73 -17.50
C GLU B 108 -16.86 -36.02 -17.75
N LEU B 109 -16.38 -36.91 -18.61
CA LEU B 109 -17.06 -38.16 -18.90
C LEU B 109 -16.55 -39.26 -17.96
N THR B 110 -16.88 -39.08 -16.68
CA THR B 110 -16.35 -39.97 -15.65
C THR B 110 -17.01 -41.34 -15.69
N GLU B 111 -18.34 -41.37 -15.79
CA GLU B 111 -19.10 -42.61 -15.83
C GLU B 111 -19.58 -42.88 -17.26
N GLU B 112 -20.07 -44.10 -17.46
CA GLU B 112 -20.63 -44.52 -18.74
C GLU B 112 -22.08 -44.05 -18.70
N GLU B 113 -22.35 -43.13 -17.79
CA GLU B 113 -23.69 -42.83 -17.34
C GLU B 113 -23.92 -41.32 -17.32
N ASN B 114 -23.44 -40.62 -18.34
CA ASN B 114 -23.26 -39.17 -18.27
C ASN B 114 -24.53 -38.40 -18.66
N LEU B 115 -24.97 -37.51 -17.78
CA LEU B 115 -26.14 -36.67 -18.02
C LEU B 115 -25.70 -35.33 -18.62
N ILE B 116 -26.19 -35.03 -19.81
CA ILE B 116 -25.91 -33.78 -20.50
C ILE B 116 -27.15 -32.90 -20.40
N VAL B 117 -27.04 -31.79 -19.66
CA VAL B 117 -28.14 -30.87 -19.45
C VAL B 117 -27.81 -29.55 -20.14
N ILE B 118 -28.75 -29.02 -20.90
CA ILE B 118 -28.60 -27.76 -21.63
C ILE B 118 -29.77 -26.87 -21.27
N ALA B 119 -29.51 -25.80 -20.53
CA ALA B 119 -30.53 -24.81 -20.21
C ALA B 119 -30.46 -23.69 -21.24
N VAL B 120 -31.58 -23.44 -21.92
CA VAL B 120 -31.65 -22.45 -22.98
C VAL B 120 -32.64 -21.37 -22.56
N GLU B 121 -32.31 -20.11 -22.88
CA GLU B 121 -33.11 -18.98 -22.46
C GLU B 121 -33.29 -18.01 -23.63
N ASN B 122 -34.47 -17.40 -23.72
CA ASN B 122 -34.76 -16.39 -24.72
C ASN B 122 -35.53 -15.23 -24.11
N GLY B 123 -35.25 -14.91 -22.85
CA GLY B 123 -35.96 -13.87 -22.13
C GLY B 123 -35.50 -12.48 -22.49
N VAL B 124 -35.79 -11.54 -21.60
CA VAL B 124 -35.51 -10.12 -21.81
C VAL B 124 -34.32 -9.71 -20.96
N ASN B 125 -33.44 -8.88 -21.52
CA ASN B 125 -32.27 -8.37 -20.82
C ASN B 125 -31.66 -7.28 -21.69
N ASP B 126 -30.66 -6.59 -21.13
CA ASP B 126 -30.04 -5.45 -21.78
C ASP B 126 -28.66 -5.77 -22.36
N ARG B 127 -28.37 -7.05 -22.60
CA ARG B 127 -27.04 -7.46 -23.04
C ARG B 127 -27.00 -8.35 -24.28
N VAL B 128 -28.06 -9.08 -24.61
CA VAL B 128 -28.03 -10.03 -25.72
C VAL B 128 -29.04 -9.59 -26.77
N TYR B 129 -28.61 -9.64 -28.04
CA TYR B 129 -29.35 -9.30 -29.26
C TYR B 129 -29.90 -10.55 -29.92
N PRO B 130 -31.09 -10.47 -30.53
CA PRO B 130 -31.97 -9.29 -30.61
C PRO B 130 -32.88 -9.15 -29.38
N GLN B 131 -33.44 -7.96 -29.15
CA GLN B 131 -34.35 -7.74 -28.04
C GLN B 131 -35.58 -6.98 -28.53
N ASN B 132 -35.41 -6.16 -29.57
CA ASN B 132 -36.51 -5.42 -30.19
C ASN B 132 -36.44 -5.68 -31.69
N ALA B 133 -37.39 -6.46 -32.21
CA ALA B 133 -37.39 -6.80 -33.61
C ALA B 133 -38.77 -7.31 -34.01
N ASP B 134 -38.96 -7.48 -35.31
CA ASP B 134 -40.23 -7.97 -35.83
C ASP B 134 -40.10 -9.40 -36.32
N PHE B 135 -39.75 -10.32 -35.41
CA PHE B 135 -39.70 -11.73 -35.73
C PHE B 135 -39.56 -12.53 -34.45
N THR B 136 -40.32 -13.60 -34.35
CA THR B 136 -40.40 -14.39 -33.11
C THR B 136 -39.02 -14.92 -32.72
N PHE B 137 -38.63 -14.66 -31.48
CA PHE B 137 -37.37 -15.17 -30.92
C PHE B 137 -37.57 -16.63 -30.49
N TYR B 138 -37.76 -17.48 -31.49
CA TYR B 138 -37.95 -18.91 -31.23
C TYR B 138 -36.86 -19.42 -30.31
N GLY B 139 -37.26 -19.94 -29.15
CA GLY B 139 -36.30 -20.50 -28.23
C GLY B 139 -36.03 -21.97 -28.48
N GLY B 140 -34.98 -22.46 -27.84
CA GLY B 140 -34.65 -23.88 -27.85
C GLY B 140 -33.42 -24.18 -28.69
N LEU B 141 -33.21 -25.48 -28.90
CA LEU B 141 -32.10 -25.98 -29.71
C LEU B 141 -32.64 -26.30 -31.10
N TYR B 142 -32.86 -25.24 -31.88
CA TYR B 142 -33.48 -25.37 -33.19
C TYR B 142 -32.51 -25.82 -34.27
N ARG B 143 -31.27 -26.14 -33.91
CA ARG B 143 -30.30 -26.69 -34.86
C ARG B 143 -29.67 -27.93 -34.24
N ASP B 144 -28.86 -28.62 -35.04
CA ASP B 144 -28.30 -29.89 -34.63
C ASP B 144 -27.45 -29.73 -33.37
N VAL B 145 -27.10 -30.88 -32.78
CA VAL B 145 -26.20 -30.96 -31.64
C VAL B 145 -25.36 -32.22 -31.86
N ASN B 146 -24.07 -32.05 -32.08
CA ASN B 146 -23.19 -33.15 -32.46
C ASN B 146 -22.13 -33.40 -31.40
N ILE B 147 -21.40 -34.50 -31.59
CA ILE B 147 -20.29 -34.88 -30.73
C ILE B 147 -19.10 -35.17 -31.64
N ILE B 148 -18.05 -34.36 -31.52
CA ILE B 148 -16.87 -34.47 -32.37
C ILE B 148 -15.78 -35.21 -31.59
N ALA B 149 -15.34 -36.34 -32.12
CA ALA B 149 -14.27 -37.13 -31.54
C ALA B 149 -13.02 -36.96 -32.40
N VAL B 150 -11.96 -36.43 -31.80
CA VAL B 150 -10.72 -36.11 -32.51
C VAL B 150 -9.53 -36.49 -31.65
N ASN B 151 -8.35 -36.47 -32.27
CA ASN B 151 -7.09 -36.72 -31.60
C ASN B 151 -6.66 -35.49 -30.80
N LYS B 152 -5.77 -35.72 -29.84
CA LYS B 152 -5.23 -34.60 -29.06
C LYS B 152 -4.63 -33.54 -29.98
N SER B 153 -4.10 -33.95 -31.13
CA SER B 153 -3.55 -33.03 -32.12
C SER B 153 -4.62 -32.86 -33.20
N HIS B 154 -5.39 -31.77 -33.11
CA HIS B 154 -6.49 -31.53 -34.02
C HIS B 154 -6.45 -30.09 -34.48
N PHE B 155 -7.29 -29.79 -35.47
CA PHE B 155 -7.48 -28.42 -35.91
C PHE B 155 -8.43 -27.69 -34.96
N ASP B 156 -8.18 -26.40 -34.78
CA ASP B 156 -8.82 -25.65 -33.71
C ASP B 156 -10.34 -25.76 -33.79
N LEU B 157 -10.93 -26.36 -32.76
CA LEU B 157 -12.38 -26.43 -32.60
C LEU B 157 -12.91 -25.42 -31.57
N ASP B 158 -12.03 -24.63 -30.97
CA ASP B 158 -12.41 -23.77 -29.87
C ASP B 158 -12.40 -22.28 -30.22
N TYR B 159 -12.14 -21.92 -31.47
CA TYR B 159 -12.10 -20.51 -31.86
C TYR B 159 -13.44 -20.14 -32.49
N TYR B 160 -14.38 -19.71 -31.65
CA TYR B 160 -15.64 -19.14 -32.09
C TYR B 160 -16.36 -20.08 -33.06
N GLY B 161 -16.25 -21.38 -32.81
CA GLY B 161 -16.89 -22.36 -33.68
C GLY B 161 -16.44 -22.30 -35.12
N GLY B 162 -15.20 -21.85 -35.36
CA GLY B 162 -14.69 -21.75 -36.70
C GLY B 162 -14.31 -23.10 -37.29
N PRO B 163 -14.24 -23.18 -38.61
CA PRO B 163 -13.87 -24.44 -39.26
C PRO B 163 -12.44 -24.86 -39.02
N GLY B 164 -11.58 -24.00 -38.47
CA GLY B 164 -10.18 -24.31 -38.33
C GLY B 164 -9.39 -24.23 -39.62
N ILE B 165 -9.96 -23.63 -40.66
CA ILE B 165 -9.29 -23.51 -41.96
C ILE B 165 -9.79 -22.24 -42.63
N LYS B 166 -8.86 -21.38 -43.04
CA LYS B 166 -9.17 -20.11 -43.68
C LYS B 166 -8.53 -20.09 -45.07
N VAL B 167 -9.36 -19.93 -46.09
CA VAL B 167 -8.92 -19.98 -47.49
C VAL B 167 -9.20 -18.63 -48.13
N THR B 168 -8.17 -17.99 -48.68
CA THR B 168 -8.27 -16.67 -49.30
C THR B 168 -7.59 -16.69 -50.66
N PRO B 169 -8.24 -17.29 -51.66
CA PRO B 169 -7.70 -17.23 -53.02
C PRO B 169 -7.48 -15.80 -53.48
N GLU B 170 -6.46 -15.62 -54.31
CA GLU B 170 -6.18 -14.34 -54.95
C GLU B 170 -6.09 -14.56 -56.46
N ILE B 171 -6.71 -13.65 -57.22
CA ILE B 171 -6.80 -13.79 -58.67
C ILE B 171 -5.85 -12.83 -59.38
N LYS B 172 -4.66 -13.32 -59.76
CA LYS B 172 -3.70 -12.54 -60.52
C LYS B 172 -3.81 -12.97 -61.99
N GLY B 173 -4.38 -12.09 -62.82
CA GLY B 173 -4.53 -12.43 -64.22
C GLY B 173 -5.54 -13.53 -64.42
N ALA B 174 -5.15 -14.55 -65.19
CA ALA B 174 -5.98 -15.72 -65.42
C ALA B 174 -5.62 -16.87 -64.49
N ASP B 175 -4.67 -16.68 -63.59
CA ASP B 175 -4.30 -17.67 -62.59
C ASP B 175 -4.80 -17.22 -61.22
N ALA B 176 -4.79 -18.15 -60.27
CA ALA B 176 -5.23 -17.87 -58.90
C ALA B 176 -4.28 -18.52 -57.92
N SER B 177 -3.79 -17.73 -56.96
CA SER B 177 -3.01 -18.23 -55.84
C SER B 177 -3.87 -18.15 -54.59
N VAL B 178 -4.00 -19.27 -53.88
CA VAL B 178 -4.89 -19.39 -52.74
C VAL B 178 -4.05 -19.62 -51.50
N GLU B 179 -4.16 -18.70 -50.53
CA GLU B 179 -3.56 -18.93 -49.23
C GLU B 179 -4.49 -19.78 -48.39
N VAL B 180 -3.96 -20.84 -47.80
CA VAL B 180 -4.74 -21.78 -46.99
C VAL B 180 -4.13 -21.74 -45.59
N GLU B 181 -4.69 -20.90 -44.73
CA GLU B 181 -4.24 -20.80 -43.34
C GLU B 181 -4.96 -21.84 -42.50
N VAL B 182 -4.19 -22.56 -41.68
CA VAL B 182 -4.73 -23.60 -40.81
C VAL B 182 -4.38 -23.25 -39.37
N PHE B 183 -5.17 -23.78 -38.44
CA PHE B 183 -4.99 -23.52 -37.02
C PHE B 183 -5.02 -24.84 -36.27
N LEU B 184 -4.04 -25.03 -35.38
CA LEU B 184 -3.84 -26.29 -34.68
C LEU B 184 -4.12 -26.13 -33.19
N THR B 185 -4.19 -27.28 -32.51
CA THR B 185 -4.39 -27.33 -31.07
C THR B 185 -3.58 -28.48 -30.51
N ASN B 186 -2.61 -28.16 -29.65
CA ASN B 186 -1.78 -29.16 -29.00
C ASN B 186 -1.03 -30.02 -30.04
N ALA B 187 -0.21 -29.35 -30.84
CA ALA B 187 0.58 -29.99 -31.87
C ALA B 187 2.03 -30.11 -31.43
N ALA B 188 2.84 -30.74 -32.27
CA ALA B 188 4.26 -30.94 -32.01
C ALA B 188 5.06 -30.38 -33.17
N ALA B 189 6.39 -30.31 -32.97
CA ALA B 189 7.28 -29.85 -34.02
C ALA B 189 7.58 -30.93 -35.05
N ASP B 190 7.38 -32.20 -34.70
CA ASP B 190 7.66 -33.31 -35.60
C ASP B 190 6.45 -33.71 -36.44
N GLN B 191 5.42 -32.87 -36.49
CA GLN B 191 4.22 -33.15 -37.28
C GLN B 191 4.26 -32.36 -38.58
N LYS B 192 3.63 -32.92 -39.61
CA LYS B 192 3.59 -32.31 -40.93
C LYS B 192 2.15 -32.01 -41.33
N LEU B 193 1.99 -30.98 -42.16
CA LEU B 193 0.69 -30.54 -42.65
C LEU B 193 0.67 -30.70 -44.16
N VAL B 194 -0.31 -31.44 -44.67
CA VAL B 194 -0.42 -31.73 -46.09
C VAL B 194 -1.61 -30.97 -46.64
N TYR B 195 -1.35 -30.00 -47.51
CA TYR B 195 -2.37 -29.19 -48.14
C TYR B 195 -2.68 -29.74 -49.53
N THR B 196 -3.96 -29.92 -49.83
CA THR B 196 -4.40 -30.39 -51.13
C THR B 196 -5.62 -29.59 -51.56
N VAL B 197 -5.65 -29.21 -52.83
CA VAL B 197 -6.72 -28.40 -53.39
C VAL B 197 -7.33 -29.19 -54.55
N LYS B 198 -8.40 -29.92 -54.28
CA LYS B 198 -9.08 -30.69 -55.31
C LYS B 198 -10.03 -29.79 -56.09
N ASP B 199 -10.37 -30.23 -57.31
CA ASP B 199 -11.24 -29.48 -58.18
C ASP B 199 -12.69 -29.90 -57.96
N ALA B 200 -13.60 -29.38 -58.81
CA ALA B 200 -15.00 -29.76 -58.70
C ALA B 200 -15.24 -31.24 -58.91
N GLU B 201 -14.35 -31.92 -59.64
CA GLU B 201 -14.47 -33.35 -59.89
C GLU B 201 -13.67 -34.20 -58.92
N GLY B 202 -13.06 -33.59 -57.91
CA GLY B 202 -12.29 -34.30 -56.92
C GLY B 202 -10.83 -34.53 -57.26
N LYS B 203 -10.42 -34.17 -58.47
CA LYS B 203 -9.03 -34.37 -58.88
C LYS B 203 -8.12 -33.32 -58.25
N GLU B 204 -6.96 -33.76 -57.78
CA GLU B 204 -6.00 -32.85 -57.17
C GLU B 204 -5.56 -31.81 -58.19
N VAL B 205 -5.59 -30.54 -57.78
CA VAL B 205 -5.09 -29.45 -58.59
C VAL B 205 -3.83 -28.81 -58.00
N ALA B 206 -3.65 -28.90 -56.68
CA ALA B 206 -2.45 -28.38 -56.03
C ALA B 206 -2.23 -29.16 -54.74
N LYS B 207 -0.97 -29.41 -54.42
CA LYS B 207 -0.61 -30.14 -53.21
C LYS B 207 0.76 -29.69 -52.75
N THR B 208 0.91 -29.44 -51.45
CA THR B 208 2.16 -28.96 -50.89
C THR B 208 2.30 -29.52 -49.48
N GLU B 209 3.44 -29.23 -48.86
CA GLU B 209 3.72 -29.73 -47.51
C GLU B 209 4.56 -28.70 -46.76
N THR B 210 4.31 -28.60 -45.46
CA THR B 210 5.06 -27.72 -44.58
C THR B 210 5.16 -28.37 -43.21
N ALA B 211 5.80 -27.66 -42.28
CA ALA B 211 5.88 -28.12 -40.91
C ALA B 211 4.61 -27.76 -40.14
N ALA B 212 4.40 -28.45 -39.03
CA ALA B 212 3.24 -28.17 -38.19
C ALA B 212 3.20 -26.70 -37.80
N GLY B 213 4.36 -26.07 -37.64
CA GLY B 213 4.44 -24.66 -37.34
C GLY B 213 4.22 -23.73 -38.51
N GLU B 214 3.90 -24.27 -39.69
CA GLU B 214 3.63 -23.49 -40.88
C GLU B 214 2.12 -23.54 -41.13
N THR B 215 1.40 -22.63 -40.46
CA THR B 215 -0.06 -22.63 -40.56
C THR B 215 -0.52 -22.11 -41.91
N LYS B 216 0.17 -21.11 -42.45
CA LYS B 216 -0.20 -20.52 -43.73
C LYS B 216 0.51 -21.22 -44.88
N ALA B 217 -0.15 -21.26 -46.03
CA ALA B 217 0.41 -21.87 -47.23
C ALA B 217 -0.29 -21.29 -48.45
N VAL B 218 0.46 -21.13 -49.53
CA VAL B 218 -0.04 -20.53 -50.76
C VAL B 218 0.07 -21.57 -51.87
N LEU B 219 -1.09 -22.02 -52.37
CA LEU B 219 -1.16 -22.94 -53.49
C LEU B 219 -1.66 -22.20 -54.72
N SER B 220 -1.16 -22.61 -55.89
CA SER B 220 -1.46 -21.95 -57.15
C SER B 220 -2.37 -22.84 -57.99
N ILE B 221 -3.44 -22.24 -58.50
CA ILE B 221 -4.38 -22.91 -59.39
C ILE B 221 -4.34 -22.18 -60.74
N PRO B 222 -3.94 -22.85 -61.83
CA PRO B 222 -3.85 -22.16 -63.11
C PRO B 222 -5.15 -22.20 -63.91
N ALA B 223 -5.43 -21.08 -64.58
CA ALA B 223 -6.64 -20.93 -65.38
C ALA B 223 -7.87 -21.36 -64.57
N VAL B 224 -7.93 -20.90 -63.33
CA VAL B 224 -8.97 -21.30 -62.38
C VAL B 224 -10.35 -21.09 -62.99
N HIS B 225 -11.32 -21.86 -62.53
CA HIS B 225 -12.71 -21.69 -62.93
C HIS B 225 -13.36 -20.75 -61.92
N LEU B 226 -13.60 -19.51 -62.35
CA LEU B 226 -14.07 -18.48 -61.43
C LEU B 226 -15.49 -18.76 -60.97
N TRP B 227 -15.76 -18.45 -59.71
CA TRP B 227 -17.12 -18.46 -59.17
C TRP B 227 -17.88 -17.29 -59.79
N ASN B 228 -18.71 -17.59 -60.79
CA ASN B 228 -19.41 -16.54 -61.52
C ASN B 228 -20.92 -16.59 -61.28
N GLY B 229 -21.31 -16.72 -60.02
CA GLY B 229 -22.73 -16.66 -59.68
C GLY B 229 -23.54 -17.72 -60.42
N LYS B 230 -24.74 -17.33 -60.85
CA LYS B 230 -25.63 -18.26 -61.53
C LYS B 230 -25.04 -18.75 -62.85
N LYS B 231 -24.20 -17.94 -63.49
CA LYS B 231 -23.60 -18.34 -64.76
C LYS B 231 -22.79 -19.62 -64.59
N ASP B 232 -21.90 -19.64 -63.60
CA ASP B 232 -21.08 -20.81 -63.33
C ASP B 232 -20.54 -20.76 -61.91
N PRO B 233 -21.25 -21.32 -60.94
CA PRO B 233 -20.79 -21.29 -59.54
C PRO B 233 -19.80 -22.39 -59.23
N TYR B 234 -18.66 -22.36 -59.91
CA TYR B 234 -17.63 -23.38 -59.70
C TYR B 234 -17.10 -23.31 -58.28
N LEU B 235 -16.76 -24.48 -57.72
CA LEU B 235 -16.33 -24.58 -56.33
C LEU B 235 -15.20 -25.59 -56.22
N TYR B 236 -14.05 -25.14 -55.72
CA TYR B 236 -12.94 -26.03 -55.41
C TYR B 236 -13.05 -26.53 -53.97
N THR B 237 -12.19 -27.49 -53.63
CA THR B 237 -12.17 -28.07 -52.29
C THR B 237 -10.76 -28.03 -51.73
N ALA B 238 -10.60 -27.48 -50.54
CA ALA B 238 -9.33 -27.42 -49.84
C ALA B 238 -9.33 -28.42 -48.70
N GLU B 239 -8.22 -29.17 -48.57
CA GLU B 239 -8.13 -30.24 -47.59
C GLU B 239 -6.76 -30.20 -46.95
N VAL B 240 -6.72 -30.06 -45.62
CA VAL B 240 -5.49 -30.01 -44.85
C VAL B 240 -5.52 -31.15 -43.84
N ALA B 241 -4.42 -31.89 -43.75
CA ALA B 241 -4.31 -33.05 -42.87
C ALA B 241 -3.12 -32.88 -41.93
N LEU B 242 -3.34 -33.24 -40.66
CA LEU B 242 -2.27 -33.25 -39.67
C LEU B 242 -1.66 -34.65 -39.64
N VAL B 243 -0.44 -34.77 -40.16
CA VAL B 243 0.22 -36.06 -40.29
C VAL B 243 1.19 -36.22 -39.12
N SER B 244 0.97 -37.25 -38.32
CA SER B 244 1.89 -37.63 -37.26
C SER B 244 2.67 -38.86 -37.71
N GLY B 245 3.99 -38.78 -37.66
CA GLY B 245 4.82 -39.84 -38.18
C GLY B 245 4.60 -40.07 -39.66
N GLU B 246 3.79 -41.08 -40.00
CA GLU B 246 3.45 -41.37 -41.38
C GLU B 246 1.97 -41.24 -41.69
N GLU B 247 1.09 -41.54 -40.74
CA GLU B 247 -0.34 -41.47 -40.96
C GLU B 247 -0.89 -40.13 -40.47
N ALA B 248 -2.16 -39.89 -40.79
CA ALA B 248 -2.86 -38.69 -40.38
C ALA B 248 -3.72 -38.96 -39.15
N VAL B 249 -3.86 -37.95 -38.31
CA VAL B 249 -4.60 -38.07 -37.06
C VAL B 249 -5.84 -37.20 -37.10
N ASP B 250 -5.76 -36.08 -37.82
CA ASP B 250 -6.88 -35.18 -37.97
C ASP B 250 -6.80 -34.52 -39.35
N ALA B 251 -7.92 -33.97 -39.78
CA ALA B 251 -7.97 -33.27 -41.07
C ALA B 251 -9.29 -32.53 -41.23
N VAL B 252 -9.21 -31.27 -41.64
CA VAL B 252 -10.38 -30.45 -41.93
C VAL B 252 -10.35 -30.09 -43.41
N SER B 253 -11.52 -29.73 -43.93
CA SER B 253 -11.64 -29.35 -45.33
C SER B 253 -12.80 -28.37 -45.47
N THR B 254 -12.88 -27.74 -46.63
CA THR B 254 -13.91 -26.75 -46.88
C THR B 254 -13.95 -26.43 -48.37
N ARG B 255 -15.15 -26.14 -48.86
CA ARG B 255 -15.31 -25.63 -50.21
C ARG B 255 -15.06 -24.13 -50.24
N PHE B 256 -14.57 -23.65 -51.38
CA PHE B 256 -14.31 -22.23 -51.55
C PHE B 256 -14.53 -21.87 -53.01
N GLY B 257 -14.52 -20.57 -53.28
CA GLY B 257 -14.71 -20.07 -54.63
C GLY B 257 -13.81 -18.90 -54.96
N CYS B 258 -13.16 -18.96 -56.12
CA CYS B 258 -12.28 -17.89 -56.57
C CYS B 258 -13.09 -16.89 -57.40
N ARG B 259 -13.09 -15.63 -56.98
CA ARG B 259 -13.86 -14.62 -57.67
C ARG B 259 -13.42 -13.24 -57.19
N THR B 260 -13.73 -12.23 -57.99
CA THR B 260 -13.52 -10.84 -57.65
C THR B 260 -14.82 -10.08 -57.86
N PHE B 261 -15.02 -9.03 -57.08
CA PHE B 261 -16.23 -8.23 -57.21
C PHE B 261 -15.97 -6.81 -56.74
N GLU B 262 -16.79 -5.90 -57.25
CA GLU B 262 -16.78 -4.51 -56.85
C GLU B 262 -18.22 -4.04 -56.68
N ILE B 263 -18.39 -2.87 -56.09
CA ILE B 263 -19.71 -2.27 -55.89
C ILE B 263 -19.58 -0.82 -56.36
N ASP B 264 -19.80 -0.59 -57.64
CA ASP B 264 -19.64 0.74 -58.22
C ASP B 264 -20.80 1.64 -57.81
N PRO B 265 -20.54 2.80 -57.21
CA PRO B 265 -21.64 3.70 -56.83
C PRO B 265 -22.55 4.06 -57.99
N GLU B 266 -22.09 3.92 -59.23
CA GLU B 266 -22.89 4.22 -60.41
C GLU B 266 -23.25 2.99 -61.23
N ARG B 267 -22.30 2.09 -61.45
CA ARG B 267 -22.51 0.90 -62.26
C ARG B 267 -23.08 -0.27 -61.46
N GLY B 268 -23.37 -0.08 -60.18
CA GLY B 268 -23.94 -1.16 -59.40
C GLY B 268 -22.93 -2.24 -59.08
N PHE B 269 -23.43 -3.47 -58.96
CA PHE B 269 -22.58 -4.60 -58.61
C PHE B 269 -21.83 -5.12 -59.82
N ILE B 270 -20.59 -5.54 -59.60
CA ILE B 270 -19.72 -6.07 -60.64
C ILE B 270 -19.08 -7.35 -60.12
N LEU B 271 -19.26 -8.45 -60.85
CA LEU B 271 -18.78 -9.76 -60.44
C LEU B 271 -17.80 -10.28 -61.48
N ASN B 272 -16.57 -10.54 -61.05
CA ASN B 272 -15.54 -11.15 -61.89
C ASN B 272 -15.33 -10.34 -63.17
N GLY B 273 -15.40 -9.02 -63.05
CA GLY B 273 -15.15 -8.14 -64.18
C GLY B 273 -16.40 -7.53 -64.78
N GLU B 274 -17.38 -8.37 -65.11
CA GLU B 274 -18.61 -7.90 -65.72
C GLU B 274 -19.65 -7.50 -64.67
N GLU B 275 -20.58 -6.65 -65.09
CA GLU B 275 -21.67 -6.27 -64.21
C GLU B 275 -22.56 -7.47 -63.92
N TYR B 276 -22.98 -7.59 -62.66
CA TYR B 276 -23.83 -8.69 -62.21
C TYR B 276 -24.93 -8.09 -61.34
N PRO B 277 -25.97 -7.52 -61.95
CA PRO B 277 -27.02 -6.86 -61.17
C PRO B 277 -27.59 -7.74 -60.06
N LEU B 278 -27.55 -7.24 -58.83
CA LEU B 278 -28.05 -7.96 -57.66
C LEU B 278 -29.50 -7.59 -57.44
N ARG B 279 -30.41 -8.44 -57.90
CA ARG B 279 -31.83 -8.28 -57.69
C ARG B 279 -32.37 -9.57 -57.07
N GLY B 280 -32.99 -9.45 -55.90
CA GLY B 280 -33.44 -10.63 -55.19
C GLY B 280 -34.42 -10.39 -54.06
N VAL B 281 -34.26 -11.14 -52.97
CA VAL B 281 -35.24 -11.20 -51.90
C VAL B 281 -34.51 -11.38 -50.57
N SER B 282 -35.25 -11.22 -49.48
CA SER B 282 -34.79 -11.59 -48.14
C SER B 282 -35.55 -12.83 -47.67
N ARG B 283 -34.95 -13.53 -46.71
CA ARG B 283 -35.56 -14.75 -46.18
C ARG B 283 -35.29 -14.85 -44.68
N HIS B 284 -36.29 -15.33 -43.95
CA HIS B 284 -36.14 -15.74 -42.57
C HIS B 284 -36.02 -17.26 -42.50
N GLN B 285 -35.44 -17.74 -41.40
CA GLN B 285 -35.11 -19.15 -41.25
C GLN B 285 -36.15 -19.90 -40.43
N ASP B 286 -37.43 -19.64 -40.67
CA ASP B 286 -38.51 -20.33 -39.97
C ASP B 286 -39.55 -20.80 -40.98
N ARG B 287 -40.38 -21.75 -40.55
CA ARG B 287 -41.47 -22.26 -41.37
C ARG B 287 -42.69 -22.51 -40.49
N TRP B 288 -43.86 -22.39 -41.10
CA TRP B 288 -45.11 -22.57 -40.36
C TRP B 288 -45.13 -23.94 -39.69
N GLY B 289 -45.44 -23.95 -38.39
CA GLY B 289 -45.64 -25.20 -37.68
C GLY B 289 -44.44 -25.69 -36.88
N ILE B 290 -43.23 -25.49 -37.41
CA ILE B 290 -42.02 -25.93 -36.75
C ILE B 290 -41.20 -24.75 -36.22
N GLY B 291 -41.78 -23.55 -36.18
CA GLY B 291 -41.05 -22.37 -35.78
C GLY B 291 -39.79 -22.20 -36.59
N ASN B 292 -38.62 -22.34 -35.96
CA ASN B 292 -37.34 -22.24 -36.65
C ASN B 292 -36.54 -23.53 -36.57
N ALA B 293 -37.20 -24.65 -36.26
CA ALA B 293 -36.53 -25.95 -36.21
C ALA B 293 -36.64 -26.62 -37.58
N LEU B 294 -35.92 -26.04 -38.54
CA LEU B 294 -35.97 -26.52 -39.91
C LEU B 294 -35.04 -27.71 -40.11
N LEU B 295 -35.36 -28.51 -41.12
CA LEU B 295 -34.57 -29.63 -41.58
C LEU B 295 -33.98 -29.35 -42.95
N PRO B 296 -33.00 -30.15 -43.38
CA PRO B 296 -32.40 -29.89 -44.70
C PRO B 296 -33.41 -29.76 -45.83
N GLU B 297 -34.46 -30.57 -45.83
CA GLU B 297 -35.47 -30.47 -46.88
C GLU B 297 -36.10 -29.08 -46.89
N HIS B 298 -36.27 -28.46 -45.73
CA HIS B 298 -36.84 -27.12 -45.68
C HIS B 298 -35.90 -26.09 -46.29
N HIS B 299 -34.59 -26.21 -46.02
CA HIS B 299 -33.63 -25.32 -46.63
C HIS B 299 -33.58 -25.50 -48.14
N ARG B 300 -33.48 -26.76 -48.60
CA ARG B 300 -33.49 -27.03 -50.03
C ARG B 300 -34.74 -26.47 -50.69
N GLU B 301 -35.90 -26.67 -50.07
CA GLU B 301 -37.15 -26.17 -50.64
C GLU B 301 -37.13 -24.64 -50.75
N ASP B 302 -36.60 -23.96 -49.73
CA ASP B 302 -36.58 -22.49 -49.76
C ASP B 302 -35.69 -21.98 -50.89
N ILE B 303 -34.49 -22.55 -51.02
CA ILE B 303 -33.60 -22.13 -52.09
C ILE B 303 -34.12 -22.55 -53.46
N ASP B 304 -35.01 -23.55 -53.51
CA ASP B 304 -35.56 -24.00 -54.79
C ASP B 304 -36.62 -23.01 -55.29
N LEU B 305 -37.52 -22.57 -54.41
CA LEU B 305 -38.42 -21.48 -54.78
C LEU B 305 -37.63 -20.23 -55.14
N ILE B 306 -36.49 -20.02 -54.50
CA ILE B 306 -35.67 -18.85 -54.78
C ILE B 306 -35.09 -18.94 -56.19
N CYS B 307 -34.40 -20.04 -56.49
CA CYS B 307 -33.85 -20.24 -57.82
C CYS B 307 -34.93 -20.13 -58.89
N GLU B 308 -36.13 -20.66 -58.59
CA GLU B 308 -37.23 -20.56 -59.55
C GLU B 308 -37.60 -19.11 -59.82
N LEU B 309 -37.61 -18.28 -58.77
CA LEU B 309 -37.85 -16.87 -58.97
C LEU B 309 -36.76 -16.21 -59.81
N GLY B 310 -35.57 -16.82 -59.86
CA GLY B 310 -34.48 -16.26 -60.62
C GLY B 310 -33.73 -15.14 -59.93
N ALA B 311 -33.76 -15.08 -58.60
CA ALA B 311 -33.05 -14.05 -57.88
C ALA B 311 -31.55 -14.33 -57.90
N THR B 312 -30.76 -13.26 -58.06
CA THR B 312 -29.31 -13.38 -58.04
C THR B 312 -28.71 -13.13 -56.66
N THR B 313 -29.52 -12.71 -55.70
CA THR B 313 -29.03 -12.37 -54.37
C THR B 313 -30.12 -12.64 -53.34
N ILE B 314 -29.70 -12.89 -52.11
CA ILE B 314 -30.61 -13.05 -50.98
C ILE B 314 -30.03 -12.31 -49.79
N ARG B 315 -30.88 -11.56 -49.10
CA ARG B 315 -30.50 -10.92 -47.84
C ARG B 315 -30.89 -11.85 -46.70
N LEU B 316 -29.92 -12.58 -46.17
CA LEU B 316 -30.15 -13.53 -45.08
C LEU B 316 -30.17 -12.77 -43.76
N ALA B 317 -31.28 -12.08 -43.53
CA ALA B 317 -31.51 -11.33 -42.29
C ALA B 317 -32.36 -12.16 -41.32
N HIS B 318 -32.42 -11.72 -40.08
CA HIS B 318 -31.70 -10.59 -39.49
C HIS B 318 -30.60 -11.10 -38.58
N TYR B 319 -29.94 -12.17 -39.00
CA TYR B 319 -29.04 -12.92 -38.12
C TYR B 319 -28.23 -13.88 -38.98
N GLN B 320 -27.47 -14.76 -38.33
CA GLN B 320 -26.74 -15.80 -39.03
C GLN B 320 -27.65 -17.00 -39.28
N HIS B 321 -27.54 -17.58 -40.46
CA HIS B 321 -28.38 -18.71 -40.86
C HIS B 321 -27.59 -20.02 -40.74
N ASP B 322 -28.31 -21.12 -40.95
CA ASP B 322 -27.71 -22.44 -40.84
C ASP B 322 -26.63 -22.61 -41.92
N GLN B 323 -25.58 -23.36 -41.56
CA GLN B 323 -24.46 -23.55 -42.47
C GLN B 323 -24.92 -24.20 -43.78
N TYR B 324 -25.88 -25.12 -43.70
CA TYR B 324 -26.33 -25.80 -44.91
C TYR B 324 -26.91 -24.82 -45.91
N PHE B 325 -27.63 -23.80 -45.43
CA PHE B 325 -28.23 -22.83 -46.35
C PHE B 325 -27.16 -21.98 -47.02
N TYR B 326 -26.12 -21.61 -46.30
CA TYR B 326 -24.99 -20.92 -46.93
C TYR B 326 -24.33 -21.81 -47.96
N ASP B 327 -24.17 -23.10 -47.65
CA ASP B 327 -23.63 -24.05 -48.61
C ASP B 327 -24.50 -24.12 -49.86
N LEU B 328 -25.81 -24.22 -49.68
CA LEU B 328 -26.72 -24.23 -50.82
C LEU B 328 -26.57 -22.95 -51.64
N CYS B 329 -26.32 -21.83 -50.99
CA CYS B 329 -26.12 -20.57 -51.71
C CYS B 329 -24.83 -20.57 -52.50
N ASP B 330 -23.80 -21.24 -52.00
CA ASP B 330 -22.53 -21.32 -52.72
C ASP B 330 -22.61 -22.21 -53.95
N GLU B 331 -23.59 -23.11 -54.01
CA GLU B 331 -23.73 -24.03 -55.13
C GLU B 331 -24.56 -23.45 -56.26
N ARG B 332 -25.59 -22.67 -55.94
CA ARG B 332 -26.49 -22.12 -56.94
C ARG B 332 -26.03 -20.77 -57.48
N GLY B 333 -24.99 -20.19 -56.91
CA GLY B 333 -24.50 -18.91 -57.40
C GLY B 333 -25.25 -17.70 -56.88
N LEU B 334 -25.80 -17.79 -55.67
CA LEU B 334 -26.50 -16.66 -55.06
C LEU B 334 -25.50 -15.76 -54.36
N VAL B 335 -25.64 -14.44 -54.57
CA VAL B 335 -24.84 -13.45 -53.86
C VAL B 335 -25.57 -13.12 -52.57
N ILE B 336 -24.93 -13.38 -51.43
CA ILE B 336 -25.59 -13.40 -50.13
C ILE B 336 -25.13 -12.22 -49.30
N TRP B 337 -26.07 -11.62 -48.57
CA TRP B 337 -25.84 -10.55 -47.62
C TRP B 337 -26.11 -11.09 -46.22
N ALA B 338 -25.06 -11.24 -45.42
CA ALA B 338 -25.17 -11.68 -44.04
C ALA B 338 -25.19 -10.47 -43.11
N GLU B 339 -25.74 -10.68 -41.91
CA GLU B 339 -25.85 -9.62 -40.93
C GLU B 339 -26.05 -10.24 -39.55
N ILE B 340 -26.07 -9.38 -38.53
CA ILE B 340 -26.21 -9.81 -37.14
C ILE B 340 -27.48 -9.18 -36.59
N PRO B 341 -28.01 -9.74 -35.50
CA PRO B 341 -29.31 -9.27 -34.98
C PRO B 341 -29.28 -7.91 -34.33
N TYR B 342 -28.22 -7.13 -34.57
CA TYR B 342 -28.09 -5.77 -34.05
C TYR B 342 -29.13 -4.87 -34.70
N ILE B 343 -30.35 -4.89 -34.14
CA ILE B 343 -31.52 -4.32 -34.81
C ILE B 343 -32.31 -3.40 -33.90
N SER B 344 -32.94 -2.39 -34.50
CA SER B 344 -34.01 -1.60 -33.88
C SER B 344 -33.52 -0.59 -32.85
N SER B 345 -33.05 -1.08 -31.69
CA SER B 345 -32.67 -0.23 -30.58
C SER B 345 -31.26 -0.58 -30.14
N HIS B 346 -30.41 0.44 -30.03
CA HIS B 346 -29.03 0.23 -29.60
C HIS B 346 -28.99 0.16 -28.08
N MET B 347 -28.76 -1.03 -27.53
CA MET B 347 -28.55 -1.21 -26.11
C MET B 347 -27.08 -0.89 -25.80
N PRO B 348 -26.81 0.16 -25.03
CA PRO B 348 -25.42 0.45 -24.68
C PRO B 348 -24.71 -0.75 -24.06
N ASN B 349 -25.43 -1.55 -23.29
CA ASN B 349 -24.85 -2.72 -22.63
C ASN B 349 -24.77 -3.94 -23.54
N GLY B 350 -25.28 -3.84 -24.77
CA GLY B 350 -25.20 -4.93 -25.72
C GLY B 350 -24.01 -4.88 -26.65
N ARG B 351 -23.08 -3.96 -26.42
CA ARG B 351 -21.94 -3.82 -27.32
C ARG B 351 -21.10 -5.10 -27.37
N GLU B 352 -20.89 -5.74 -26.22
CA GLU B 352 -20.10 -6.96 -26.20
C GLU B 352 -20.74 -8.05 -27.04
N ASN B 353 -22.07 -8.17 -26.98
CA ASN B 353 -22.76 -9.20 -27.76
C ASN B 353 -22.61 -8.96 -29.26
N THR B 354 -22.65 -7.69 -29.68
CA THR B 354 -22.49 -7.38 -31.08
C THR B 354 -21.10 -7.79 -31.58
N ILE B 355 -20.07 -7.47 -30.80
CA ILE B 355 -18.71 -7.91 -31.15
C ILE B 355 -18.64 -9.42 -31.14
N SER B 356 -19.25 -10.06 -30.14
CA SER B 356 -19.20 -11.52 -30.04
C SER B 356 -19.83 -12.18 -31.28
N GLN B 357 -21.04 -11.78 -31.64
CA GLN B 357 -21.75 -12.44 -32.73
C GLN B 357 -21.11 -12.16 -34.08
N MET B 358 -20.56 -10.96 -34.28
CA MET B 358 -19.94 -10.64 -35.56
C MET B 358 -18.69 -11.48 -35.79
N LYS B 359 -17.88 -11.69 -34.76
CA LYS B 359 -16.73 -12.57 -34.90
C LYS B 359 -17.18 -13.96 -35.35
N GLU B 360 -18.16 -14.52 -34.66
CA GLU B 360 -18.67 -15.84 -35.04
C GLU B 360 -19.18 -15.84 -36.48
N LEU B 361 -19.79 -14.74 -36.91
CA LEU B 361 -20.36 -14.69 -38.25
C LEU B 361 -19.30 -14.66 -39.34
N VAL B 362 -18.09 -14.22 -39.02
CA VAL B 362 -17.06 -14.07 -40.04
C VAL B 362 -16.11 -15.25 -40.00
N VAL B 363 -15.83 -15.76 -38.79
CA VAL B 363 -14.99 -16.94 -38.66
C VAL B 363 -15.64 -18.14 -39.34
N GLN B 364 -16.89 -18.44 -38.98
CA GLN B 364 -17.55 -19.66 -39.43
C GLN B 364 -17.99 -19.61 -40.89
N ASN B 365 -18.19 -18.42 -41.46
CA ASN B 365 -18.68 -18.28 -42.82
C ASN B 365 -17.67 -17.60 -43.73
N TYR B 366 -16.39 -17.61 -43.36
CA TYR B 366 -15.38 -16.91 -44.14
C TYR B 366 -15.23 -17.50 -45.55
N ASN B 367 -15.40 -18.82 -45.68
CA ASN B 367 -15.11 -19.51 -46.93
C ASN B 367 -16.29 -19.58 -47.88
N HIS B 368 -17.43 -18.99 -47.52
CA HIS B 368 -18.60 -19.05 -48.39
C HIS B 368 -18.48 -18.01 -49.50
N PRO B 369 -18.17 -18.42 -50.72
CA PRO B 369 -17.97 -17.43 -51.80
C PRO B 369 -19.20 -16.61 -52.13
N SER B 370 -20.39 -17.06 -51.71
CA SER B 370 -21.61 -16.34 -52.01
C SER B 370 -21.73 -15.04 -51.23
N ILE B 371 -21.01 -14.92 -50.11
CA ILE B 371 -21.12 -13.75 -49.24
C ILE B 371 -20.17 -12.66 -49.73
N VAL B 372 -20.68 -11.44 -49.85
CA VAL B 372 -19.91 -10.33 -50.38
C VAL B 372 -19.92 -9.14 -49.43
N VAL B 373 -20.98 -9.03 -48.63
CA VAL B 373 -21.14 -7.91 -47.71
C VAL B 373 -21.56 -8.43 -46.34
N TRP B 374 -20.94 -7.88 -45.29
CA TRP B 374 -21.34 -8.14 -43.91
C TRP B 374 -22.17 -6.97 -43.41
N GLY B 375 -23.37 -7.26 -42.91
CA GLY B 375 -24.22 -6.24 -42.33
C GLY B 375 -23.89 -6.00 -40.86
N LEU B 376 -23.87 -4.73 -40.47
CA LEU B 376 -23.55 -4.37 -39.09
C LEU B 376 -24.80 -4.15 -38.25
N SER B 377 -25.84 -3.56 -38.82
CA SER B 377 -27.04 -3.25 -38.05
C SER B 377 -28.21 -3.05 -39.00
N ASN B 378 -29.42 -3.14 -38.44
CA ASN B 378 -30.65 -2.97 -39.19
C ASN B 378 -31.57 -2.03 -38.43
N GLU B 379 -31.87 -0.89 -39.03
CA GLU B 379 -32.77 0.09 -38.44
C GLU B 379 -32.39 0.38 -36.99
N ILE B 380 -31.08 0.56 -36.76
CA ILE B 380 -30.60 0.93 -35.43
C ILE B 380 -30.97 2.35 -35.03
N THR B 381 -31.59 3.13 -35.92
CA THR B 381 -32.00 4.52 -35.66
C THR B 381 -33.51 4.66 -35.43
N MET B 382 -34.25 3.55 -35.47
CA MET B 382 -35.66 3.53 -35.15
C MET B 382 -35.94 4.37 -33.92
N ALA B 383 -35.05 4.32 -32.94
CA ALA B 383 -35.19 5.09 -31.69
C ALA B 383 -34.44 6.41 -31.86
N GLY B 384 -35.19 7.48 -32.11
CA GLY B 384 -34.60 8.80 -32.23
C GLY B 384 -33.52 8.85 -33.30
N SER B 385 -32.49 9.64 -33.04
CA SER B 385 -31.35 9.72 -33.94
C SER B 385 -30.26 8.76 -33.49
N SER B 386 -29.00 9.12 -33.70
CA SER B 386 -27.86 8.33 -33.26
C SER B 386 -26.96 9.18 -32.39
N ASP B 387 -26.45 8.58 -31.32
CA ASP B 387 -25.56 9.26 -30.38
C ASP B 387 -24.17 8.65 -30.43
N GLU B 388 -23.31 9.08 -29.51
CA GLU B 388 -21.91 8.68 -29.55
C GLU B 388 -21.76 7.17 -29.36
N ASP B 389 -22.48 6.59 -28.41
CA ASP B 389 -22.34 5.16 -28.14
C ASP B 389 -22.69 4.34 -29.38
N LEU B 390 -23.75 4.72 -30.08
CA LEU B 390 -24.11 4.04 -31.32
C LEU B 390 -22.98 4.17 -32.35
N LEU B 391 -22.54 5.40 -32.61
CA LEU B 391 -21.49 5.61 -33.59
C LEU B 391 -20.21 4.86 -33.21
N GLU B 392 -19.86 4.87 -31.93
CA GLU B 392 -18.73 4.06 -31.47
C GLU B 392 -18.99 2.58 -31.72
N ASN B 393 -20.09 2.06 -31.17
CA ASN B 393 -20.46 0.66 -31.36
C ASN B 393 -20.35 0.25 -32.84
N HIS B 394 -20.76 1.12 -33.75
CA HIS B 394 -20.66 0.82 -35.17
C HIS B 394 -19.22 0.86 -35.65
N ARG B 395 -18.38 1.70 -35.04
CA ARG B 395 -17.01 1.86 -35.51
C ARG B 395 -16.18 0.62 -35.19
N ILE B 396 -16.27 0.12 -33.95
CA ILE B 396 -15.50 -1.06 -33.58
C ILE B 396 -15.86 -2.24 -34.47
N LEU B 397 -17.16 -2.40 -34.76
CA LEU B 397 -17.59 -3.49 -35.63
C LEU B 397 -17.07 -3.28 -37.05
N ASN B 398 -17.23 -2.07 -37.59
CA ASN B 398 -16.76 -1.78 -38.93
C ASN B 398 -15.27 -2.06 -39.06
N ASP B 399 -14.47 -1.52 -38.14
CA ASP B 399 -13.04 -1.74 -38.19
C ASP B 399 -12.70 -3.21 -37.93
N MET B 400 -13.49 -3.90 -37.12
CA MET B 400 -13.15 -5.26 -36.73
C MET B 400 -13.26 -6.21 -37.92
N VAL B 401 -14.35 -6.11 -38.68
CA VAL B 401 -14.51 -6.98 -39.84
C VAL B 401 -13.47 -6.64 -40.91
N HIS B 402 -13.21 -5.35 -41.11
CA HIS B 402 -12.20 -4.94 -42.07
C HIS B 402 -10.84 -5.59 -41.76
N GLU B 403 -10.53 -5.75 -40.48
CA GLU B 403 -9.26 -6.35 -40.10
C GLU B 403 -9.28 -7.86 -40.33
N MET B 404 -10.44 -8.51 -40.19
CA MET B 404 -10.49 -9.95 -40.36
C MET B 404 -10.70 -10.33 -41.83
N ASP B 405 -11.45 -9.52 -42.57
CA ASP B 405 -11.81 -9.82 -43.95
C ASP B 405 -11.49 -8.61 -44.84
N HIS B 406 -10.35 -8.68 -45.53
CA HIS B 406 -9.99 -7.67 -46.52
C HIS B 406 -10.67 -7.89 -47.86
N THR B 407 -11.51 -8.92 -47.99
CA THR B 407 -12.12 -9.27 -49.27
C THR B 407 -13.54 -8.78 -49.43
N ARG B 408 -14.31 -8.66 -48.36
CA ARG B 408 -15.71 -8.30 -48.43
C ARG B 408 -15.90 -6.86 -47.94
N LEU B 409 -17.13 -6.38 -48.05
CA LEU B 409 -17.50 -5.01 -47.70
C LEU B 409 -18.52 -5.01 -46.56
N THR B 410 -18.47 -3.96 -45.75
CA THR B 410 -19.44 -3.77 -44.68
C THR B 410 -20.64 -2.97 -45.22
N THR B 411 -21.78 -3.16 -44.56
CA THR B 411 -23.00 -2.51 -44.99
C THR B 411 -23.94 -2.35 -43.80
N ILE B 412 -25.00 -1.58 -44.01
CA ILE B 412 -26.01 -1.36 -42.99
C ILE B 412 -27.35 -1.12 -43.68
N ALA B 413 -28.42 -1.58 -43.05
CA ALA B 413 -29.78 -1.29 -43.47
C ALA B 413 -30.31 -0.14 -42.63
N VAL B 414 -30.76 0.92 -43.29
CA VAL B 414 -31.17 2.16 -42.63
C VAL B 414 -32.69 2.24 -42.59
N VAL B 415 -33.23 2.62 -41.43
CA VAL B 415 -34.66 2.81 -41.31
C VAL B 415 -35.10 3.90 -42.30
N SER B 416 -36.39 3.86 -42.66
CA SER B 416 -36.90 4.74 -43.69
C SER B 416 -36.79 6.20 -43.29
N MET B 417 -37.09 6.50 -42.01
CA MET B 417 -37.11 7.90 -41.57
C MET B 417 -35.72 8.48 -41.38
N CYS B 418 -34.68 7.66 -41.34
CA CYS B 418 -33.35 8.14 -40.98
C CYS B 418 -32.91 9.24 -41.92
N ASP B 419 -32.54 10.38 -41.34
CA ASP B 419 -31.99 11.48 -42.12
C ASP B 419 -30.76 11.02 -42.89
N ILE B 420 -30.67 11.44 -44.15
CA ILE B 420 -29.53 11.05 -44.98
C ILE B 420 -28.23 11.69 -44.54
N HIS B 421 -28.29 12.66 -43.64
CA HIS B 421 -27.09 13.32 -43.12
C HIS B 421 -26.68 12.78 -41.75
N ASP B 422 -27.29 11.70 -41.30
CA ASP B 422 -26.93 11.14 -40.01
C ASP B 422 -25.51 10.57 -40.10
N PRO B 423 -24.66 10.84 -39.11
CA PRO B 423 -23.24 10.46 -39.23
C PRO B 423 -23.01 8.97 -39.44
N TYR B 424 -23.87 8.14 -38.88
CA TYR B 424 -23.62 6.68 -38.87
C TYR B 424 -23.57 6.11 -40.29
N ILE B 425 -24.46 6.58 -41.15
CA ILE B 425 -24.54 6.05 -42.50
C ILE B 425 -23.24 6.25 -43.26
N GLN B 426 -22.37 7.17 -42.80
CA GLN B 426 -21.08 7.40 -43.42
C GLN B 426 -20.01 6.42 -42.93
N ILE B 427 -20.34 5.53 -42.00
CA ILE B 427 -19.36 4.65 -41.37
C ILE B 427 -19.04 3.47 -42.27
N PRO B 428 -20.03 2.75 -42.79
CA PRO B 428 -19.74 1.54 -43.58
C PRO B 428 -19.52 1.86 -45.05
N ASP B 429 -18.92 0.89 -45.74
CA ASP B 429 -18.59 1.07 -47.15
C ASP B 429 -19.84 1.34 -47.97
N VAL B 430 -20.84 0.47 -47.88
CA VAL B 430 -22.07 0.61 -48.65
C VAL B 430 -23.25 0.68 -47.68
N ILE B 431 -24.37 1.22 -48.16
CA ILE B 431 -25.56 1.39 -47.35
C ILE B 431 -26.80 1.05 -48.17
N SER B 432 -27.86 0.70 -47.44
CA SER B 432 -29.17 0.44 -48.04
C SER B 432 -30.24 1.00 -47.12
N TYR B 433 -31.42 1.23 -47.70
CA TYR B 433 -32.55 1.81 -46.96
C TYR B 433 -33.72 0.84 -46.96
N ASN B 434 -34.46 0.82 -45.85
CA ASN B 434 -35.73 0.11 -45.75
C ASN B 434 -36.84 1.11 -46.01
N HIS B 435 -37.44 1.04 -47.20
CA HIS B 435 -38.47 1.98 -47.61
C HIS B 435 -39.77 1.23 -47.90
N TYR B 436 -40.84 1.64 -47.23
CA TYR B 436 -42.16 1.07 -47.42
C TYR B 436 -43.14 2.11 -47.94
N PHE B 437 -42.69 2.89 -48.92
CA PHE B 437 -43.57 3.83 -49.61
C PHE B 437 -44.52 3.05 -50.51
N GLY B 438 -45.81 3.11 -50.23
CA GLY B 438 -46.82 2.32 -50.89
C GLY B 438 -47.55 1.37 -49.96
N TRP B 439 -47.00 1.08 -48.79
CA TRP B 439 -47.67 0.30 -47.77
C TRP B 439 -47.83 1.07 -46.46
N TYR B 440 -46.76 1.64 -45.94
CA TYR B 440 -46.80 2.43 -44.71
C TYR B 440 -47.04 3.91 -44.97
N GLY B 441 -47.65 4.25 -46.11
CA GLY B 441 -47.89 5.63 -46.45
C GLY B 441 -47.30 6.04 -47.79
N GLY B 442 -47.75 7.16 -48.32
CA GLY B 442 -47.23 7.66 -49.58
C GLY B 442 -47.58 6.76 -50.75
N ASP B 443 -47.06 7.15 -51.91
CA ASP B 443 -47.29 6.41 -53.15
C ASP B 443 -46.20 5.36 -53.35
N VAL B 444 -46.55 4.34 -54.14
CA VAL B 444 -45.52 3.41 -54.61
C VAL B 444 -44.58 4.11 -55.58
N SER B 445 -44.99 5.27 -56.11
CA SER B 445 -44.14 6.04 -56.99
C SER B 445 -43.09 6.85 -56.26
N MET B 446 -43.23 7.01 -54.93
CA MET B 446 -42.28 7.81 -54.17
C MET B 446 -40.89 7.17 -54.12
N ASN B 447 -40.79 5.86 -54.32
CA ASN B 447 -39.52 5.17 -54.13
C ASN B 447 -38.52 5.54 -55.21
N GLY B 448 -38.98 5.66 -56.46
CA GLY B 448 -38.11 6.00 -57.55
C GLY B 448 -37.32 7.27 -57.30
N PRO B 449 -38.03 8.38 -57.09
CA PRO B 449 -37.32 9.65 -56.83
C PRO B 449 -36.45 9.62 -55.59
N TRP B 450 -36.94 9.05 -54.49
CA TRP B 450 -36.18 9.08 -53.23
C TRP B 450 -34.77 8.53 -53.44
N MET B 451 -34.65 7.36 -54.04
CA MET B 451 -33.33 6.78 -54.29
C MET B 451 -32.51 7.70 -55.18
N ASP B 452 -33.15 8.37 -56.13
CA ASP B 452 -32.44 9.31 -57.00
C ASP B 452 -31.89 10.48 -56.19
N ASN B 453 -32.73 11.11 -55.38
CA ASN B 453 -32.30 12.30 -54.64
C ASN B 453 -31.21 11.96 -53.63
N PHE B 454 -31.23 10.76 -53.05
CA PHE B 454 -30.13 10.35 -52.19
C PHE B 454 -28.86 10.15 -53.01
N HIS B 455 -28.96 9.50 -54.17
CA HIS B 455 -27.80 9.27 -55.01
C HIS B 455 -27.22 10.58 -55.54
N LYS B 456 -28.01 11.64 -55.60
CA LYS B 456 -27.49 12.95 -56.01
C LYS B 456 -26.69 13.59 -54.88
N GLU B 457 -27.13 13.42 -53.63
CA GLU B 457 -26.42 14.01 -52.51
C GLU B 457 -25.12 13.25 -52.22
N PHE B 458 -25.17 11.93 -52.26
CA PHE B 458 -24.02 11.08 -51.93
C PHE B 458 -23.77 10.12 -53.09
N PRO B 459 -23.24 10.62 -54.20
CA PRO B 459 -23.08 9.77 -55.39
C PRO B 459 -21.93 8.78 -55.31
N ASN B 460 -21.07 8.86 -54.29
CA ASN B 460 -19.98 7.92 -54.13
C ASN B 460 -20.28 6.85 -53.10
N ILE B 461 -21.47 6.87 -52.50
CA ILE B 461 -21.89 5.85 -51.54
C ILE B 461 -22.82 4.89 -52.26
N PRO B 462 -22.39 3.66 -52.55
CA PRO B 462 -23.29 2.70 -53.25
C PRO B 462 -24.58 2.51 -52.48
N LEU B 463 -25.69 2.90 -53.10
CA LEU B 463 -27.00 2.85 -52.47
C LEU B 463 -27.76 1.62 -52.94
N GLY B 464 -28.40 0.93 -51.99
CA GLY B 464 -29.23 -0.21 -52.29
C GLY B 464 -30.54 -0.14 -51.52
N MET B 465 -31.44 -1.06 -51.87
CA MET B 465 -32.74 -1.17 -51.22
C MET B 465 -32.71 -2.41 -50.34
N SER B 466 -32.61 -2.19 -49.02
CA SER B 466 -32.53 -3.33 -48.10
C SER B 466 -33.86 -4.04 -47.98
N GLU B 467 -34.97 -3.30 -48.02
CA GLU B 467 -36.27 -3.89 -47.78
C GLU B 467 -37.36 -3.12 -48.51
N TYR B 468 -38.24 -3.87 -49.17
CA TYR B 468 -39.50 -3.34 -49.66
C TYR B 468 -40.49 -4.50 -49.72
N GLY B 469 -41.75 -4.19 -49.53
CA GLY B 469 -42.75 -5.24 -49.52
C GLY B 469 -44.14 -4.68 -49.30
N CYS B 470 -45.10 -5.59 -49.35
CA CYS B 470 -46.51 -5.27 -49.15
C CYS B 470 -47.19 -6.50 -48.55
N GLU B 471 -48.15 -6.25 -47.66
CA GLU B 471 -48.88 -7.35 -47.05
C GLU B 471 -49.91 -7.89 -48.04
N ALA B 472 -50.09 -9.21 -48.02
CA ALA B 472 -51.00 -9.87 -48.95
C ALA B 472 -51.53 -11.13 -48.31
N LEU B 473 -52.86 -11.23 -48.20
CA LEU B 473 -53.52 -12.44 -47.73
C LEU B 473 -54.48 -12.95 -48.79
N ASN B 474 -55.50 -13.70 -48.37
CA ASN B 474 -56.44 -14.29 -49.31
C ASN B 474 -57.59 -13.33 -49.57
N TRP B 475 -57.31 -12.04 -49.54
CA TRP B 475 -58.32 -11.04 -49.82
C TRP B 475 -58.20 -10.56 -51.26
N HIS B 476 -59.35 -10.24 -51.86
CA HIS B 476 -59.39 -9.89 -53.26
C HIS B 476 -60.41 -8.79 -53.53
N THR B 477 -60.11 -7.97 -54.54
CA THR B 477 -60.97 -6.86 -54.94
C THR B 477 -60.68 -6.52 -56.39
N SER B 478 -61.54 -5.67 -56.96
CA SER B 478 -61.37 -5.18 -58.32
C SER B 478 -60.81 -3.77 -58.37
N ASP B 479 -60.74 -3.08 -57.24
CA ASP B 479 -60.13 -1.75 -57.14
C ASP B 479 -58.98 -1.83 -56.15
N PRO B 480 -57.78 -2.13 -56.61
CA PRO B 480 -56.62 -2.20 -55.70
C PRO B 480 -56.50 -0.91 -54.89
N LYS B 481 -56.40 -1.08 -53.57
CA LYS B 481 -56.27 0.04 -52.65
C LYS B 481 -55.35 -0.35 -51.51
N GLN B 482 -54.43 0.55 -51.16
CA GLN B 482 -53.49 0.29 -50.08
C GLN B 482 -54.25 0.14 -48.77
N GLY B 483 -53.98 -0.97 -48.08
CA GLY B 483 -54.60 -1.25 -46.79
C GLY B 483 -55.61 -2.37 -46.81
N ASP B 484 -55.94 -2.92 -47.98
CA ASP B 484 -56.91 -4.00 -48.08
C ASP B 484 -56.30 -5.38 -47.86
N TYR B 485 -54.98 -5.51 -47.99
CA TYR B 485 -54.28 -6.77 -47.75
C TYR B 485 -54.59 -7.82 -48.81
N THR B 486 -54.86 -7.38 -50.04
CA THR B 486 -55.23 -8.29 -51.12
C THR B 486 -54.03 -8.61 -52.01
N GLU B 487 -54.06 -9.80 -52.61
CA GLU B 487 -53.07 -10.17 -53.60
C GLU B 487 -52.97 -9.11 -54.70
N GLU B 488 -54.12 -8.58 -55.13
CA GLU B 488 -54.14 -7.67 -56.26
C GLU B 488 -53.29 -6.43 -56.00
N TYR B 489 -53.49 -5.79 -54.84
CA TYR B 489 -52.70 -4.60 -54.53
C TYR B 489 -51.22 -4.95 -54.37
N GLN B 490 -50.93 -6.05 -53.68
CA GLN B 490 -49.53 -6.46 -53.52
C GLN B 490 -48.89 -6.70 -54.89
N ALA B 491 -49.63 -7.32 -55.81
CA ALA B 491 -49.13 -7.49 -57.17
C ALA B 491 -48.92 -6.15 -57.85
N TYR B 492 -49.88 -5.22 -57.70
CA TYR B 492 -49.71 -3.89 -58.25
C TYR B 492 -48.50 -3.19 -57.64
N TYR B 493 -48.33 -3.30 -56.33
CA TYR B 493 -47.20 -2.65 -55.66
C TYR B 493 -45.87 -3.12 -56.25
N HIS B 494 -45.73 -4.43 -56.44
CA HIS B 494 -44.46 -4.97 -56.92
C HIS B 494 -44.27 -4.73 -58.41
N GLU B 495 -45.35 -4.57 -59.17
CA GLU B 495 -45.21 -4.17 -60.57
C GLU B 495 -44.55 -2.81 -60.68
N GLU B 496 -45.07 -1.83 -59.93
CA GLU B 496 -44.46 -0.50 -59.92
C GLU B 496 -43.07 -0.53 -59.28
N MET B 497 -42.91 -1.33 -58.22
CA MET B 497 -41.60 -1.46 -57.59
C MET B 497 -40.57 -1.97 -58.59
N ILE B 498 -40.92 -3.03 -59.34
CA ILE B 498 -39.98 -3.59 -60.31
C ILE B 498 -39.64 -2.55 -61.38
N LYS B 499 -40.65 -1.82 -61.87
CA LYS B 499 -40.41 -0.85 -62.93
C LYS B 499 -39.55 0.32 -62.47
N GLN B 500 -39.46 0.57 -61.16
CA GLN B 500 -38.64 1.65 -60.65
C GLN B 500 -37.23 1.19 -60.29
N LEU B 501 -37.12 0.06 -59.56
CA LEU B 501 -35.83 -0.38 -59.06
C LEU B 501 -35.00 -1.08 -60.14
N PHE B 502 -35.64 -1.90 -60.96
CA PHE B 502 -34.91 -2.73 -61.92
C PHE B 502 -34.36 -1.93 -63.10
N THR B 503 -34.82 -0.70 -63.29
CA THR B 503 -34.35 0.16 -64.36
C THR B 503 -33.28 1.15 -63.90
N ARG B 504 -32.99 1.19 -62.60
CA ARG B 504 -31.98 2.09 -62.04
C ARG B 504 -30.77 1.24 -61.67
N LYS B 505 -29.70 1.36 -62.47
CA LYS B 505 -28.56 0.49 -62.29
C LYS B 505 -27.70 0.87 -61.09
N TYR B 506 -27.79 2.12 -60.62
CA TYR B 506 -26.94 2.53 -59.50
C TYR B 506 -27.33 1.82 -58.21
N ILE B 507 -28.60 1.39 -58.10
CA ILE B 507 -29.05 0.59 -56.97
C ILE B 507 -28.23 -0.70 -56.94
N TRP B 508 -27.13 -0.71 -56.18
CA TRP B 508 -26.22 -1.85 -56.22
C TRP B 508 -26.88 -3.17 -55.84
N ALA B 509 -28.08 -3.13 -55.26
CA ALA B 509 -28.81 -4.36 -54.95
C ALA B 509 -30.17 -4.06 -54.35
N THR B 510 -31.16 -4.89 -54.68
CA THR B 510 -32.50 -4.80 -54.11
C THR B 510 -32.85 -6.11 -53.42
N HIS B 511 -33.68 -6.02 -52.39
CA HIS B 511 -34.10 -7.19 -51.62
C HIS B 511 -35.56 -6.99 -51.22
N VAL B 512 -36.47 -7.68 -51.91
CA VAL B 512 -37.87 -7.64 -51.52
C VAL B 512 -38.04 -8.31 -50.17
N TRP B 513 -38.81 -7.69 -49.29
CA TRP B 513 -39.11 -8.22 -47.97
C TRP B 513 -40.59 -8.61 -47.94
N ASN B 514 -40.86 -9.91 -47.82
CA ASN B 514 -39.93 -11.03 -47.72
C ASN B 514 -40.21 -12.03 -48.84
N MET B 515 -39.40 -13.07 -48.96
CA MET B 515 -39.70 -14.12 -49.93
C MET B 515 -40.80 -15.04 -49.41
N PHE B 516 -40.87 -15.24 -48.10
CA PHE B 516 -41.93 -16.01 -47.47
C PHE B 516 -42.48 -15.22 -46.28
N ASP B 517 -43.75 -15.46 -45.97
CA ASP B 517 -44.30 -14.99 -44.72
C ASP B 517 -43.61 -15.70 -43.57
N PHE B 518 -43.41 -14.98 -42.47
CA PHE B 518 -42.61 -15.47 -41.37
C PHE B 518 -43.32 -15.22 -40.05
N GLY B 519 -42.75 -15.82 -39.01
CA GLY B 519 -43.32 -15.73 -37.68
C GLY B 519 -43.02 -14.38 -37.05
N ALA B 520 -44.07 -13.72 -36.56
CA ALA B 520 -43.93 -12.48 -35.81
C ALA B 520 -45.05 -12.36 -34.78
N ASP B 521 -44.93 -13.04 -33.64
CA ASP B 521 -46.06 -13.19 -32.72
C ASP B 521 -46.64 -11.86 -32.26
N ALA B 522 -45.88 -10.77 -32.37
CA ALA B 522 -46.39 -9.48 -31.94
C ALA B 522 -47.42 -8.90 -32.90
N ARG B 523 -47.38 -9.37 -34.14
CA ARG B 523 -48.29 -8.80 -35.16
C ARG B 523 -49.69 -9.38 -34.98
N ASN B 524 -50.72 -8.55 -35.11
CA ASN B 524 -52.12 -8.95 -34.97
C ASN B 524 -52.95 -8.19 -36.00
N GLU B 525 -52.68 -8.44 -37.28
CA GLU B 525 -53.33 -7.70 -38.35
C GLU B 525 -53.61 -8.64 -39.52
N GLY B 526 -54.52 -8.20 -40.40
CA GLY B 526 -54.78 -8.88 -41.65
C GLY B 526 -55.79 -10.01 -41.58
N GLY B 527 -56.09 -10.52 -40.39
CA GLY B 527 -56.95 -11.67 -40.21
C GLY B 527 -56.22 -12.91 -39.76
N GLU B 528 -54.93 -13.00 -40.04
CA GLU B 528 -54.07 -14.08 -39.55
C GLU B 528 -53.00 -13.44 -38.67
N ASN B 529 -53.23 -13.47 -37.36
CA ASN B 529 -52.34 -12.81 -36.42
C ASN B 529 -51.08 -13.63 -36.19
N GLY B 530 -50.03 -12.93 -35.75
CA GLY B 530 -48.76 -13.58 -35.46
C GLY B 530 -47.88 -13.82 -36.67
N GLN B 531 -48.15 -13.15 -37.79
CA GLN B 531 -47.39 -13.37 -39.01
C GLN B 531 -47.24 -12.05 -39.76
N ASN B 532 -46.12 -11.94 -40.48
CA ASN B 532 -45.90 -10.86 -41.44
C ASN B 532 -46.15 -11.43 -42.83
N HIS B 533 -47.27 -11.05 -43.42
CA HIS B 533 -47.70 -11.59 -44.72
C HIS B 533 -47.15 -10.79 -45.89
N LYS B 534 -45.93 -10.27 -45.78
CA LYS B 534 -45.32 -9.48 -46.83
C LYS B 534 -44.47 -10.32 -47.79
N GLY B 535 -44.59 -11.64 -47.73
CA GLY B 535 -43.76 -12.47 -48.58
C GLY B 535 -44.38 -12.73 -49.94
N LEU B 536 -43.54 -13.23 -50.85
CA LEU B 536 -44.01 -13.64 -52.17
C LEU B 536 -44.59 -15.03 -52.15
N VAL B 537 -44.32 -15.80 -51.09
CA VAL B 537 -44.89 -17.12 -50.88
C VAL B 537 -45.47 -17.15 -49.47
N THR B 538 -46.21 -18.21 -49.16
CA THR B 538 -46.87 -18.34 -47.88
C THR B 538 -46.00 -19.06 -46.87
N PHE B 539 -46.31 -18.83 -45.58
CA PHE B 539 -45.51 -19.41 -44.51
C PHE B 539 -45.38 -20.92 -44.66
N ASP B 540 -46.45 -21.59 -45.08
CA ASP B 540 -46.40 -23.03 -45.36
C ASP B 540 -45.66 -23.34 -46.65
N ARG B 541 -45.24 -22.32 -47.40
CA ARG B 541 -44.54 -22.52 -48.69
C ARG B 541 -45.38 -23.38 -49.63
N LYS B 542 -46.70 -23.13 -49.63
CA LYS B 542 -47.63 -23.92 -50.43
C LYS B 542 -48.36 -23.13 -51.50
N TYR B 543 -48.37 -21.80 -51.43
CA TYR B 543 -49.04 -20.96 -52.42
C TYR B 543 -48.09 -19.86 -52.86
N LYS B 544 -47.65 -19.92 -54.12
CA LYS B 544 -46.86 -18.86 -54.72
C LYS B 544 -47.81 -17.74 -55.15
N LYS B 545 -47.77 -16.62 -54.41
CA LYS B 545 -48.68 -15.52 -54.71
C LYS B 545 -48.37 -14.94 -56.09
N ASP B 546 -49.30 -14.10 -56.57
CA ASP B 546 -49.16 -13.52 -57.89
C ASP B 546 -47.90 -12.67 -58.02
N SER B 547 -47.44 -12.07 -56.91
CA SER B 547 -46.22 -11.28 -56.97
C SER B 547 -45.00 -12.15 -57.27
N PHE B 548 -45.04 -13.42 -56.87
CA PHE B 548 -43.92 -14.32 -57.15
C PHE B 548 -43.65 -14.41 -58.65
N TYR B 549 -44.72 -14.38 -59.46
CA TYR B 549 -44.54 -14.55 -60.90
C TYR B 549 -44.21 -13.24 -61.59
N ALA B 550 -44.58 -12.11 -60.99
CA ALA B 550 -44.17 -10.83 -61.54
C ALA B 550 -42.65 -10.72 -61.56
N TYR B 551 -41.99 -11.24 -60.53
CA TYR B 551 -40.54 -11.25 -60.50
C TYR B 551 -39.95 -12.30 -61.43
N LYS B 552 -40.55 -13.51 -61.45
CA LYS B 552 -40.10 -14.54 -62.37
C LYS B 552 -40.11 -14.03 -63.81
N ALA B 553 -41.01 -13.11 -64.14
CA ALA B 553 -41.06 -12.57 -65.50
C ALA B 553 -39.79 -11.80 -65.84
N TRP B 554 -39.22 -11.09 -64.86
CA TRP B 554 -38.05 -10.25 -65.11
C TRP B 554 -36.74 -10.96 -64.85
N LEU B 555 -36.71 -11.97 -63.98
CA LEU B 555 -35.46 -12.56 -63.51
C LEU B 555 -35.31 -14.04 -63.84
N SER B 556 -36.32 -14.69 -64.40
CA SER B 556 -36.29 -16.12 -64.65
C SER B 556 -36.09 -16.41 -66.12
N ASP B 557 -35.12 -17.26 -66.43
CA ASP B 557 -34.90 -17.74 -67.79
C ASP B 557 -35.73 -18.96 -68.13
N GLU B 558 -36.74 -19.28 -67.31
CA GLU B 558 -37.57 -20.45 -67.53
C GLU B 558 -38.89 -20.02 -68.13
N PRO B 559 -39.28 -20.54 -69.29
CA PRO B 559 -40.54 -20.11 -69.92
C PRO B 559 -41.73 -20.41 -69.02
N PHE B 560 -42.58 -19.41 -68.83
CA PHE B 560 -43.80 -19.57 -68.06
C PHE B 560 -44.84 -18.57 -68.55
N VAL B 561 -46.09 -18.85 -68.19
CA VAL B 561 -47.21 -17.96 -68.47
C VAL B 561 -48.22 -18.13 -67.34
N HIS B 562 -48.44 -17.07 -66.56
CA HIS B 562 -49.23 -17.14 -65.34
C HIS B 562 -50.45 -16.26 -65.44
N LEU B 563 -51.61 -16.82 -65.15
CA LEU B 563 -52.85 -16.07 -65.05
C LEU B 563 -52.99 -15.53 -63.63
N CYS B 564 -53.11 -14.21 -63.51
CA CYS B 564 -53.25 -13.57 -62.20
C CYS B 564 -54.72 -13.42 -61.85
N GLY B 565 -55.04 -13.72 -60.59
CA GLY B 565 -56.41 -13.64 -60.10
C GLY B 565 -57.16 -14.95 -60.07
N LYS B 566 -56.47 -16.09 -60.13
CA LYS B 566 -57.13 -17.39 -60.18
C LYS B 566 -57.94 -17.66 -58.91
N ARG B 567 -57.86 -16.79 -57.92
CA ARG B 567 -58.67 -16.89 -56.72
C ARG B 567 -59.76 -15.84 -56.63
N TYR B 568 -59.82 -14.92 -57.59
CA TYR B 568 -60.86 -13.89 -57.64
C TYR B 568 -61.80 -14.23 -58.80
N VAL B 569 -62.74 -15.13 -58.53
CA VAL B 569 -63.64 -15.63 -59.56
C VAL B 569 -64.93 -14.83 -59.61
N ASP B 570 -65.60 -14.69 -58.48
CA ASP B 570 -66.89 -14.00 -58.42
C ASP B 570 -66.65 -12.50 -58.45
N ARG B 571 -66.92 -11.87 -59.60
CA ARG B 571 -66.74 -10.44 -59.77
C ARG B 571 -68.04 -9.82 -60.29
N VAL B 572 -68.36 -8.63 -59.79
CA VAL B 572 -69.61 -7.98 -60.14
C VAL B 572 -69.48 -7.11 -61.38
N GLU B 573 -68.29 -6.56 -61.64
CA GLU B 573 -68.08 -5.73 -62.81
C GLU B 573 -68.56 -6.45 -64.07
N ASP B 574 -69.08 -5.68 -65.02
CA ASP B 574 -69.51 -6.27 -66.28
C ASP B 574 -68.35 -6.47 -67.25
N THR B 575 -67.32 -5.63 -67.17
CA THR B 575 -66.08 -5.81 -67.91
C THR B 575 -64.96 -6.01 -66.91
N THR B 576 -64.36 -7.19 -66.92
CA THR B 576 -63.32 -7.53 -65.96
C THR B 576 -61.95 -7.10 -66.47
N LYS B 577 -60.95 -7.26 -65.61
CA LYS B 577 -59.57 -6.97 -65.93
C LYS B 577 -58.73 -8.19 -65.62
N VAL B 578 -57.96 -8.65 -66.60
CA VAL B 578 -57.17 -9.87 -66.49
C VAL B 578 -55.71 -9.52 -66.77
N THR B 579 -54.82 -9.94 -65.88
CA THR B 579 -53.39 -9.70 -66.01
C THR B 579 -52.67 -11.03 -66.13
N VAL B 580 -51.64 -11.07 -66.99
CA VAL B 580 -50.84 -12.26 -67.23
C VAL B 580 -49.38 -11.88 -67.13
N TYR B 581 -48.62 -12.63 -66.34
CA TYR B 581 -47.18 -12.45 -66.23
C TYR B 581 -46.48 -13.50 -67.07
N SER B 582 -45.46 -13.08 -67.81
CA SER B 582 -44.74 -14.01 -68.66
C SER B 582 -43.37 -13.42 -68.99
N ASN B 583 -42.35 -14.28 -68.97
CA ASN B 583 -41.03 -13.94 -69.49
C ASN B 583 -40.91 -14.15 -70.98
N LEU B 584 -42.02 -14.35 -71.67
CA LEU B 584 -42.07 -14.60 -73.09
C LEU B 584 -42.55 -13.35 -73.83
N PRO B 585 -42.41 -13.33 -75.16
CA PRO B 585 -42.67 -12.09 -75.90
C PRO B 585 -44.14 -11.80 -76.17
N GLU B 586 -44.89 -12.80 -76.62
CA GLU B 586 -46.28 -12.61 -77.01
C GLU B 586 -47.19 -13.51 -76.18
N VAL B 587 -48.34 -12.98 -75.80
CA VAL B 587 -49.29 -13.69 -74.95
C VAL B 587 -50.70 -13.43 -75.48
N GLU B 588 -51.44 -14.51 -75.77
CA GLU B 588 -52.80 -14.43 -76.26
C GLU B 588 -53.74 -15.06 -75.23
N LEU B 589 -54.84 -14.38 -74.93
CA LEU B 589 -55.81 -14.84 -73.95
C LEU B 589 -57.14 -15.08 -74.63
N PHE B 590 -57.73 -16.26 -74.39
CA PHE B 590 -58.98 -16.67 -75.03
C PHE B 590 -60.08 -16.72 -73.97
N VAL B 591 -61.07 -15.84 -74.11
CA VAL B 591 -62.22 -15.83 -73.22
C VAL B 591 -63.24 -16.82 -73.76
N ASN B 592 -63.30 -18.00 -73.15
CA ASN B 592 -64.23 -19.05 -73.57
C ASN B 592 -63.98 -19.47 -75.03
N GLY B 593 -62.71 -19.61 -75.39
CA GLY B 593 -62.32 -20.03 -76.71
C GLY B 593 -62.14 -18.91 -77.72
N LYS B 594 -62.70 -17.72 -77.45
CA LYS B 594 -62.61 -16.60 -78.37
C LYS B 594 -61.48 -15.68 -77.93
N SER B 595 -60.50 -15.50 -78.80
CA SER B 595 -59.34 -14.67 -78.46
C SER B 595 -59.76 -13.25 -78.15
N ALA B 596 -59.14 -12.67 -77.13
CA ALA B 596 -59.31 -11.26 -76.80
C ALA B 596 -58.18 -10.39 -77.33
N GLY B 597 -57.27 -10.97 -78.12
CA GLY B 597 -56.13 -10.26 -78.63
C GLY B 597 -54.82 -10.95 -78.29
N LYS B 598 -53.77 -10.67 -79.07
CA LYS B 598 -52.42 -11.12 -78.77
C LYS B 598 -51.60 -9.88 -78.42
N LEU B 599 -51.19 -9.78 -77.16
CA LEU B 599 -50.53 -8.59 -76.65
C LEU B 599 -49.04 -8.83 -76.46
N GLN B 600 -48.29 -7.74 -76.49
CA GLN B 600 -46.89 -7.71 -76.08
C GLN B 600 -46.75 -6.74 -74.93
N ALA B 601 -45.58 -6.76 -74.28
CA ALA B 601 -45.36 -5.90 -73.14
C ALA B 601 -43.91 -5.91 -72.69
N GLU B 602 -43.28 -4.73 -72.64
CA GLU B 602 -41.91 -4.65 -72.14
C GLU B 602 -41.85 -4.84 -70.63
N ASP B 603 -42.88 -4.37 -69.91
CA ASP B 603 -42.93 -4.45 -68.45
C ASP B 603 -43.21 -5.90 -68.07
N HIS B 604 -43.39 -6.74 -69.09
CA HIS B 604 -43.67 -8.15 -68.93
C HIS B 604 -45.00 -8.39 -68.24
N PHE B 605 -45.82 -7.36 -68.06
CA PHE B 605 -47.14 -7.47 -67.45
C PHE B 605 -48.18 -7.19 -68.53
N PHE B 606 -48.78 -8.25 -69.04
CA PHE B 606 -49.82 -8.13 -70.07
C PHE B 606 -51.17 -7.95 -69.39
N HIS B 607 -51.84 -6.83 -69.66
CA HIS B 607 -53.10 -6.48 -69.03
C HIS B 607 -54.20 -6.49 -70.09
N PHE B 608 -55.12 -7.44 -69.98
CA PHE B 608 -56.31 -7.49 -70.82
C PHE B 608 -57.52 -7.02 -70.02
N GLU B 609 -58.55 -6.60 -70.76
CA GLU B 609 -59.83 -6.19 -70.16
C GLU B 609 -60.94 -6.93 -70.89
N VAL B 610 -61.58 -7.88 -70.23
CA VAL B 610 -62.54 -8.79 -70.84
C VAL B 610 -63.89 -8.56 -70.20
N PRO B 611 -64.95 -8.32 -70.98
CA PRO B 611 -66.31 -8.31 -70.41
C PRO B 611 -66.61 -9.60 -69.67
N ASN B 612 -67.32 -9.48 -68.55
CA ASN B 612 -67.61 -10.59 -67.65
C ASN B 612 -69.05 -11.04 -67.84
N VAL B 613 -69.24 -12.27 -68.31
CA VAL B 613 -70.57 -12.78 -68.66
C VAL B 613 -70.65 -14.25 -68.25
N GLY B 614 -71.40 -14.52 -67.19
CA GLY B 614 -71.60 -15.88 -66.75
C GLY B 614 -70.30 -16.59 -66.41
N GLU B 615 -70.38 -17.91 -66.34
CA GLU B 615 -69.20 -18.74 -66.06
C GLU B 615 -68.30 -18.74 -67.28
N SER B 616 -67.11 -18.14 -67.14
CA SER B 616 -66.16 -18.03 -68.24
C SER B 616 -64.85 -18.70 -67.86
N THR B 617 -64.22 -19.34 -68.84
CA THR B 617 -62.93 -20.02 -68.66
C THR B 617 -61.89 -19.30 -69.51
N LEU B 618 -60.99 -18.59 -68.85
CA LEU B 618 -59.92 -17.88 -69.55
C LEU B 618 -58.71 -18.79 -69.72
N VAL B 619 -58.08 -18.71 -70.89
CA VAL B 619 -56.88 -19.47 -71.18
C VAL B 619 -55.90 -18.55 -71.91
N ALA B 620 -54.70 -18.39 -71.37
CA ALA B 620 -53.66 -17.57 -71.96
C ALA B 620 -52.56 -18.48 -72.50
N VAL B 621 -52.19 -18.26 -73.76
CA VAL B 621 -51.19 -19.05 -74.44
C VAL B 621 -50.01 -18.16 -74.78
N ALA B 622 -48.80 -18.66 -74.53
CA ALA B 622 -47.54 -18.00 -74.91
C ALA B 622 -46.76 -19.02 -75.72
N GLY B 623 -46.97 -19.03 -77.03
CA GLY B 623 -46.36 -20.03 -77.89
C GLY B 623 -46.73 -21.44 -77.46
N GLU B 624 -45.78 -22.16 -76.87
CA GLU B 624 -45.99 -23.53 -76.44
C GLU B 624 -46.38 -23.64 -74.98
N TYR B 625 -46.78 -22.54 -74.35
CA TYR B 625 -47.10 -22.52 -72.93
C TYR B 625 -48.46 -21.88 -72.71
N LYS B 626 -49.18 -22.38 -71.70
CA LYS B 626 -50.55 -21.98 -71.47
C LYS B 626 -50.86 -22.04 -69.98
N ASP B 627 -51.90 -21.30 -69.59
CA ASP B 627 -52.38 -21.30 -68.22
C ASP B 627 -53.87 -20.97 -68.24
N GLU B 628 -54.61 -21.57 -67.32
CA GLU B 628 -56.07 -21.48 -67.31
C GLU B 628 -56.57 -20.89 -66.00
N SER B 629 -57.51 -19.97 -66.10
CA SER B 629 -58.16 -19.37 -64.94
C SER B 629 -59.66 -19.34 -65.19
N HIS B 630 -60.43 -19.13 -64.12
CA HIS B 630 -61.88 -19.19 -64.18
C HIS B 630 -62.48 -17.91 -63.59
N ILE B 631 -63.65 -17.54 -64.11
CA ILE B 631 -64.37 -16.34 -63.71
C ILE B 631 -65.86 -16.65 -63.69
N ARG B 632 -66.62 -15.76 -63.07
CA ARG B 632 -68.07 -15.94 -62.96
C ARG B 632 -68.71 -14.61 -62.64
N LYS B 633 -69.73 -14.24 -63.40
CA LYS B 633 -70.45 -12.99 -63.20
C LYS B 633 -71.40 -13.12 -62.02
N VAL B 634 -71.37 -12.15 -61.12
CA VAL B 634 -72.24 -12.10 -59.96
C VAL B 634 -72.87 -10.71 -59.88
N ASP B 635 -73.88 -10.59 -59.03
CA ASP B 635 -74.57 -9.31 -58.84
C ASP B 635 -74.18 -8.61 -57.55
N THR B 636 -73.66 -9.34 -56.56
CA THR B 636 -73.19 -8.76 -55.32
C THR B 636 -71.79 -9.28 -55.03
N PHE B 637 -71.03 -8.55 -54.22
CA PHE B 637 -69.61 -8.93 -53.95
C PHE B 637 -69.51 -10.06 -52.93
N ASN B 638 -68.68 -11.07 -53.24
CA ASN B 638 -68.47 -12.18 -52.29
C ASN B 638 -67.68 -11.66 -51.09
N GLU B 639 -68.39 -11.27 -50.04
CA GLU B 639 -67.72 -10.74 -48.83
C GLU B 639 -66.56 -11.66 -48.46
N GLU B 640 -66.66 -12.94 -48.78
CA GLU B 640 -65.50 -13.80 -48.50
C GLU B 640 -64.20 -13.20 -49.00
N TYR B 641 -64.27 -12.27 -49.95
CA TYR B 641 -63.08 -11.61 -50.48
C TYR B 641 -62.68 -10.37 -49.69
N SER B 642 -63.54 -9.87 -48.81
CA SER B 642 -63.33 -8.58 -48.16
C SER B 642 -62.92 -8.75 -46.71
N LEU B 643 -62.07 -7.82 -46.25
CA LEU B 643 -61.64 -7.76 -44.85
C LEU B 643 -62.63 -6.89 -44.08
N LYS B 644 -63.75 -7.49 -43.70
CA LYS B 644 -64.79 -6.78 -42.96
C LYS B 644 -65.53 -7.73 -42.04
N MET C 1 -18.50 42.30 -3.73
CA MET C 1 -19.43 41.42 -4.45
C MET C 1 -18.66 40.30 -5.16
N ARG C 2 -17.71 39.71 -4.46
CA ARG C 2 -16.87 38.62 -4.97
C ARG C 2 -17.42 37.29 -4.48
N GLU C 3 -17.31 36.26 -5.34
CA GLU C 3 -17.83 34.95 -5.02
C GLU C 3 -16.89 33.86 -5.55
N VAL C 4 -16.56 32.92 -4.68
CA VAL C 4 -15.78 31.73 -5.03
C VAL C 4 -16.71 30.52 -4.94
N ILE C 5 -16.71 29.69 -5.97
CA ILE C 5 -17.58 28.53 -6.05
C ILE C 5 -16.73 27.27 -6.13
N ASN C 6 -17.01 26.32 -5.25
CA ASN C 6 -16.31 25.04 -5.30
C ASN C 6 -16.68 24.29 -6.57
N PHE C 7 -15.71 23.54 -7.10
CA PHE C 7 -15.86 22.84 -8.36
C PHE C 7 -15.22 21.46 -8.28
N ASN C 8 -15.38 20.80 -7.14
CA ASN C 8 -14.62 19.58 -6.83
C ASN C 8 -15.37 18.29 -7.15
N THR C 9 -16.70 18.30 -7.15
CA THR C 9 -17.46 17.08 -7.30
C THR C 9 -17.73 16.79 -8.78
N LYS C 10 -18.07 15.52 -9.04
CA LYS C 10 -18.44 15.05 -10.37
C LYS C 10 -17.35 15.39 -11.40
N TRP C 11 -16.29 14.62 -11.31
CA TRP C 11 -15.16 14.71 -12.23
C TRP C 11 -14.89 13.34 -12.82
N ALA C 12 -15.10 13.21 -14.13
CA ALA C 12 -14.76 11.99 -14.84
C ALA C 12 -13.26 11.94 -15.08
N PHE C 13 -12.65 10.80 -14.77
CA PHE C 13 -11.20 10.64 -14.86
C PHE C 13 -10.85 9.33 -15.55
N THR C 14 -9.73 9.33 -16.25
CA THR C 14 -9.22 8.12 -16.89
C THR C 14 -7.73 8.28 -17.15
N LYS C 15 -7.04 7.13 -17.22
CA LYS C 15 -5.66 7.06 -17.66
C LYS C 15 -5.53 6.39 -19.02
N GLU C 16 -6.65 6.06 -19.67
CA GLU C 16 -6.62 5.33 -20.93
C GLU C 16 -6.80 6.23 -22.15
N ALA C 17 -7.34 7.43 -21.97
CA ALA C 17 -7.56 8.32 -23.10
C ALA C 17 -6.22 8.67 -23.76
N THR C 18 -6.29 8.95 -25.07
CA THR C 18 -5.14 9.43 -25.84
C THR C 18 -5.53 10.65 -26.66
N GLU C 19 -6.51 11.42 -26.17
CA GLU C 19 -7.02 12.58 -26.90
C GLU C 19 -8.10 13.26 -26.07
N VAL C 20 -8.27 14.56 -26.24
CA VAL C 20 -9.33 15.27 -25.51
C VAL C 20 -10.68 14.85 -26.07
N PRO C 21 -11.63 14.43 -25.23
CA PRO C 21 -12.94 14.02 -25.75
C PRO C 21 -13.75 15.23 -26.19
N LYS C 22 -14.43 15.08 -27.34
CA LYS C 22 -15.28 16.15 -27.84
C LYS C 22 -16.61 16.22 -27.10
N GLU C 23 -17.09 15.09 -26.60
CA GLU C 23 -18.33 15.03 -25.82
C GLU C 23 -18.03 14.46 -24.44
N MET C 24 -18.80 14.89 -23.45
CA MET C 24 -18.57 14.46 -22.08
C MET C 24 -18.57 12.94 -21.99
N PRO C 25 -17.55 12.33 -21.40
CA PRO C 25 -17.52 10.87 -21.31
C PRO C 25 -18.64 10.33 -20.44
N GLU C 26 -19.04 9.09 -20.74
CA GLU C 26 -20.07 8.41 -19.98
C GLU C 26 -19.56 7.21 -19.18
N LYS C 27 -18.51 6.55 -19.66
CA LYS C 27 -17.97 5.36 -19.02
C LYS C 27 -16.61 5.63 -18.36
N TRP C 28 -16.36 6.87 -17.96
CA TRP C 28 -15.15 7.21 -17.22
C TRP C 28 -15.38 7.02 -15.72
N TYR C 29 -14.30 7.09 -14.96
CA TYR C 29 -14.36 6.90 -13.52
C TYR C 29 -14.72 8.20 -12.81
N TRP C 30 -15.61 8.09 -11.83
CA TRP C 30 -16.13 9.26 -11.12
C TRP C 30 -15.28 9.51 -9.87
N VAL C 31 -14.62 10.67 -9.83
CA VAL C 31 -13.82 11.07 -8.69
C VAL C 31 -14.24 12.47 -8.24
N THR C 32 -14.09 12.74 -6.94
CA THR C 32 -14.32 14.06 -6.37
C THR C 32 -13.00 14.57 -5.81
N LEU C 33 -12.63 15.79 -6.17
CA LEU C 33 -11.34 16.32 -5.77
C LEU C 33 -11.36 16.72 -4.29
N PRO C 34 -10.20 16.72 -3.63
CA PRO C 34 -8.86 16.37 -4.14
C PRO C 34 -8.78 14.93 -4.65
N HIS C 35 -7.96 14.67 -5.67
CA HIS C 35 -7.82 13.33 -6.20
C HIS C 35 -6.44 13.16 -6.83
N SER C 36 -5.94 11.93 -6.79
CA SER C 36 -4.71 11.57 -7.51
C SER C 36 -4.82 10.12 -7.92
N TRP C 37 -4.27 9.80 -9.09
CA TRP C 37 -4.26 8.44 -9.60
C TRP C 37 -3.04 7.63 -9.15
N ASN C 38 -2.25 8.17 -8.23
CA ASN C 38 -1.10 7.47 -7.67
C ASN C 38 -1.28 7.15 -6.19
N GLU C 39 -2.49 7.28 -5.67
CA GLU C 39 -2.74 7.06 -4.25
C GLU C 39 -2.45 5.63 -3.83
N ILE C 40 -2.50 4.67 -4.76
CA ILE C 40 -2.22 3.27 -4.47
C ILE C 40 -0.86 2.85 -5.03
N ASP C 41 -0.67 2.98 -6.34
CA ASP C 41 0.58 2.53 -6.95
C ASP C 41 1.76 3.44 -6.63
N GLY C 42 1.52 4.57 -5.97
CA GLY C 42 2.60 5.48 -5.61
C GLY C 42 3.01 5.36 -4.15
N GLN C 43 2.66 4.24 -3.51
CA GLN C 43 3.07 3.98 -2.14
C GLN C 43 3.38 2.52 -1.88
N ASP C 44 3.32 1.66 -2.89
CA ASP C 44 3.56 0.23 -2.71
C ASP C 44 4.96 -0.21 -3.13
N GLY C 45 5.76 0.68 -3.70
CA GLY C 45 7.11 0.37 -4.11
C GLY C 45 7.22 0.04 -5.58
N GLY C 46 8.45 -0.26 -5.99
CA GLY C 46 8.73 -0.64 -7.35
C GLY C 46 9.04 0.49 -8.30
N ASN C 47 8.87 1.75 -7.88
CA ASN C 47 9.01 2.88 -8.79
C ASN C 47 8.08 2.73 -9.98
N ASP C 48 6.96 2.03 -9.77
CA ASP C 48 6.06 1.65 -10.85
C ASP C 48 4.86 2.57 -10.99
N TYR C 49 4.65 3.50 -10.06
CA TYR C 49 3.44 4.31 -10.08
C TYR C 49 3.27 4.99 -11.44
N TYR C 50 2.09 4.81 -12.02
CA TYR C 50 1.87 5.23 -13.39
C TYR C 50 2.14 6.72 -13.57
N ARG C 51 3.00 7.04 -14.53
CA ARG C 51 3.31 8.42 -14.87
C ARG C 51 3.02 8.60 -16.36
N GLY C 52 2.07 9.49 -16.66
CA GLY C 52 1.69 9.75 -18.04
C GLY C 52 0.72 10.91 -18.12
N THR C 53 -0.17 10.88 -19.10
CA THR C 53 -1.20 11.90 -19.26
C THR C 53 -2.56 11.29 -18.96
N CYS C 54 -3.28 11.90 -18.01
CA CYS C 54 -4.62 11.49 -17.65
C CYS C 54 -5.54 12.69 -17.75
N TYR C 55 -6.84 12.42 -17.89
CA TYR C 55 -7.80 13.45 -18.25
C TYR C 55 -8.92 13.57 -17.22
N TYR C 56 -9.24 14.81 -16.88
CA TYR C 56 -10.42 15.13 -16.09
C TYR C 56 -11.43 15.86 -16.96
N ALA C 57 -12.70 15.50 -16.84
CA ALA C 57 -13.75 16.10 -17.65
C ALA C 57 -14.96 16.40 -16.78
N LYS C 58 -15.44 17.64 -16.86
CA LYS C 58 -16.62 18.07 -16.12
C LYS C 58 -17.30 19.18 -16.92
N GLN C 59 -18.58 19.39 -16.62
CA GLN C 59 -19.41 20.35 -17.34
C GLN C 59 -19.79 21.49 -16.41
N LEU C 60 -19.55 22.72 -16.86
CA LEU C 60 -19.88 23.94 -16.11
C LEU C 60 -21.15 24.52 -16.72
N LYS C 61 -22.29 24.16 -16.12
CA LYS C 61 -23.59 24.62 -16.61
C LYS C 61 -23.71 26.12 -16.35
N LYS C 62 -23.79 26.91 -17.42
CA LYS C 62 -23.90 28.36 -17.30
C LYS C 62 -25.01 28.75 -16.32
N SER C 63 -26.08 27.95 -16.25
CA SER C 63 -27.20 28.29 -15.37
C SER C 63 -26.78 28.28 -13.91
N GLU C 64 -26.27 27.13 -13.44
CA GLU C 64 -25.85 27.01 -12.04
C GLU C 64 -24.61 27.84 -11.77
N LEU C 65 -24.67 29.14 -12.07
CA LEU C 65 -23.55 30.03 -11.94
C LEU C 65 -24.08 31.42 -11.58
N PRO C 66 -23.52 32.07 -10.56
CA PRO C 66 -23.95 33.44 -10.24
C PRO C 66 -23.66 34.37 -11.40
N GLU C 67 -24.46 35.42 -11.51
CA GLU C 67 -24.32 36.39 -12.59
C GLU C 67 -23.21 37.37 -12.26
N ALA C 68 -22.17 37.38 -13.08
CA ALA C 68 -21.04 38.30 -12.91
C ALA C 68 -20.54 38.71 -14.29
N ASP C 69 -19.42 39.44 -14.32
CA ASP C 69 -18.86 39.92 -15.57
C ASP C 69 -17.70 39.06 -16.07
N CYS C 70 -16.93 38.45 -15.17
CA CYS C 70 -15.81 37.61 -15.54
C CYS C 70 -15.80 36.35 -14.69
N TYR C 71 -15.47 35.22 -15.31
CA TYR C 71 -15.43 33.93 -14.64
C TYR C 71 -14.03 33.35 -14.79
N TYR C 72 -13.40 33.02 -13.66
CA TYR C 72 -12.06 32.47 -13.62
C TYR C 72 -12.09 31.05 -13.08
N LEU C 73 -11.33 30.16 -13.69
CA LEU C 73 -11.16 28.79 -13.21
C LEU C 73 -9.87 28.72 -12.40
N GLU C 74 -10.01 28.53 -11.09
CA GLU C 74 -8.87 28.51 -10.19
C GLU C 74 -8.47 27.06 -9.91
N LEU C 75 -7.18 26.77 -10.10
CA LEU C 75 -6.60 25.47 -9.77
C LEU C 75 -5.47 25.69 -8.78
N ARG C 76 -5.51 24.98 -7.66
CA ARG C 76 -4.53 25.13 -6.59
C ARG C 76 -3.54 23.99 -6.53
N GLY C 77 -3.70 22.95 -7.33
CA GLY C 77 -2.80 21.82 -7.31
C GLY C 77 -2.99 20.89 -8.48
N ALA C 78 -2.07 20.95 -9.45
CA ALA C 78 -2.12 20.09 -10.65
C ALA C 78 -0.70 19.61 -10.92
N ASN C 79 -0.30 18.55 -10.22
CA ASN C 79 1.00 17.94 -10.42
C ASN C 79 0.95 16.98 -11.60
N ALA C 80 1.86 17.18 -12.56
CA ALA C 80 2.88 18.22 -12.56
C ALA C 80 2.56 19.33 -13.54
N SER C 81 2.11 18.96 -14.74
CA SER C 81 1.78 19.92 -15.78
C SER C 81 0.36 19.65 -16.27
N ALA C 82 -0.32 20.72 -16.71
CA ALA C 82 -1.72 20.61 -17.07
C ALA C 82 -2.05 21.56 -18.21
N ASP C 83 -3.01 21.15 -19.04
CA ASP C 83 -3.62 21.98 -20.05
C ASP C 83 -5.12 22.02 -19.80
N VAL C 84 -5.72 23.20 -19.94
CA VAL C 84 -7.13 23.40 -19.63
C VAL C 84 -7.87 23.68 -20.93
N TYR C 85 -8.69 22.72 -21.36
CA TYR C 85 -9.52 22.86 -22.54
C TYR C 85 -10.95 23.21 -22.13
N VAL C 86 -11.56 24.12 -22.87
CA VAL C 86 -12.96 24.49 -22.68
C VAL C 86 -13.67 24.33 -24.02
N ASN C 87 -14.69 23.47 -24.06
CA ASN C 87 -15.39 23.18 -25.30
C ASN C 87 -14.43 22.72 -26.39
N GLY C 88 -13.41 21.96 -25.98
CA GLY C 88 -12.40 21.44 -26.90
C GLY C 88 -11.35 22.43 -27.34
N LYS C 89 -11.39 23.66 -26.83
CA LYS C 89 -10.41 24.69 -27.20
C LYS C 89 -9.37 24.84 -26.10
N ALA C 90 -8.10 24.71 -26.47
CA ALA C 90 -7.03 24.92 -25.52
C ALA C 90 -7.08 26.34 -24.97
N VAL C 91 -6.94 26.46 -23.65
CA VAL C 91 -7.14 27.74 -22.99
C VAL C 91 -6.01 28.13 -22.04
N ALA C 92 -5.22 27.19 -21.53
CA ALA C 92 -4.17 27.55 -20.57
C ALA C 92 -3.21 26.38 -20.41
N HIS C 93 -2.00 26.69 -19.96
CA HIS C 93 -0.97 25.72 -19.71
C HIS C 93 -0.17 26.14 -18.48
N HIS C 94 0.24 25.17 -17.66
CA HIS C 94 0.97 25.45 -16.44
C HIS C 94 1.92 24.29 -16.15
N ASP C 95 3.06 24.64 -15.54
CA ASP C 95 4.08 23.66 -15.20
C ASP C 95 4.47 23.82 -13.73
N GLY C 96 4.66 22.70 -13.05
CA GLY C 96 4.92 22.71 -11.63
C GLY C 96 3.64 22.55 -10.82
N GLY C 97 3.43 21.38 -10.26
CA GLY C 97 2.15 21.08 -9.62
C GLY C 97 2.09 21.36 -8.13
N TYR C 98 2.59 22.53 -7.72
CA TYR C 98 2.53 22.91 -6.32
C TYR C 98 2.16 24.38 -6.12
N SER C 99 1.69 25.06 -7.16
CA SER C 99 1.38 26.48 -7.09
C SER C 99 0.00 26.74 -7.68
N THR C 100 -0.65 27.79 -7.18
CA THR C 100 -1.97 28.17 -7.65
C THR C 100 -1.88 28.92 -8.97
N TRP C 101 -2.76 28.56 -9.90
CA TRP C 101 -2.85 29.27 -11.17
C TRP C 101 -4.30 29.36 -11.60
N ARG C 102 -4.63 30.41 -12.35
CA ARG C 102 -5.98 30.72 -12.75
C ARG C 102 -6.03 31.03 -14.24
N VAL C 103 -7.26 31.12 -14.77
CA VAL C 103 -7.47 31.39 -16.18
C VAL C 103 -8.86 31.99 -16.38
N ASP C 104 -8.93 33.06 -17.16
CA ASP C 104 -10.21 33.67 -17.50
C ASP C 104 -10.88 32.87 -18.61
N ILE C 105 -12.15 32.53 -18.41
CA ILE C 105 -12.87 31.69 -19.36
C ILE C 105 -14.23 32.29 -19.68
N THR C 106 -14.41 33.58 -19.38
CA THR C 106 -15.69 34.23 -19.64
C THR C 106 -16.08 34.14 -21.12
N LYS C 107 -15.14 34.49 -22.00
CA LYS C 107 -15.42 34.48 -23.43
C LYS C 107 -15.56 33.08 -24.00
N GLU C 108 -15.23 32.04 -23.24
CA GLU C 108 -15.29 30.66 -23.71
C GLU C 108 -16.52 29.91 -23.22
N LEU C 109 -17.41 30.57 -22.49
CA LEU C 109 -18.63 29.95 -21.98
C LEU C 109 -19.81 30.32 -22.90
N THR C 110 -19.72 29.85 -24.14
CA THR C 110 -20.72 30.19 -25.14
C THR C 110 -21.96 29.30 -25.04
N GLU C 111 -21.76 28.00 -24.84
CA GLU C 111 -22.87 27.06 -24.78
C GLU C 111 -23.45 27.00 -23.37
N GLU C 112 -24.58 26.30 -23.24
CA GLU C 112 -25.24 26.19 -21.94
C GLU C 112 -24.51 25.19 -21.05
N GLU C 113 -24.00 24.10 -21.62
CA GLU C 113 -23.28 23.07 -20.88
C GLU C 113 -21.87 22.98 -21.48
N ASN C 114 -20.95 23.77 -20.94
CA ASN C 114 -19.59 23.87 -21.46
C ASN C 114 -18.73 22.76 -20.87
N LEU C 115 -18.03 22.04 -21.75
CA LEU C 115 -17.21 20.90 -21.34
C LEU C 115 -15.80 21.40 -21.00
N ILE C 116 -15.41 21.27 -19.74
CA ILE C 116 -14.08 21.61 -19.28
C ILE C 116 -13.27 20.31 -19.19
N VAL C 117 -12.15 20.26 -19.91
CA VAL C 117 -11.26 19.10 -19.91
C VAL C 117 -9.88 19.57 -19.47
N ILE C 118 -9.30 18.88 -18.49
CA ILE C 118 -7.99 19.21 -17.95
C ILE C 118 -7.11 17.99 -18.08
N ALA C 119 -6.05 18.10 -18.89
CA ALA C 119 -5.09 17.02 -19.06
C ALA C 119 -3.93 17.23 -18.11
N VAL C 120 -3.69 16.25 -17.24
CA VAL C 120 -2.60 16.31 -16.27
C VAL C 120 -1.56 15.27 -16.64
N GLU C 121 -0.30 15.59 -16.35
CA GLU C 121 0.81 14.71 -16.67
C GLU C 121 1.91 14.89 -15.63
N ASN C 122 2.51 13.77 -15.22
CA ASN C 122 3.61 13.76 -14.26
C ASN C 122 4.79 12.98 -14.82
N GLY C 123 5.05 13.14 -16.12
CA GLY C 123 6.07 12.37 -16.80
C GLY C 123 7.46 12.95 -16.60
N VAL C 124 8.38 12.48 -17.44
CA VAL C 124 9.79 12.84 -17.35
C VAL C 124 10.14 13.82 -18.47
N ASN C 125 10.95 14.82 -18.14
CA ASN C 125 11.46 15.77 -19.12
C ASN C 125 12.51 16.63 -18.44
N ASP C 126 13.22 17.42 -19.25
CA ASP C 126 14.27 18.30 -18.76
C ASP C 126 13.79 19.72 -18.54
N ARG C 127 12.48 19.92 -18.40
CA ARG C 127 11.88 21.24 -18.33
C ARG C 127 11.31 21.59 -16.96
N VAL C 128 10.66 20.63 -16.30
CA VAL C 128 9.86 20.90 -15.11
C VAL C 128 10.37 20.06 -13.96
N TYR C 129 10.68 20.71 -12.84
CA TYR C 129 11.11 20.15 -11.57
C TYR C 129 9.89 19.82 -10.71
N PRO C 130 9.95 18.73 -9.92
CA PRO C 130 11.07 17.82 -9.72
C PRO C 130 11.13 16.67 -10.72
N GLN C 131 12.34 16.26 -11.09
CA GLN C 131 12.56 15.10 -11.93
C GLN C 131 13.34 13.99 -11.25
N ASN C 132 14.25 14.33 -10.33
CA ASN C 132 15.03 13.35 -9.58
C ASN C 132 14.92 13.72 -8.11
N ALA C 133 14.16 12.93 -7.36
CA ALA C 133 13.94 13.21 -5.95
C ALA C 133 13.48 11.94 -5.25
N ASP C 134 13.53 11.96 -3.92
CA ASP C 134 13.12 10.84 -3.10
C ASP C 134 11.73 11.07 -2.52
N PHE C 135 10.76 11.25 -3.42
CA PHE C 135 9.36 11.33 -3.03
C PHE C 135 8.51 11.18 -4.28
N THR C 136 7.42 10.42 -4.15
CA THR C 136 6.55 10.16 -5.28
C THR C 136 5.94 11.46 -5.81
N PHE C 137 5.95 11.61 -7.13
CA PHE C 137 5.29 12.74 -7.78
C PHE C 137 3.85 12.36 -8.08
N TYR C 138 3.03 12.36 -7.02
CA TYR C 138 1.60 12.09 -7.18
C TYR C 138 1.02 12.98 -8.26
N GLY C 139 0.41 12.37 -9.27
CA GLY C 139 -0.17 13.10 -10.39
C GLY C 139 -1.67 13.23 -10.24
N GLY C 140 -2.20 14.37 -10.68
CA GLY C 140 -3.63 14.60 -10.72
C GLY C 140 -3.98 15.94 -10.10
N LEU C 141 -5.29 16.17 -9.96
CA LEU C 141 -5.81 17.38 -9.32
C LEU C 141 -5.99 17.09 -7.83
N TYR C 142 -4.88 17.17 -7.10
CA TYR C 142 -4.86 16.82 -5.69
C TYR C 142 -5.20 17.99 -4.77
N ARG C 143 -5.62 19.13 -5.33
CA ARG C 143 -6.05 20.27 -4.56
C ARG C 143 -7.35 20.82 -5.13
N ASP C 144 -7.89 21.85 -4.49
CA ASP C 144 -9.19 22.38 -4.88
C ASP C 144 -9.17 22.91 -6.30
N VAL C 145 -10.34 22.92 -6.93
CA VAL C 145 -10.56 23.54 -8.23
C VAL C 145 -11.80 24.40 -8.09
N ASN C 146 -11.65 25.71 -8.35
CA ASN C 146 -12.69 26.68 -8.05
C ASN C 146 -13.09 27.46 -9.30
N ILE C 147 -14.21 28.16 -9.19
CA ILE C 147 -14.64 29.15 -10.16
C ILE C 147 -14.85 30.46 -9.42
N ILE C 148 -14.15 31.51 -9.86
CA ILE C 148 -14.24 32.83 -9.25
C ILE C 148 -15.12 33.71 -10.12
N ALA C 149 -16.12 34.35 -9.51
CA ALA C 149 -17.03 35.24 -10.19
C ALA C 149 -16.85 36.64 -9.62
N VAL C 150 -16.32 37.55 -10.43
CA VAL C 150 -16.01 38.91 -9.99
C VAL C 150 -16.49 39.89 -11.06
N ASN C 151 -16.42 41.18 -10.70
CA ASN C 151 -16.79 42.26 -11.61
C ASN C 151 -15.69 42.48 -12.64
N LYS C 152 -16.04 43.19 -13.70
CA LYS C 152 -15.07 43.49 -14.75
C LYS C 152 -13.88 44.29 -14.22
N SER C 153 -14.03 44.96 -13.08
CA SER C 153 -12.96 45.71 -12.45
C SER C 153 -12.65 45.01 -11.13
N HIS C 154 -11.69 44.10 -11.16
CA HIS C 154 -11.38 43.24 -10.02
C HIS C 154 -9.88 43.30 -9.71
N PHE C 155 -9.55 42.86 -8.50
CA PHE C 155 -8.15 42.73 -8.12
C PHE C 155 -7.50 41.61 -8.91
N ASP C 156 -6.31 41.88 -9.44
CA ASP C 156 -5.69 40.98 -10.41
C ASP C 156 -5.67 39.54 -9.92
N LEU C 157 -6.23 38.65 -10.74
CA LEU C 157 -6.16 37.22 -10.52
C LEU C 157 -5.23 36.53 -11.50
N ASP C 158 -4.62 37.27 -12.44
CA ASP C 158 -3.85 36.71 -13.52
C ASP C 158 -2.34 36.84 -13.31
N TYR C 159 -1.91 37.08 -12.09
CA TYR C 159 -0.48 37.23 -11.80
C TYR C 159 -0.02 36.07 -10.92
N TYR C 160 0.44 35.00 -11.56
CA TYR C 160 1.07 33.87 -10.88
C TYR C 160 0.24 33.39 -9.70
N GLY C 161 -1.08 33.31 -9.91
CA GLY C 161 -1.96 32.88 -8.82
C GLY C 161 -1.81 33.67 -7.54
N GLY C 162 -1.37 34.92 -7.63
CA GLY C 162 -1.17 35.74 -6.46
C GLY C 162 -2.48 36.20 -5.85
N PRO C 163 -2.42 36.70 -4.60
CA PRO C 163 -3.63 37.17 -3.93
C PRO C 163 -4.08 38.57 -4.34
N GLY C 164 -3.30 39.26 -5.17
CA GLY C 164 -3.63 40.63 -5.52
C GLY C 164 -3.53 41.63 -4.39
N ILE C 165 -2.88 41.27 -3.29
CA ILE C 165 -2.70 42.16 -2.15
C ILE C 165 -1.35 41.89 -1.51
N LYS C 166 -0.57 42.94 -1.29
CA LYS C 166 0.77 42.85 -0.71
C LYS C 166 0.80 43.68 0.56
N VAL C 167 1.18 43.05 1.67
CA VAL C 167 1.22 43.71 2.98
C VAL C 167 2.62 43.56 3.55
N THR C 168 3.31 44.68 3.71
CA THR C 168 4.68 44.70 4.26
C THR C 168 4.75 45.75 5.36
N PRO C 169 4.67 45.35 6.62
CA PRO C 169 4.74 46.32 7.72
C PRO C 169 6.19 46.69 8.03
N GLU C 170 6.33 47.80 8.77
CA GLU C 170 7.62 48.26 9.26
C GLU C 170 7.46 48.66 10.71
N ILE C 171 8.21 47.99 11.59
CA ILE C 171 8.08 48.21 13.03
C ILE C 171 9.01 49.36 13.41
N LYS C 172 8.41 50.47 13.83
CA LYS C 172 9.15 51.66 14.27
C LYS C 172 8.87 51.85 15.76
N GLY C 173 9.75 51.32 16.59
CA GLY C 173 9.56 51.36 18.02
C GLY C 173 8.46 50.43 18.49
N ALA C 174 7.43 50.99 19.10
CA ALA C 174 6.26 50.22 19.55
C ALA C 174 5.10 50.31 18.56
N ASP C 175 5.30 50.95 17.42
CA ASP C 175 4.28 51.11 16.40
C ASP C 175 4.72 50.40 15.12
N ALA C 176 3.83 50.42 14.12
CA ALA C 176 4.11 49.80 12.84
C ALA C 176 3.49 50.63 11.72
N SER C 177 4.23 50.77 10.63
CA SER C 177 3.77 51.49 9.44
C SER C 177 3.58 50.45 8.34
N VAL C 178 2.36 49.96 8.20
CA VAL C 178 2.06 48.85 7.30
C VAL C 178 1.74 49.40 5.92
N GLU C 179 2.50 48.94 4.92
CA GLU C 179 2.26 49.30 3.52
C GLU C 179 1.44 48.20 2.87
N VAL C 180 0.23 48.55 2.42
CA VAL C 180 -0.66 47.62 1.74
C VAL C 180 -0.71 48.03 0.27
N GLU C 181 -0.29 47.12 -0.61
CA GLU C 181 -0.23 47.37 -2.04
C GLU C 181 -1.15 46.39 -2.74
N VAL C 182 -2.18 46.91 -3.41
CA VAL C 182 -3.14 46.09 -4.13
C VAL C 182 -2.88 46.24 -5.63
N PHE C 183 -3.36 45.26 -6.39
CA PHE C 183 -3.16 45.21 -7.82
C PHE C 183 -4.51 45.06 -8.51
N LEU C 184 -4.68 45.79 -9.60
CA LEU C 184 -5.98 45.90 -10.27
C LEU C 184 -5.90 45.36 -11.70
N THR C 185 -7.06 44.97 -12.22
CA THR C 185 -7.22 44.55 -13.60
C THR C 185 -8.45 45.21 -14.16
N ASN C 186 -8.29 45.99 -15.23
CA ASN C 186 -9.39 46.73 -15.84
C ASN C 186 -10.12 47.58 -14.81
N ALA C 187 -9.41 48.60 -14.36
CA ALA C 187 -9.92 49.52 -13.34
C ALA C 187 -10.33 50.84 -13.97
N ALA C 188 -10.95 51.69 -13.15
CA ALA C 188 -11.41 53.01 -13.57
C ALA C 188 -10.94 54.05 -12.57
N ALA C 189 -10.43 55.17 -13.07
CA ALA C 189 -9.97 56.25 -12.19
C ALA C 189 -11.06 56.74 -11.27
N ASP C 190 -12.33 56.47 -11.58
CA ASP C 190 -13.43 56.93 -10.74
C ASP C 190 -13.48 56.17 -9.43
N GLN C 191 -13.66 54.85 -9.49
CA GLN C 191 -13.84 54.05 -8.30
C GLN C 191 -12.70 54.29 -7.31
N LYS C 192 -13.04 54.30 -6.03
CA LYS C 192 -12.08 54.53 -4.97
C LYS C 192 -11.53 53.21 -4.44
N LEU C 193 -10.51 53.31 -3.59
CA LEU C 193 -9.89 52.17 -2.95
C LEU C 193 -9.87 52.41 -1.45
N VAL C 194 -10.57 51.56 -0.70
CA VAL C 194 -10.73 51.72 0.75
C VAL C 194 -9.89 50.65 1.44
N TYR C 195 -8.77 51.06 2.01
CA TYR C 195 -7.92 50.16 2.77
C TYR C 195 -8.39 50.11 4.22
N THR C 196 -8.32 48.91 4.82
CA THR C 196 -8.77 48.72 6.19
C THR C 196 -7.89 47.68 6.88
N VAL C 197 -7.41 48.01 8.07
CA VAL C 197 -6.63 47.11 8.90
C VAL C 197 -7.44 46.81 10.15
N LYS C 198 -7.81 45.54 10.33
CA LYS C 198 -8.66 45.12 11.44
C LYS C 198 -7.85 44.37 12.49
N ASP C 199 -8.29 44.50 13.74
CA ASP C 199 -7.66 43.84 14.87
C ASP C 199 -7.93 42.34 14.82
N ALA C 200 -7.14 41.58 15.57
CA ALA C 200 -7.40 40.16 15.75
C ALA C 200 -8.78 39.89 16.33
N GLU C 201 -9.39 40.89 16.97
CA GLU C 201 -10.75 40.78 17.48
C GLU C 201 -11.76 41.47 16.58
N GLY C 202 -11.43 41.60 15.30
CA GLY C 202 -12.32 42.26 14.35
C GLY C 202 -12.54 43.72 14.67
N LYS C 203 -11.59 44.36 15.35
CA LYS C 203 -11.69 45.76 15.72
C LYS C 203 -10.89 46.60 14.73
N GLU C 204 -11.55 47.56 14.09
CA GLU C 204 -10.88 48.40 13.11
C GLU C 204 -9.85 49.29 13.80
N VAL C 205 -8.57 49.09 13.47
CA VAL C 205 -7.48 49.81 14.10
C VAL C 205 -6.90 50.89 13.22
N ALA C 206 -7.38 51.05 12.00
CA ALA C 206 -6.89 52.06 11.07
C ALA C 206 -7.64 51.90 9.74
N LYS C 207 -7.53 52.92 8.89
CA LYS C 207 -8.21 52.89 7.61
C LYS C 207 -7.71 54.06 6.76
N THR C 208 -7.74 53.86 5.44
CA THR C 208 -7.35 54.87 4.47
C THR C 208 -8.32 54.83 3.30
N GLU C 209 -8.07 55.65 2.28
CA GLU C 209 -8.92 55.67 1.10
C GLU C 209 -8.18 56.45 0.03
N THR C 210 -7.70 55.73 -1.00
CA THR C 210 -7.04 56.36 -2.14
C THR C 210 -7.85 56.18 -3.41
N ALA C 211 -7.22 56.36 -4.56
CA ALA C 211 -7.89 56.22 -5.85
C ALA C 211 -7.37 54.98 -6.58
N ALA C 212 -8.02 54.67 -7.71
CA ALA C 212 -7.65 53.50 -8.49
C ALA C 212 -6.17 53.51 -8.87
N GLY C 213 -5.59 54.70 -9.02
CA GLY C 213 -4.18 54.81 -9.33
C GLY C 213 -3.25 54.71 -8.15
N GLU C 214 -3.77 54.79 -6.93
CA GLU C 214 -2.96 54.74 -5.72
C GLU C 214 -3.06 53.35 -5.08
N THR C 215 -2.40 52.39 -5.72
CA THR C 215 -2.39 51.02 -5.24
C THR C 215 -1.55 50.83 -3.98
N LYS C 216 -0.86 51.87 -3.53
CA LYS C 216 -0.09 51.84 -2.29
C LYS C 216 -0.73 52.78 -1.29
N ALA C 217 -0.71 52.39 -0.01
CA ALA C 217 -1.25 53.22 1.05
C ALA C 217 -0.68 52.74 2.37
N VAL C 218 0.02 53.62 3.10
CA VAL C 218 0.69 53.25 4.33
C VAL C 218 -0.25 53.57 5.49
N LEU C 219 -0.85 52.53 6.06
CA LEU C 219 -1.60 52.67 7.30
C LEU C 219 -0.64 52.65 8.49
N SER C 220 -1.19 52.87 9.67
CA SER C 220 -0.38 52.93 10.88
C SER C 220 -1.10 52.22 12.01
N ILE C 221 -0.37 51.39 12.75
CA ILE C 221 -0.92 50.64 13.86
C ILE C 221 -0.17 51.02 15.14
N PRO C 222 -0.80 51.74 16.06
CA PRO C 222 -0.14 52.08 17.33
C PRO C 222 -0.30 50.98 18.36
N ALA C 223 0.81 50.69 19.06
CA ALA C 223 0.84 49.67 20.10
C ALA C 223 0.62 48.28 19.50
N VAL C 224 1.46 47.93 18.53
CA VAL C 224 1.26 46.72 17.75
C VAL C 224 1.57 45.50 18.60
N HIS C 225 0.65 44.53 18.57
CA HIS C 225 0.91 43.20 19.09
C HIS C 225 1.75 42.45 18.07
N LEU C 226 3.04 42.28 18.35
CA LEU C 226 3.94 41.67 17.38
C LEU C 226 3.69 40.17 17.29
N TRP C 227 3.81 39.63 16.07
CA TRP C 227 3.80 38.19 15.87
C TRP C 227 5.07 37.60 16.48
N ASN C 228 4.92 36.83 17.56
CA ASN C 228 6.06 36.36 18.30
C ASN C 228 6.11 34.84 18.37
N GLY C 229 5.98 34.18 17.23
CA GLY C 229 6.04 32.72 17.21
C GLY C 229 5.00 32.10 18.12
N LYS C 230 5.40 31.04 18.82
CA LYS C 230 4.48 30.35 19.70
C LYS C 230 4.12 31.18 20.92
N LYS C 231 5.01 32.08 21.35
CA LYS C 231 4.73 32.89 22.53
C LYS C 231 3.45 33.70 22.36
N ASP C 232 3.25 34.27 21.17
CA ASP C 232 2.06 35.05 20.88
C ASP C 232 1.89 35.21 19.37
N PRO C 233 1.24 34.27 18.70
CA PRO C 233 1.09 34.34 17.23
C PRO C 233 -0.02 35.29 16.80
N TYR C 234 0.12 36.56 17.18
CA TYR C 234 -0.87 37.56 16.81
C TYR C 234 -0.94 37.72 15.31
N LEU C 235 -2.14 38.05 14.81
CA LEU C 235 -2.36 38.22 13.39
C LEU C 235 -3.38 39.34 13.16
N TYR C 236 -3.04 40.25 12.26
CA TYR C 236 -3.93 41.32 11.84
C TYR C 236 -4.59 40.97 10.50
N THR C 237 -5.53 41.80 10.09
CA THR C 237 -6.28 41.57 8.86
C THR C 237 -6.27 42.82 8.01
N ALA C 238 -5.97 42.65 6.72
CA ALA C 238 -5.95 43.74 5.75
C ALA C 238 -7.06 43.50 4.74
N GLU C 239 -7.95 44.48 4.57
CA GLU C 239 -9.05 44.41 3.62
C GLU C 239 -9.02 45.66 2.74
N VAL C 240 -9.10 45.45 1.43
CA VAL C 240 -9.13 46.53 0.46
C VAL C 240 -10.26 46.25 -0.52
N ALA C 241 -11.18 47.21 -0.63
CA ALA C 241 -12.34 47.08 -1.51
C ALA C 241 -12.30 48.15 -2.59
N LEU C 242 -12.61 47.75 -3.82
CA LEU C 242 -12.66 48.66 -4.96
C LEU C 242 -14.06 49.24 -5.04
N VAL C 243 -14.23 50.47 -4.54
CA VAL C 243 -15.53 51.11 -4.53
C VAL C 243 -15.72 51.95 -5.79
N GLY C 245 -18.40 52.49 -8.19
CA GLY C 245 -19.05 53.72 -7.77
C GLY C 245 -19.00 53.92 -6.27
N GLU C 246 -20.17 54.08 -5.66
CA GLU C 246 -20.30 54.25 -4.21
C GLU C 246 -20.62 52.93 -3.52
N GLU C 247 -20.21 51.80 -4.10
CA GLU C 247 -20.47 50.49 -3.52
C GLU C 247 -19.33 49.56 -3.88
N ALA C 248 -19.12 48.56 -3.02
CA ALA C 248 -18.01 47.63 -3.20
C ALA C 248 -18.28 46.70 -4.38
N VAL C 249 -17.42 46.77 -5.40
CA VAL C 249 -17.53 45.86 -6.54
C VAL C 249 -16.59 44.67 -6.43
N ASP C 250 -15.52 44.79 -5.63
CA ASP C 250 -14.62 43.66 -5.38
C ASP C 250 -13.85 43.96 -4.10
N ALA C 251 -13.26 42.91 -3.53
CA ALA C 251 -12.51 43.08 -2.29
C ALA C 251 -11.67 41.84 -1.97
N VAL C 252 -10.35 42.00 -1.93
CA VAL C 252 -9.45 40.96 -1.48
C VAL C 252 -9.08 41.25 -0.03
N SER C 253 -8.65 40.22 0.68
CA SER C 253 -8.27 40.37 2.08
C SER C 253 -7.18 39.36 2.41
N THR C 254 -6.47 39.62 3.50
CA THR C 254 -5.40 38.75 3.95
C THR C 254 -5.05 39.09 5.39
N ARG C 255 -4.63 38.06 6.12
CA ARG C 255 -4.05 38.23 7.45
C ARG C 255 -2.55 38.42 7.33
N PHE C 256 -1.98 39.11 8.31
CA PHE C 256 -0.54 39.31 8.35
C PHE C 256 -0.10 39.38 9.80
N GLY C 257 1.19 39.36 10.00
CA GLY C 257 1.77 39.49 11.32
C GLY C 257 2.95 40.44 11.28
N CYS C 258 3.09 41.21 12.35
CA CYS C 258 4.15 42.20 12.50
C CYS C 258 5.26 41.63 13.37
N ARG C 259 6.45 41.48 12.80
CA ARG C 259 7.58 40.90 13.52
C ARG C 259 8.86 41.31 12.81
N THR C 260 9.97 41.20 13.55
CA THR C 260 11.30 41.39 13.02
C THR C 260 12.17 40.21 13.41
N PHE C 261 13.00 39.76 12.48
CA PHE C 261 13.84 38.60 12.71
C PHE C 261 15.19 38.82 12.05
N GLU C 262 16.19 38.11 12.55
CA GLU C 262 17.51 38.06 11.95
C GLU C 262 18.14 36.72 12.27
N ILE C 263 19.13 36.33 11.47
CA ILE C 263 19.80 35.05 11.64
C ILE C 263 21.26 35.28 11.99
N ASP C 264 21.53 35.58 13.25
CA ASP C 264 22.90 35.84 13.68
C ASP C 264 23.75 34.59 13.51
N PRO C 265 24.96 34.70 12.95
CA PRO C 265 25.81 33.51 12.77
C PRO C 265 26.37 32.96 14.08
N GLU C 266 26.20 33.65 15.20
CA GLU C 266 26.68 33.18 16.49
C GLU C 266 25.56 32.98 17.50
N ARG C 267 24.53 33.82 17.48
CA ARG C 267 23.41 33.71 18.40
C ARG C 267 22.24 32.92 17.81
N GLY C 268 22.33 32.49 16.56
CA GLY C 268 21.24 31.76 15.95
C GLY C 268 20.12 32.66 15.49
N PHE C 269 18.90 32.14 15.55
CA PHE C 269 17.73 32.89 15.12
C PHE C 269 17.37 33.95 16.15
N ILE C 270 17.04 35.14 15.66
CA ILE C 270 16.59 36.26 16.50
C ILE C 270 15.18 36.64 16.05
N LEU C 271 14.23 36.56 16.98
CA LEU C 271 12.83 36.83 16.70
C LEU C 271 12.40 38.04 17.53
N ASN C 272 12.09 39.15 16.87
CA ASN C 272 11.58 40.35 17.53
C ASN C 272 12.52 40.80 18.65
N GLY C 273 13.81 40.81 18.37
CA GLY C 273 14.85 41.22 19.30
C GLY C 273 15.45 40.15 20.20
N GLU C 274 14.61 39.27 20.73
CA GLU C 274 15.08 38.22 21.64
C GLU C 274 15.51 36.99 20.86
N GLU C 275 16.35 36.17 21.50
CA GLU C 275 16.79 34.92 20.90
C GLU C 275 15.64 33.94 20.84
N TYR C 276 15.52 33.24 19.72
CA TYR C 276 14.40 32.32 19.47
C TYR C 276 14.94 31.07 18.77
N PRO C 277 15.53 30.16 19.53
CA PRO C 277 16.09 28.94 18.92
C PRO C 277 15.10 28.21 18.03
N LEU C 278 15.48 27.99 16.77
CA LEU C 278 14.64 27.29 15.81
C LEU C 278 15.06 25.82 15.80
N ARG C 279 14.25 24.98 16.46
CA ARG C 279 14.48 23.54 16.50
C ARG C 279 13.15 22.86 16.21
N GLY C 280 13.07 22.19 15.06
CA GLY C 280 11.82 21.58 14.64
C GLY C 280 11.99 20.42 13.69
N VAL C 281 11.10 20.31 12.70
CA VAL C 281 11.03 19.18 11.79
C VAL C 281 10.54 19.66 10.44
N SER C 282 10.56 18.76 9.46
CA SER C 282 9.98 18.99 8.15
C SER C 282 8.93 17.92 7.88
N ARG C 283 8.03 18.23 6.95
CA ARG C 283 6.91 17.36 6.64
C ARG C 283 6.67 17.33 5.14
N HIS C 284 6.33 16.15 4.63
CA HIS C 284 5.80 16.03 3.28
C HIS C 284 4.29 16.15 3.32
N GLN C 285 3.71 16.50 2.17
CA GLN C 285 2.29 16.82 2.08
C GLN C 285 1.46 15.63 1.61
N ASP C 286 1.72 14.45 2.14
CA ASP C 286 0.98 13.26 1.74
C ASP C 286 0.61 12.45 2.98
N ARG C 287 -0.30 11.50 2.79
CA ARG C 287 -0.71 10.58 3.83
C ARG C 287 -0.97 9.21 3.21
N TRP C 288 -0.78 8.16 4.01
CA TRP C 288 -0.95 6.80 3.52
C TRP C 288 -2.38 6.59 3.03
N GLY C 289 -2.52 6.21 1.76
CA GLY C 289 -3.78 5.81 1.20
C GLY C 289 -4.44 6.86 0.32
N ILE C 290 -4.17 8.14 0.56
CA ILE C 290 -4.79 9.21 -0.20
C ILE C 290 -3.76 9.99 -1.02
N GLY C 291 -2.57 9.43 -1.21
CA GLY C 291 -1.51 10.14 -1.87
C GLY C 291 -1.33 11.53 -1.27
N ASN C 292 -1.53 12.56 -2.08
CA ASN C 292 -1.53 13.94 -1.60
C ASN C 292 -2.90 14.59 -1.66
N ALA C 293 -3.94 13.83 -2.02
CA ALA C 293 -5.30 14.35 -1.99
C ALA C 293 -5.72 14.57 -0.53
N LEU C 294 -5.03 15.48 0.15
CA LEU C 294 -5.28 15.71 1.56
C LEU C 294 -6.51 16.59 1.75
N LEU C 295 -7.16 16.42 2.89
CA LEU C 295 -8.29 17.24 3.26
C LEU C 295 -7.91 18.18 4.40
N PRO C 296 -8.65 19.29 4.55
CA PRO C 296 -8.30 20.23 5.63
C PRO C 296 -8.03 19.56 6.97
N GLU C 297 -8.77 18.50 7.31
CA GLU C 297 -8.53 17.80 8.57
C GLU C 297 -7.13 17.22 8.62
N HIS C 298 -6.63 16.70 7.50
CA HIS C 298 -5.29 16.13 7.47
C HIS C 298 -4.25 17.20 7.78
N HIS C 299 -4.33 18.35 7.14
CA HIS C 299 -3.44 19.45 7.47
C HIS C 299 -3.55 19.79 8.95
N ARG C 300 -4.77 19.75 9.50
CA ARG C 300 -4.95 20.09 10.90
C ARG C 300 -4.35 19.05 11.83
N GLU C 301 -4.44 17.77 11.46
CA GLU C 301 -3.88 16.71 12.30
C GLU C 301 -2.36 16.71 12.22
N ASP C 302 -1.79 16.97 11.04
CA ASP C 302 -0.35 17.01 10.90
C ASP C 302 0.25 18.09 11.79
N ILE C 303 -0.24 19.32 11.68
CA ILE C 303 0.28 20.42 12.48
C ILE C 303 -0.04 20.24 13.96
N ASP C 304 -1.06 19.44 14.30
CA ASP C 304 -1.38 19.21 15.70
C ASP C 304 -0.35 18.29 16.36
N LEU C 305 0.09 17.25 15.63
CA LEU C 305 1.14 16.40 16.16
C LEU C 305 2.45 17.15 16.32
N ILE C 306 2.72 18.11 15.43
CA ILE C 306 3.93 18.92 15.54
C ILE C 306 3.87 19.81 16.78
N CYS C 307 2.75 20.50 16.96
CA CYS C 307 2.60 21.36 18.14
C CYS C 307 2.71 20.56 19.43
N GLU C 308 2.18 19.33 19.43
CA GLU C 308 2.38 18.46 20.58
C GLU C 308 3.86 18.17 20.79
N LEU C 309 4.55 17.78 19.72
CA LEU C 309 5.98 17.51 19.83
C LEU C 309 6.76 18.74 20.29
N GLY C 310 6.27 19.94 19.94
CA GLY C 310 6.90 21.16 20.41
C GLY C 310 7.93 21.76 19.48
N ALA C 311 7.83 21.51 18.18
CA ALA C 311 8.75 22.13 17.24
C ALA C 311 8.45 23.62 17.10
N THR C 312 9.51 24.42 16.99
CA THR C 312 9.38 25.86 16.77
C THR C 312 9.45 26.25 15.30
N THR C 313 9.91 25.36 14.44
CA THR C 313 10.01 25.64 13.01
C THR C 313 9.71 24.37 12.23
N ILE C 314 9.21 24.55 11.01
CA ILE C 314 8.92 23.46 10.10
C ILE C 314 9.55 23.78 8.76
N ARG C 315 10.15 22.77 8.13
CA ARG C 315 10.73 22.90 6.80
C ARG C 315 9.76 22.28 5.80
N LEU C 316 8.97 23.12 5.14
CA LEU C 316 7.94 22.67 4.22
C LEU C 316 8.57 22.38 2.85
N ALA C 317 9.41 21.35 2.82
CA ALA C 317 10.02 20.87 1.60
C ALA C 317 9.11 19.83 0.93
N HIS C 318 9.42 19.50 -0.32
CA HIS C 318 10.48 20.05 -1.16
C HIS C 318 9.89 21.00 -2.19
N TYR C 319 8.79 21.65 -1.83
CA TYR C 319 7.96 22.35 -2.80
C TYR C 319 7.02 23.29 -2.05
N GLN C 320 6.12 23.91 -2.79
CA GLN C 320 5.07 24.71 -2.17
C GLN C 320 4.04 23.80 -1.52
N HIS C 321 3.53 24.23 -0.37
CA HIS C 321 2.57 23.46 0.40
C HIS C 321 1.19 24.09 0.29
N ASP C 322 0.21 23.43 0.92
CA ASP C 322 -1.16 23.92 0.89
C ASP C 322 -1.26 25.27 1.59
N GLN C 323 -2.07 26.16 1.00
CA GLN C 323 -2.30 27.45 1.63
C GLN C 323 -2.84 27.30 3.04
N TYR C 324 -3.81 26.38 3.23
CA TYR C 324 -4.39 26.17 4.54
C TYR C 324 -3.33 25.81 5.58
N PHE C 325 -2.28 25.09 5.17
CA PHE C 325 -1.24 24.72 6.12
C PHE C 325 -0.37 25.93 6.47
N TYR C 326 -0.01 26.74 5.47
CA TYR C 326 0.67 27.99 5.76
C TYR C 326 -0.16 28.85 6.71
N ASP C 327 -1.48 28.86 6.51
CA ASP C 327 -2.37 29.61 7.42
C ASP C 327 -2.36 29.00 8.81
N LEU C 328 -2.26 27.67 8.91
CA LEU C 328 -2.20 27.04 10.22
C LEU C 328 -0.90 27.40 10.94
N CYS C 329 0.21 27.50 10.20
CA CYS C 329 1.47 27.89 10.83
C CYS C 329 1.42 29.33 11.31
N ASP C 330 0.83 30.22 10.52
CA ASP C 330 0.64 31.60 10.98
C ASP C 330 -0.22 31.65 12.23
N GLU C 331 -1.17 30.73 12.37
CA GLU C 331 -2.02 30.70 13.54
C GLU C 331 -1.25 30.20 14.76
N ARG C 332 -0.50 29.12 14.60
CA ARG C 332 0.24 28.52 15.71
C ARG C 332 1.58 29.20 15.96
N GLY C 333 1.95 30.19 15.16
CA GLY C 333 3.21 30.89 15.37
C GLY C 333 4.44 30.06 15.08
N LEU C 334 4.39 29.23 14.04
CA LEU C 334 5.55 28.43 13.65
C LEU C 334 6.36 29.15 12.59
N VAL C 335 7.67 29.19 12.78
CA VAL C 335 8.57 29.76 11.79
C VAL C 335 8.84 28.72 10.71
N ILE C 336 8.66 29.11 9.45
CA ILE C 336 8.52 28.16 8.35
C ILE C 336 9.60 28.37 7.31
N TRP C 337 10.05 27.27 6.72
CA TRP C 337 11.00 27.26 5.60
C TRP C 337 10.25 26.79 4.36
N ALA C 338 10.15 27.66 3.36
CA ALA C 338 9.54 27.33 2.08
C ALA C 338 10.62 27.23 1.02
N GLU C 339 10.40 26.35 0.05
CA GLU C 339 11.40 26.13 -1.00
C GLU C 339 10.68 25.66 -2.26
N ILE C 340 11.46 25.32 -3.28
CA ILE C 340 10.93 24.87 -4.57
C ILE C 340 11.49 23.49 -4.85
N PRO C 341 10.88 22.73 -5.79
CA PRO C 341 11.39 21.40 -6.15
C PRO C 341 12.67 21.41 -6.97
N TYR C 342 13.44 22.50 -6.94
CA TYR C 342 14.77 22.54 -7.62
C TYR C 342 15.66 21.59 -6.84
N ILE C 343 15.45 20.29 -7.01
CA ILE C 343 16.16 19.31 -6.14
C ILE C 343 17.05 18.37 -6.93
N SER C 344 18.16 17.95 -6.33
CA SER C 344 19.05 16.91 -6.94
C SER C 344 19.82 17.41 -8.17
N SER C 345 19.42 16.99 -9.36
CA SER C 345 20.22 17.32 -10.57
C SER C 345 19.83 18.67 -11.18
N HIS C 346 20.81 19.40 -11.67
CA HIS C 346 20.58 20.68 -12.31
C HIS C 346 20.32 20.43 -13.79
N MET C 347 19.08 20.68 -14.22
CA MET C 347 18.74 20.58 -15.63
C MET C 347 18.90 21.95 -16.26
N PRO C 348 19.86 22.14 -17.19
CA PRO C 348 20.00 23.45 -17.85
C PRO C 348 18.69 23.98 -18.39
N ASN C 349 17.86 23.11 -18.98
CA ASN C 349 16.56 23.52 -19.49
C ASN C 349 15.55 23.79 -18.38
N GLY C 350 15.93 23.64 -17.11
CA GLY C 350 15.02 23.88 -16.01
C GLY C 350 14.89 25.33 -15.58
N ARG C 351 15.75 26.21 -16.08
CA ARG C 351 15.70 27.63 -15.74
C ARG C 351 14.29 28.17 -15.78
N GLU C 352 13.69 28.19 -16.97
CA GLU C 352 12.36 28.76 -17.16
C GLU C 352 11.39 28.33 -16.07
N ASN C 353 11.51 27.09 -15.59
CA ASN C 353 10.60 26.60 -14.57
C ASN C 353 10.95 27.13 -13.18
N THR C 354 12.25 27.14 -12.83
CA THR C 354 12.64 27.59 -11.50
C THR C 354 12.20 29.01 -11.22
N ILE C 355 12.42 29.92 -12.19
CA ILE C 355 11.99 31.30 -12.00
C ILE C 355 10.48 31.36 -11.84
N SER C 356 9.75 30.60 -12.66
CA SER C 356 8.29 30.61 -12.57
C SER C 356 7.82 30.09 -11.21
N GLN C 357 8.25 28.89 -10.84
CA GLN C 357 7.84 28.31 -9.57
C GLN C 357 8.26 29.20 -8.40
N MET C 358 9.52 29.65 -8.40
CA MET C 358 9.98 30.52 -7.32
C MET C 358 9.19 31.82 -7.30
N LYS C 359 8.89 32.37 -8.48
CA LYS C 359 8.01 33.54 -8.54
C LYS C 359 6.65 33.21 -7.93
N GLU C 360 6.10 32.05 -8.26
CA GLU C 360 4.81 31.66 -7.72
C GLU C 360 4.88 31.45 -6.21
N LEU C 361 6.00 30.93 -5.70
CA LEU C 361 6.12 30.67 -4.27
C LEU C 361 6.10 31.97 -3.47
N VAL C 362 6.68 33.04 -4.00
CA VAL C 362 6.78 34.29 -3.26
C VAL C 362 5.54 35.14 -3.40
N VAL C 363 5.00 35.27 -4.62
CA VAL C 363 3.79 36.08 -4.81
C VAL C 363 2.63 35.49 -4.01
N GLN C 364 2.55 34.16 -3.93
CA GLN C 364 1.39 33.52 -3.33
C GLN C 364 1.51 33.43 -1.81
N ASN C 365 2.72 33.39 -1.27
CA ASN C 365 2.92 33.20 0.17
C ASN C 365 3.63 34.39 0.82
N TYR C 366 3.58 35.56 0.18
CA TYR C 366 4.35 36.69 0.70
C TYR C 366 3.79 37.22 2.02
N ASN C 367 2.51 37.04 2.28
CA ASN C 367 1.86 37.64 3.43
C ASN C 367 1.89 36.76 4.68
N HIS C 368 2.45 35.55 4.59
CA HIS C 368 2.48 34.68 5.76
C HIS C 368 3.62 35.07 6.68
N PRO C 369 3.32 35.65 7.85
CA PRO C 369 4.39 36.05 8.78
C PRO C 369 5.23 34.89 9.26
N SER C 370 4.76 33.66 9.13
CA SER C 370 5.50 32.50 9.61
C SER C 370 6.69 32.15 8.72
N ILE C 371 6.68 32.59 7.45
CA ILE C 371 7.79 32.31 6.54
C ILE C 371 8.88 33.33 6.77
N VAL C 372 10.15 32.88 6.71
CA VAL C 372 11.28 33.77 6.95
C VAL C 372 12.42 33.47 5.98
N VAL C 373 12.38 32.32 5.32
CA VAL C 373 13.44 31.94 4.39
C VAL C 373 12.81 31.23 3.19
N TRP C 374 13.23 31.64 1.99
CA TRP C 374 12.90 30.94 0.76
C TRP C 374 14.09 30.07 0.36
N GLY C 375 13.87 28.77 0.27
CA GLY C 375 14.93 27.87 -0.17
C GLY C 375 15.05 27.87 -1.69
N LEU C 376 16.29 27.94 -2.17
CA LEU C 376 16.53 27.94 -3.61
C LEU C 376 16.75 26.54 -4.18
N SER C 377 17.25 25.60 -3.38
CA SER C 377 17.57 24.28 -3.89
C SER C 377 17.68 23.31 -2.73
N ASN C 378 17.78 22.02 -3.09
CA ASN C 378 18.00 20.94 -2.13
C ASN C 378 18.98 19.95 -2.74
N GLU C 379 20.19 19.90 -2.20
CA GLU C 379 21.22 18.96 -2.65
C GLU C 379 21.40 19.02 -4.17
N ILE C 380 21.48 20.25 -4.70
CA ILE C 380 21.51 20.47 -6.14
C ILE C 380 22.82 20.08 -6.79
N THR C 381 23.84 19.73 -6.01
CA THR C 381 25.14 19.37 -6.56
C THR C 381 25.41 17.87 -6.51
N MET C 382 24.39 17.05 -6.26
CA MET C 382 24.58 15.61 -6.19
C MET C 382 25.06 15.05 -7.54
N ALA C 383 24.55 15.61 -8.65
CA ALA C 383 24.94 15.17 -9.97
C ALA C 383 26.44 15.37 -10.19
N GLY C 384 26.86 16.62 -10.35
CA GLY C 384 28.27 16.94 -10.51
C GLY C 384 28.72 18.03 -9.58
N SER C 385 29.30 19.10 -10.14
CA SER C 385 29.71 20.27 -9.37
C SER C 385 29.13 21.51 -10.04
N SER C 386 29.37 22.67 -9.42
CA SER C 386 28.75 23.92 -9.84
C SER C 386 29.50 24.49 -11.03
N ASP C 387 29.09 24.09 -12.23
CA ASP C 387 29.57 24.74 -13.43
C ASP C 387 28.94 26.12 -13.56
N GLU C 388 29.25 26.81 -14.66
CA GLU C 388 28.74 28.17 -14.82
C GLU C 388 27.22 28.20 -14.82
N ASP C 389 26.58 27.21 -15.46
CA ASP C 389 25.12 27.23 -15.56
C ASP C 389 24.47 27.10 -14.19
N LEU C 390 24.85 26.08 -13.43
CA LEU C 390 24.29 25.90 -12.09
C LEU C 390 24.47 27.16 -11.25
N LEU C 391 25.63 27.82 -11.39
CA LEU C 391 25.90 29.01 -10.58
C LEU C 391 25.06 30.19 -11.05
N GLU C 392 24.97 30.39 -12.37
CA GLU C 392 24.15 31.49 -12.88
C GLU C 392 22.67 31.26 -12.61
N ASN C 393 22.24 30.00 -12.58
CA ASN C 393 20.84 29.70 -12.27
C ASN C 393 20.51 30.10 -10.84
N HIS C 394 21.41 29.82 -9.89
CA HIS C 394 21.15 30.19 -8.51
C HIS C 394 21.23 31.70 -8.31
N ARG C 395 22.15 32.36 -9.03
CA ARG C 395 22.27 33.81 -8.91
C ARG C 395 20.99 34.51 -9.33
N ILE C 396 20.36 34.03 -10.42
CA ILE C 396 19.14 34.66 -10.91
C ILE C 396 18.03 34.55 -9.87
N LEU C 397 17.83 33.34 -9.33
CA LEU C 397 16.80 33.14 -8.32
C LEU C 397 17.06 33.98 -7.09
N ASN C 398 18.31 33.98 -6.61
CA ASN C 398 18.65 34.73 -5.40
C ASN C 398 18.42 36.22 -5.60
N ASP C 399 18.96 36.78 -6.70
CA ASP C 399 18.72 38.19 -7.00
C ASP C 399 17.23 38.48 -7.14
N MET C 400 16.50 37.57 -7.79
CA MET C 400 15.07 37.78 -8.01
C MET C 400 14.31 37.78 -6.69
N VAL C 401 14.59 36.81 -5.82
CA VAL C 401 13.90 36.73 -4.53
C VAL C 401 14.12 38.01 -3.74
N HIS C 402 15.37 38.47 -3.66
CA HIS C 402 15.66 39.69 -2.91
C HIS C 402 14.94 40.89 -3.51
N GLU C 403 14.81 40.93 -4.84
CA GLU C 403 14.18 42.08 -5.48
C GLU C 403 12.72 42.21 -5.07
N MET C 404 12.03 41.09 -4.89
CA MET C 404 10.58 41.13 -4.58
C MET C 404 10.35 41.18 -3.07
N ASP C 405 11.22 40.53 -2.30
CA ASP C 405 11.05 40.47 -0.83
C ASP C 405 12.27 41.06 -0.13
N HIS C 406 12.08 42.19 0.56
CA HIS C 406 13.18 42.83 1.31
C HIS C 406 13.02 42.47 2.79
N THR C 407 12.15 41.52 3.11
CA THR C 407 11.89 41.18 4.50
C THR C 407 12.36 39.79 4.90
N ARG C 408 12.73 38.94 3.95
CA ARG C 408 13.12 37.57 4.22
C ARG C 408 14.50 37.29 3.64
N LEU C 409 15.08 36.16 4.05
CA LEU C 409 16.39 35.73 3.61
C LEU C 409 16.29 34.50 2.74
N THR C 410 17.24 34.35 1.83
CA THR C 410 17.33 33.17 0.99
C THR C 410 18.23 32.13 1.65
N THR C 411 17.98 30.86 1.32
CA THR C 411 18.77 29.76 1.87
C THR C 411 18.85 28.65 0.85
N ILE C 412 19.65 27.64 1.19
CA ILE C 412 19.75 26.43 0.38
C ILE C 412 20.05 25.26 1.32
N ALA C 413 19.71 24.06 0.86
CA ALA C 413 20.05 22.83 1.56
C ALA C 413 21.11 22.10 0.76
N VAL C 414 22.27 21.88 1.38
CA VAL C 414 23.43 21.32 0.69
C VAL C 414 23.52 19.83 0.96
N VAL C 415 23.89 19.07 -0.08
CA VAL C 415 24.06 17.63 0.06
C VAL C 415 25.28 17.35 0.93
N SER C 416 25.24 16.23 1.65
CA SER C 416 26.29 15.91 2.61
C SER C 416 27.66 15.91 1.95
N MET C 417 27.79 15.22 0.81
CA MET C 417 29.09 15.07 0.16
C MET C 417 29.68 16.39 -0.29
N CYS C 418 28.85 17.43 -0.46
CA CYS C 418 29.32 18.67 -1.05
C CYS C 418 30.41 19.31 -0.21
N ASP C 419 31.54 19.62 -0.84
CA ASP C 419 32.60 20.35 -0.15
C ASP C 419 32.07 21.72 0.28
N ILE C 420 32.53 22.16 1.46
CA ILE C 420 32.05 23.43 2.00
C ILE C 420 32.58 24.61 1.20
N HIS C 421 33.65 24.42 0.43
CA HIS C 421 34.21 25.47 -0.40
C HIS C 421 33.57 25.56 -1.78
N ASP C 422 32.44 24.89 -1.98
CA ASP C 422 31.78 24.93 -3.27
C ASP C 422 31.36 26.38 -3.59
N PRO C 423 31.42 26.79 -4.86
CA PRO C 423 31.14 28.21 -5.17
C PRO C 423 29.72 28.63 -4.82
N TYR C 424 28.74 27.74 -4.92
CA TYR C 424 27.35 28.15 -4.80
C TYR C 424 26.90 28.31 -3.34
N ILE C 425 27.65 27.77 -2.39
CA ILE C 425 27.37 28.01 -0.99
C ILE C 425 27.54 29.48 -0.61
N GLN C 426 28.09 30.29 -1.50
CA GLN C 426 28.34 31.70 -1.24
C GLN C 426 27.26 32.62 -1.80
N ILE C 427 26.26 32.07 -2.49
CA ILE C 427 25.25 32.86 -3.17
C ILE C 427 24.12 33.23 -2.22
N PRO C 428 23.58 32.29 -1.44
CA PRO C 428 22.45 32.61 -0.57
C PRO C 428 22.89 33.36 0.68
N ASP C 429 21.89 33.81 1.45
CA ASP C 429 22.16 34.54 2.69
C ASP C 429 22.61 33.59 3.80
N VAL C 430 21.89 32.49 3.98
CA VAL C 430 22.25 31.46 4.93
C VAL C 430 22.24 30.11 4.20
N ILE C 431 22.84 29.10 4.83
CA ILE C 431 22.90 27.76 4.26
C ILE C 431 22.65 26.74 5.35
N SER C 432 22.34 25.52 4.91
CA SER C 432 22.11 24.39 5.83
C SER C 432 22.54 23.11 5.12
N TYR C 433 22.95 22.10 5.87
CA TYR C 433 23.45 20.85 5.32
C TYR C 433 22.52 19.70 5.67
N ASN C 434 22.49 18.71 4.77
CA ASN C 434 21.74 17.47 4.96
C ASN C 434 22.76 16.37 5.26
N HIS C 435 22.86 15.98 6.53
CA HIS C 435 23.87 15.04 6.99
C HIS C 435 23.19 13.83 7.63
N TYR C 436 23.60 12.64 7.21
CA TYR C 436 23.09 11.38 7.72
C TYR C 436 24.22 10.53 8.29
N PHE C 437 25.12 11.16 9.02
CA PHE C 437 26.13 10.43 9.77
C PHE C 437 25.45 9.60 10.85
N GLY C 438 25.48 8.28 10.70
CA GLY C 438 24.78 7.40 11.66
C GLY C 438 23.78 6.55 10.93
N TRP C 439 23.33 6.98 9.74
CA TRP C 439 22.34 6.18 8.99
C TRP C 439 22.91 5.91 7.62
N TYR C 440 23.79 6.76 7.13
CA TYR C 440 24.50 6.39 5.90
C TYR C 440 25.89 6.14 6.44
N GLY C 441 26.91 6.09 5.61
CA GLY C 441 28.22 5.90 6.26
C GLY C 441 28.55 6.78 7.45
N GLY C 442 29.21 6.22 8.46
CA GLY C 442 29.78 7.03 9.51
C GLY C 442 29.21 6.73 10.88
N ASP C 443 29.40 7.69 11.79
CA ASP C 443 28.93 7.58 13.16
C ASP C 443 28.16 8.83 13.55
N VAL C 444 27.20 8.66 14.47
CA VAL C 444 26.38 9.79 14.89
C VAL C 444 27.21 10.86 15.58
N SER C 445 28.33 10.48 16.19
CA SER C 445 29.20 11.43 16.86
C SER C 445 29.89 12.39 15.89
N MET C 446 29.86 12.11 14.59
CA MET C 446 30.55 12.92 13.60
C MET C 446 29.83 14.24 13.30
N ASN C 447 28.58 14.39 13.74
CA ASN C 447 27.80 15.56 13.34
C ASN C 447 28.30 16.82 14.02
N GLY C 448 28.51 16.77 15.33
CA GLY C 448 28.94 17.92 16.09
C GLY C 448 30.21 18.54 15.56
N PRO C 449 31.28 17.76 15.48
CA PRO C 449 32.55 18.30 14.94
C PRO C 449 32.39 18.85 13.53
N TRP C 450 31.66 18.14 12.67
CA TRP C 450 31.48 18.60 11.30
C TRP C 450 30.94 20.01 11.26
N MET C 451 29.79 20.25 11.90
CA MET C 451 29.22 21.59 11.94
C MET C 451 30.23 22.59 12.48
N ASP C 452 31.07 22.15 13.41
CA ASP C 452 32.10 23.03 13.95
C ASP C 452 33.12 23.40 12.89
N ASN C 453 33.59 22.42 12.12
CA ASN C 453 34.60 22.70 11.11
C ASN C 453 34.12 23.74 10.12
N PHE C 454 32.86 23.63 9.66
CA PHE C 454 32.31 24.65 8.79
C PHE C 454 32.29 26.02 9.48
N HIS C 455 31.77 26.07 10.70
CA HIS C 455 31.69 27.33 11.42
C HIS C 455 33.06 27.98 11.55
N LYS C 456 34.13 27.20 11.54
CA LYS C 456 35.47 27.76 11.63
C LYS C 456 35.87 28.41 10.32
N GLU C 457 35.67 27.72 9.20
CA GLU C 457 36.12 28.24 7.91
C GLU C 457 35.24 29.40 7.43
N PHE C 458 33.94 29.35 7.72
CA PHE C 458 33.01 30.39 7.30
C PHE C 458 32.19 30.83 8.50
N PRO C 459 32.81 31.58 9.42
CA PRO C 459 32.11 31.95 10.66
C PRO C 459 30.97 32.93 10.45
N ASN C 460 30.99 33.72 9.38
CA ASN C 460 29.96 34.72 9.14
C ASN C 460 28.89 34.27 8.15
N ILE C 461 28.95 33.00 7.71
CA ILE C 461 27.89 32.41 6.91
C ILE C 461 27.08 31.50 7.84
N PRO C 462 25.88 31.90 8.24
CA PRO C 462 25.12 31.09 9.21
C PRO C 462 24.91 29.68 8.70
N LEU C 463 25.20 28.71 9.56
CA LEU C 463 25.09 27.30 9.24
C LEU C 463 23.93 26.68 10.00
N GLY C 464 23.21 25.78 9.33
CA GLY C 464 22.11 25.08 9.96
C GLY C 464 22.06 23.63 9.51
N MET C 465 21.15 22.89 10.14
CA MET C 465 20.90 21.49 9.80
C MET C 465 19.53 21.40 9.16
N SER C 466 19.52 21.27 7.83
CA SER C 466 18.26 21.20 7.06
C SER C 466 17.71 19.78 7.03
N GLU C 467 18.55 18.80 7.33
CA GLU C 467 18.10 17.42 7.24
C GLU C 467 19.02 16.51 8.05
N TYR C 468 18.39 15.56 8.75
CA TYR C 468 19.09 14.51 9.46
C TYR C 468 18.05 13.53 10.00
N GLY C 469 18.31 12.23 9.91
CA GLY C 469 17.31 11.28 10.37
C GLY C 469 17.81 9.86 10.24
N CYS C 470 16.97 8.95 10.69
CA CYS C 470 17.29 7.53 10.71
C CYS C 470 16.00 6.75 10.47
N GLU C 471 16.11 5.64 9.76
CA GLU C 471 14.95 4.81 9.48
C GLU C 471 14.58 3.97 10.69
N ALA C 472 13.29 3.70 10.83
CA ALA C 472 12.80 2.90 11.96
C ALA C 472 11.43 2.34 11.61
N LEU C 473 11.29 1.02 11.75
CA LEU C 473 9.99 0.36 11.56
C LEU C 473 9.62 -0.39 12.83
N ASN C 474 8.75 -1.39 12.72
CA ASN C 474 8.40 -2.21 13.88
C ASN C 474 9.40 -3.35 14.12
N TRP C 475 10.68 -3.08 13.90
CA TRP C 475 11.74 -4.01 14.25
C TRP C 475 12.34 -3.59 15.58
N HIS C 476 12.88 -4.57 16.32
CA HIS C 476 13.40 -4.31 17.65
C HIS C 476 14.60 -5.21 17.91
N THR C 477 15.42 -4.79 18.87
CA THR C 477 16.64 -5.50 19.23
C THR C 477 17.17 -4.93 20.54
N SER C 478 17.88 -5.77 21.28
CA SER C 478 18.59 -5.32 22.47
C SER C 478 20.02 -4.86 22.16
N ASP C 479 20.52 -5.14 20.96
CA ASP C 479 21.82 -4.69 20.49
C ASP C 479 21.60 -3.79 19.28
N PRO C 480 21.29 -2.52 19.49
CA PRO C 480 20.97 -1.65 18.36
C PRO C 480 22.22 -1.33 17.54
N LYS C 481 22.05 -1.36 16.22
CA LYS C 481 23.12 -1.09 15.28
C LYS C 481 22.57 -0.31 14.10
N GLN C 482 23.47 0.11 13.21
CA GLN C 482 23.08 0.81 11.99
C GLN C 482 22.82 -0.21 10.90
N GLY C 483 21.60 -0.19 10.37
CA GLY C 483 21.18 -1.13 9.34
C GLY C 483 20.19 -2.15 9.80
N ASP C 484 19.85 -2.18 11.09
CA ASP C 484 18.83 -3.08 11.60
C ASP C 484 17.44 -2.48 11.55
N TYR C 485 17.31 -1.20 11.20
CA TYR C 485 16.02 -0.53 11.04
C TYR C 485 15.16 -0.59 12.29
N THR C 486 15.78 -0.85 13.45
CA THR C 486 15.03 -1.00 14.68
C THR C 486 14.57 0.36 15.22
N GLU C 487 13.41 0.35 15.86
CA GLU C 487 12.95 1.57 16.53
C GLU C 487 13.90 1.97 17.64
N GLU C 488 14.57 1.00 18.28
CA GLU C 488 15.52 1.32 19.34
C GLU C 488 16.65 2.20 18.82
N TYR C 489 17.31 1.77 17.76
CA TYR C 489 18.45 2.53 17.25
C TYR C 489 18.04 3.95 16.86
N GLN C 490 16.90 4.10 16.20
CA GLN C 490 16.43 5.44 15.83
C GLN C 490 16.31 6.33 17.06
N ALA C 491 15.96 5.75 18.20
CA ALA C 491 15.93 6.52 19.44
C ALA C 491 17.33 6.99 19.83
N TYR C 492 18.28 6.07 19.85
CA TYR C 492 19.67 6.48 20.13
C TYR C 492 20.08 7.57 19.14
N TYR C 493 20.01 7.26 17.85
CA TYR C 493 20.48 8.24 16.86
C TYR C 493 19.98 9.64 17.17
N HIS C 494 18.69 9.75 17.48
CA HIS C 494 18.13 11.08 17.74
C HIS C 494 18.57 11.60 19.10
N GLU C 495 18.67 10.72 20.10
CA GLU C 495 19.17 11.15 21.40
C GLU C 495 20.47 11.92 21.27
N GLU C 496 21.47 11.33 20.61
CA GLU C 496 22.76 12.00 20.47
C GLU C 496 22.65 13.21 19.55
N MET C 497 21.84 13.11 18.48
CA MET C 497 21.63 14.25 17.60
C MET C 497 21.16 15.47 18.38
N ILE C 498 20.17 15.28 19.26
CA ILE C 498 19.68 16.39 20.06
C ILE C 498 20.78 16.98 20.91
N LYS C 499 21.56 16.12 21.59
CA LYS C 499 22.60 16.60 22.48
C LYS C 499 23.61 17.46 21.74
N GLN C 500 23.90 17.12 20.48
CA GLN C 500 24.92 17.85 19.74
C GLN C 500 24.37 19.13 19.12
N LEU C 501 23.17 19.07 18.54
CA LEU C 501 22.63 20.19 17.78
C LEU C 501 21.92 21.21 18.66
N PHE C 502 21.11 20.76 19.62
CA PHE C 502 20.34 21.68 20.44
C PHE C 502 21.23 22.50 21.38
N THR C 503 22.44 22.03 21.65
CA THR C 503 23.37 22.73 22.54
C THR C 503 24.36 23.61 21.77
N ARG C 504 24.23 23.70 20.46
CA ARG C 504 25.08 24.56 19.63
C ARG C 504 24.23 25.72 19.12
N LYS C 505 24.32 26.86 19.80
CA LYS C 505 23.45 27.99 19.50
C LYS C 505 23.67 28.55 18.09
N TYR C 506 24.86 28.36 17.51
CA TYR C 506 25.15 28.95 16.21
C TYR C 506 24.46 28.23 15.06
N ILE C 507 24.02 26.99 15.26
CA ILE C 507 23.20 26.28 14.27
C ILE C 507 21.83 26.95 14.24
N TRP C 508 21.56 27.75 13.22
CA TRP C 508 20.39 28.62 13.27
C TRP C 508 19.09 27.83 13.30
N ALA C 509 19.04 26.67 12.65
CA ALA C 509 17.82 25.86 12.66
C ALA C 509 18.16 24.41 12.41
N THR C 510 17.48 23.52 13.12
CA THR C 510 17.56 22.09 12.90
C THR C 510 16.19 21.58 12.45
N HIS C 511 16.19 20.64 11.50
CA HIS C 511 14.95 20.15 10.90
C HIS C 511 15.06 18.63 10.78
N VAL C 512 14.34 17.92 11.65
CA VAL C 512 14.34 16.46 11.58
C VAL C 512 13.74 16.01 10.25
N TRP C 513 14.34 14.98 9.67
CA TRP C 513 13.83 14.36 8.46
C TRP C 513 13.45 12.92 8.79
N ASN C 514 12.15 12.64 8.87
CA ASN C 514 11.04 13.55 8.65
C ASN C 514 10.10 13.45 9.85
N MET C 515 9.14 14.37 9.94
CA MET C 515 8.16 14.27 11.02
C MET C 515 7.33 13.00 10.87
N PHE C 516 6.85 12.73 9.67
CA PHE C 516 6.12 11.50 9.35
C PHE C 516 6.83 10.76 8.23
N ASP C 517 6.69 9.43 8.24
CA ASP C 517 7.06 8.64 7.08
C ASP C 517 6.25 9.09 5.87
N PHE C 518 6.86 9.04 4.70
CA PHE C 518 6.23 9.51 3.47
C PHE C 518 6.35 8.45 2.39
N GLY C 519 5.74 8.74 1.25
CA GLY C 519 5.74 7.82 0.12
C GLY C 519 6.86 8.12 -0.85
N ALA C 520 7.61 7.09 -1.20
CA ALA C 520 8.68 7.18 -2.21
C ALA C 520 8.73 5.82 -2.92
N ASP C 521 8.02 5.73 -4.05
CA ASP C 521 7.73 4.43 -4.66
C ASP C 521 8.99 3.66 -5.04
N ALA C 522 10.17 4.27 -5.04
CA ALA C 522 11.38 3.54 -5.37
C ALA C 522 12.05 2.92 -4.15
N ARG C 523 11.71 3.37 -2.95
CA ARG C 523 12.31 2.82 -1.74
C ARG C 523 11.93 1.36 -1.59
N ASN C 524 12.93 0.48 -1.50
CA ASN C 524 12.73 -0.93 -1.23
C ASN C 524 13.31 -1.34 0.12
N GLU C 525 13.30 -0.42 1.08
CA GLU C 525 13.94 -0.61 2.38
C GLU C 525 12.93 -1.11 3.41
N GLY C 526 13.46 -1.76 4.44
CA GLY C 526 12.62 -2.35 5.45
C GLY C 526 11.70 -3.41 4.87
N GLY C 527 10.71 -3.79 5.67
CA GLY C 527 9.70 -4.71 5.20
C GLY C 527 8.64 -4.07 4.36
N GLU C 528 8.40 -2.77 4.57
CA GLU C 528 7.38 -2.01 3.85
C GLU C 528 8.06 -1.26 2.71
N ASN C 529 7.71 -1.61 1.48
CA ASN C 529 8.32 -1.00 0.30
C ASN C 529 7.50 0.20 -0.17
N GLY C 530 8.13 0.99 -1.05
CA GLY C 530 7.49 2.21 -1.52
C GLY C 530 7.34 3.29 -0.47
N GLN C 531 8.17 3.25 0.58
CA GLN C 531 8.04 4.15 1.70
C GLN C 531 9.41 4.53 2.23
N ASN C 532 9.51 5.75 2.74
CA ASN C 532 10.67 6.20 3.50
C ASN C 532 10.25 6.26 4.96
N HIS C 533 10.93 5.48 5.81
CA HIS C 533 10.56 5.33 7.21
C HIS C 533 11.46 6.13 8.13
N LYS C 534 11.90 7.31 7.69
CA LYS C 534 12.77 8.18 8.46
C LYS C 534 12.01 9.16 9.34
N GLY C 535 10.72 8.91 9.59
CA GLY C 535 9.90 9.81 10.36
C GLY C 535 9.75 9.40 11.82
N LEU C 536 9.32 10.36 12.63
CA LEU C 536 8.99 10.08 14.02
C LEU C 536 7.58 9.52 14.17
N VAL C 537 6.73 9.69 13.15
CA VAL C 537 5.36 9.21 13.16
C VAL C 537 5.11 8.42 11.88
N THR C 538 4.35 7.33 12.02
CA THR C 538 4.12 6.45 10.88
C THR C 538 3.34 7.18 9.78
N PHE C 539 3.31 6.59 8.59
CA PHE C 539 2.65 7.28 7.44
C PHE C 539 1.17 7.50 7.72
N ASP C 540 0.52 6.51 8.35
CA ASP C 540 -0.89 6.69 8.66
C ASP C 540 -1.12 7.62 9.85
N ARG C 541 -0.05 8.22 10.38
CA ARG C 541 -0.15 9.16 11.50
C ARG C 541 -0.74 8.53 12.76
N LYS C 542 -0.69 7.20 12.86
CA LYS C 542 -1.36 6.50 13.94
C LYS C 542 -0.43 6.11 15.09
N TYR C 543 0.87 5.97 14.83
CA TYR C 543 1.81 5.53 15.86
C TYR C 543 2.93 6.56 15.99
N LYS C 544 3.16 7.02 17.22
CA LYS C 544 4.27 7.91 17.53
C LYS C 544 5.46 7.07 17.97
N LYS C 545 6.52 7.08 17.17
CA LYS C 545 7.71 6.31 17.51
C LYS C 545 8.36 6.86 18.77
N ASP C 546 9.11 6.00 19.46
CA ASP C 546 9.80 6.41 20.67
C ASP C 546 10.60 7.70 20.47
N SER C 547 11.19 7.88 19.28
CA SER C 547 11.94 9.10 18.99
C SER C 547 11.06 10.34 19.09
N PHE C 548 9.77 10.22 18.76
CA PHE C 548 8.85 11.35 18.89
C PHE C 548 8.93 11.96 20.28
N TYR C 549 9.09 11.12 21.31
CA TYR C 549 9.08 11.60 22.68
C TYR C 549 10.44 12.08 23.17
N ALA C 550 11.53 11.65 22.53
CA ALA C 550 12.83 12.23 22.83
C ALA C 550 12.85 13.71 22.50
N TYR C 551 12.11 14.13 21.47
CA TYR C 551 12.03 15.54 21.13
C TYR C 551 11.01 16.27 21.99
N LYS C 552 9.87 15.62 22.28
CA LYS C 552 8.88 16.24 23.17
C LYS C 552 9.50 16.59 24.51
N ALA C 553 10.40 15.75 25.01
CA ALA C 553 11.03 16.02 26.30
C ALA C 553 11.86 17.30 26.26
N TRP C 554 12.39 17.67 25.09
CA TRP C 554 13.26 18.83 24.97
C TRP C 554 12.54 20.10 24.54
N LEU C 555 11.34 20.00 23.96
CA LEU C 555 10.69 21.16 23.37
C LEU C 555 9.25 21.38 23.84
N SER C 556 8.69 20.50 24.67
CA SER C 556 7.30 20.58 25.07
C SER C 556 7.16 20.90 26.54
N ASP C 557 6.17 21.73 26.87
CA ASP C 557 5.84 22.05 28.25
C ASP C 557 4.87 21.05 28.88
N GLU C 558 4.27 20.17 28.08
CA GLU C 558 3.40 19.11 28.58
C GLU C 558 4.20 18.17 29.46
N PRO C 559 4.06 18.24 30.78
CA PRO C 559 4.73 17.25 31.64
C PRO C 559 4.28 15.85 31.25
N PHE C 560 5.25 14.96 31.05
CA PHE C 560 4.94 13.61 30.59
C PHE C 560 6.07 12.68 30.99
N VAL C 561 5.81 11.38 30.85
CA VAL C 561 6.79 10.33 31.08
C VAL C 561 6.51 9.20 30.10
N HIS C 562 7.48 8.90 29.24
CA HIS C 562 7.32 7.90 28.20
C HIS C 562 8.26 6.73 28.45
N LEU C 563 7.70 5.53 28.56
CA LEU C 563 8.47 4.31 28.60
C LEU C 563 8.72 3.84 27.18
N CYS C 564 9.99 3.82 26.77
CA CYS C 564 10.33 3.45 25.39
C CYS C 564 10.26 1.94 25.22
N GLY C 565 10.14 1.53 23.95
CA GLY C 565 10.20 0.13 23.60
C GLY C 565 9.02 -0.70 24.07
N LYS C 566 7.82 -0.11 24.15
CA LYS C 566 6.65 -0.87 24.56
C LYS C 566 6.30 -2.00 23.59
N ARG C 567 6.86 -1.99 22.38
CA ARG C 567 6.63 -3.05 21.41
C ARG C 567 7.67 -4.17 21.48
N TYR C 568 8.64 -4.06 22.38
CA TYR C 568 9.72 -5.03 22.53
C TYR C 568 9.50 -5.77 23.85
N VAL C 569 8.58 -6.73 23.81
CA VAL C 569 8.15 -7.44 25.02
C VAL C 569 9.06 -8.65 25.26
N ASP C 570 9.15 -9.54 24.28
CA ASP C 570 9.98 -10.74 24.42
C ASP C 570 11.44 -10.35 24.42
N ARG C 571 12.12 -10.59 25.55
CA ARG C 571 13.53 -10.27 25.71
C ARG C 571 14.24 -11.45 26.34
N VAL C 572 15.46 -11.72 25.87
CA VAL C 572 16.18 -12.94 26.22
C VAL C 572 17.16 -12.69 27.36
N GLU C 573 17.62 -11.45 27.49
CA GLU C 573 18.61 -11.15 28.51
C GLU C 573 18.00 -11.20 29.91
N ASP C 574 18.85 -11.47 30.90
CA ASP C 574 18.40 -11.58 32.29
C ASP C 574 18.41 -10.24 33.01
N THR C 575 19.19 -9.28 32.54
CA THR C 575 19.12 -7.88 33.00
C THR C 575 18.98 -7.01 31.77
N THR C 576 17.79 -6.48 31.54
CA THR C 576 17.47 -5.75 30.32
C THR C 576 17.51 -4.25 30.55
N LYS C 577 17.77 -3.51 29.47
CA LYS C 577 17.83 -2.06 29.52
C LYS C 577 16.46 -1.46 29.22
N VAL C 578 16.08 -0.46 30.01
CA VAL C 578 14.83 0.26 29.83
C VAL C 578 15.13 1.75 29.79
N THR C 579 14.58 2.44 28.80
CA THR C 579 14.75 3.87 28.65
C THR C 579 13.43 4.59 28.89
N VAL C 580 13.50 5.71 29.61
CA VAL C 580 12.35 6.55 29.88
C VAL C 580 12.69 7.97 29.45
N TYR C 581 11.77 8.61 28.75
CA TYR C 581 11.89 10.01 28.38
C TYR C 581 10.94 10.84 29.23
N SER C 582 11.39 12.03 29.63
CA SER C 582 10.58 12.89 30.47
C SER C 582 11.20 14.28 30.50
N ASN C 583 10.33 15.29 30.47
CA ASN C 583 10.73 16.67 30.68
C ASN C 583 10.69 17.06 32.15
N LEU C 584 10.65 16.08 33.05
CA LEU C 584 10.62 16.16 34.50
C LEU C 584 11.98 15.77 35.08
N PRO C 585 12.39 16.42 36.17
CA PRO C 585 13.74 16.19 36.70
C PRO C 585 14.03 14.73 37.06
N GLU C 586 13.10 14.06 37.74
CA GLU C 586 13.39 12.75 38.32
C GLU C 586 12.32 11.74 37.95
N VAL C 587 12.76 10.49 37.75
CA VAL C 587 11.88 9.38 37.37
C VAL C 587 12.25 8.16 38.21
N GLU C 588 11.24 7.43 38.66
CA GLU C 588 11.43 6.17 39.38
C GLU C 588 10.72 5.06 38.62
N LEU C 589 11.43 3.96 38.39
CA LEU C 589 10.92 2.83 37.62
C LEU C 589 10.56 1.70 38.57
N PHE C 590 9.36 1.15 38.40
CA PHE C 590 8.85 0.06 39.23
C PHE C 590 8.67 -1.17 38.37
N VAL C 591 9.40 -2.24 38.70
CA VAL C 591 9.28 -3.51 38.01
C VAL C 591 8.43 -4.43 38.86
N ASN C 592 7.25 -4.77 38.35
CA ASN C 592 6.31 -5.64 39.07
C ASN C 592 5.93 -5.04 40.42
N GLY C 593 5.74 -3.72 40.46
CA GLY C 593 5.26 -3.11 41.68
C GLY C 593 6.39 -2.68 42.58
N LYS C 594 7.48 -3.44 42.58
CA LYS C 594 8.63 -3.09 43.39
C LYS C 594 9.43 -1.97 42.73
N SER C 595 10.20 -1.26 43.55
CA SER C 595 10.99 -0.14 43.07
C SER C 595 12.37 -0.62 42.63
N ALA C 596 12.73 -0.30 41.39
CA ALA C 596 14.06 -0.61 40.86
C ALA C 596 15.03 0.56 41.01
N GLY C 597 14.62 1.67 41.62
CA GLY C 597 15.49 2.80 41.82
C GLY C 597 15.02 4.07 41.14
N LYS C 598 15.54 5.20 41.59
CA LYS C 598 15.24 6.49 40.99
C LYS C 598 16.43 6.96 40.16
N LEU C 599 16.15 7.81 39.17
CA LEU C 599 17.17 8.27 38.25
C LEU C 599 16.96 9.72 37.89
N GLN C 600 18.05 10.48 37.88
CA GLN C 600 18.06 11.85 37.38
C GLN C 600 18.80 11.90 36.05
N ALA C 601 18.33 12.77 35.16
CA ALA C 601 18.93 12.89 33.84
C ALA C 601 18.63 14.30 33.32
N GLU C 602 19.64 15.17 33.38
CA GLU C 602 19.49 16.51 32.83
C GLU C 602 19.21 16.46 31.33
N ASP C 603 19.78 15.48 30.64
CA ASP C 603 19.53 15.32 29.21
C ASP C 603 18.15 14.77 28.90
N HIS C 604 17.32 14.50 29.92
CA HIS C 604 15.97 13.99 29.76
C HIS C 604 15.92 12.54 29.28
N PHE C 605 17.07 11.86 29.22
CA PHE C 605 17.18 10.51 28.66
C PHE C 605 17.57 9.57 29.80
N PHE C 606 16.55 9.03 30.48
CA PHE C 606 16.77 8.14 31.62
C PHE C 606 16.97 6.72 31.11
N HIS C 607 18.14 6.15 31.41
CA HIS C 607 18.49 4.80 30.97
C HIS C 607 18.60 3.91 32.21
N PHE C 608 17.59 3.07 32.43
CA PHE C 608 17.55 2.17 33.57
C PHE C 608 18.01 0.77 33.16
N GLU C 609 18.17 -0.08 34.18
CA GLU C 609 18.42 -1.50 34.00
C GLU C 609 17.59 -2.26 35.01
N VAL C 610 16.87 -3.28 34.56
CA VAL C 610 15.95 -4.03 35.41
C VAL C 610 16.13 -5.51 35.18
N PRO C 611 15.68 -6.33 36.14
CA PRO C 611 15.80 -7.78 35.98
C PRO C 611 14.68 -8.33 35.10
N ASN C 612 15.06 -9.23 34.20
CA ASN C 612 14.13 -9.85 33.25
C ASN C 612 13.68 -11.19 33.83
N VAL C 613 12.57 -11.16 34.56
CA VAL C 613 12.03 -12.35 35.24
C VAL C 613 10.57 -12.47 34.84
N GLY C 614 10.25 -13.53 34.10
CA GLY C 614 8.89 -13.80 33.68
C GLY C 614 8.25 -12.60 33.00
N GLU C 615 6.94 -12.47 33.23
CA GLU C 615 6.18 -11.33 32.70
C GLU C 615 6.14 -10.25 33.78
N SER C 616 6.86 -9.16 33.54
CA SER C 616 6.94 -8.05 34.48
C SER C 616 6.18 -6.85 33.94
N THR C 617 5.62 -6.07 34.86
CA THR C 617 4.84 -4.87 34.52
C THR C 617 5.62 -3.66 35.01
N LEU C 618 6.34 -3.02 34.11
CA LEU C 618 7.15 -1.85 34.45
C LEU C 618 6.28 -0.60 34.50
N VAL C 619 6.56 0.27 35.48
CA VAL C 619 5.86 1.53 35.64
C VAL C 619 6.89 2.61 35.95
N ALA C 620 6.77 3.76 35.29
CA ALA C 620 7.67 4.89 35.47
C ALA C 620 6.87 6.07 36.00
N VAL C 621 7.30 6.60 37.15
CA VAL C 621 6.61 7.70 37.81
C VAL C 621 7.51 8.93 37.80
N ALA C 622 6.88 10.10 37.74
CA ALA C 622 7.59 11.38 37.78
C ALA C 622 6.59 12.41 38.30
N GLY C 623 6.60 12.64 39.61
CA GLY C 623 5.56 13.47 40.20
C GLY C 623 4.24 12.73 40.16
N GLU C 624 3.21 13.37 39.61
CA GLU C 624 1.91 12.75 39.45
C GLU C 624 1.74 12.07 38.11
N TYR C 625 2.74 12.12 37.24
CA TYR C 625 2.67 11.57 35.90
C TYR C 625 3.37 10.23 35.84
N LYS C 626 2.79 9.30 35.09
CA LYS C 626 3.26 7.91 35.09
C LYS C 626 3.01 7.29 33.73
N ASP C 627 3.73 6.19 33.47
CA ASP C 627 3.55 5.39 32.26
C ASP C 627 3.88 3.94 32.60
N GLU C 628 3.40 3.04 31.75
CA GLU C 628 3.49 1.61 32.03
C GLU C 628 3.84 0.85 30.76
N SER C 629 4.64 -0.20 30.93
CA SER C 629 5.06 -1.06 29.83
C SER C 629 5.21 -2.48 30.36
N HIS C 630 5.39 -3.42 29.45
CA HIS C 630 5.44 -4.84 29.81
C HIS C 630 6.61 -5.52 29.13
N ILE C 631 7.28 -6.41 29.88
CA ILE C 631 8.38 -7.22 29.39
C ILE C 631 8.09 -8.67 29.75
N ARG C 632 8.89 -9.56 29.17
CA ARG C 632 8.70 -11.00 29.39
C ARG C 632 9.98 -11.72 29.01
N LYS C 633 10.51 -12.53 29.93
CA LYS C 633 11.73 -13.27 29.69
C LYS C 633 11.46 -14.47 28.80
N VAL C 634 12.30 -14.66 27.79
CA VAL C 634 12.18 -15.77 26.85
C VAL C 634 13.54 -16.41 26.68
N ASP C 635 13.53 -17.62 26.12
CA ASP C 635 14.76 -18.38 25.95
C ASP C 635 15.54 -17.93 24.71
N THR C 636 14.86 -17.72 23.59
CA THR C 636 15.49 -17.31 22.36
C THR C 636 14.85 -16.03 21.85
N PHE C 637 15.56 -15.34 20.96
CA PHE C 637 15.09 -14.05 20.45
C PHE C 637 13.93 -14.25 19.49
N ASN C 638 12.88 -13.47 19.67
CA ASN C 638 11.71 -13.55 18.80
C ASN C 638 12.06 -13.00 17.42
N GLU C 639 11.99 -13.85 16.40
CA GLU C 639 12.34 -13.42 15.05
C GLU C 639 11.38 -12.36 14.53
N GLU C 640 10.18 -12.26 15.10
CA GLU C 640 9.26 -11.19 14.71
C GLU C 640 9.84 -9.80 14.92
N TYR C 641 10.96 -9.69 15.63
CA TYR C 641 11.61 -8.40 15.88
C TYR C 641 12.70 -8.08 14.87
N SER C 642 13.27 -9.07 14.22
CA SER C 642 14.41 -8.88 13.31
C SER C 642 13.94 -8.80 11.87
N LEU C 643 14.62 -7.98 11.08
CA LEU C 643 14.37 -7.85 9.64
C LEU C 643 15.19 -8.88 8.86
N LYS C 644 15.11 -10.14 9.30
CA LYS C 644 15.82 -11.24 8.69
C LYS C 644 15.41 -12.60 9.29
N GLY C 718 30.57 5.07 2.51
CA GLY C 718 29.69 4.29 3.37
C GLY C 718 29.94 2.80 3.30
N GLY C 719 30.05 2.17 4.46
CA GLY C 719 30.30 0.74 4.52
C GLY C 719 29.03 -0.08 4.73
N PHE C 720 27.97 0.26 4.00
CA PHE C 720 26.74 -0.51 4.11
C PHE C 720 27.00 -1.96 3.71
N THR C 721 26.03 -2.81 4.05
CA THR C 721 26.03 -4.16 3.48
C THR C 721 25.61 -4.09 2.02
N VAL C 722 25.91 -5.17 1.29
CA VAL C 722 25.58 -5.21 -0.14
C VAL C 722 24.09 -5.00 -0.35
N ILE C 723 23.27 -5.79 0.35
CA ILE C 723 21.83 -5.74 0.14
C ILE C 723 21.29 -4.34 0.44
N ARG C 724 21.74 -3.77 1.55
CA ARG C 724 21.23 -2.44 1.94
C ARG C 724 21.55 -1.46 0.81
N MET C 725 22.78 -1.50 0.31
CA MET C 725 23.18 -0.53 -0.72
C MET C 725 22.38 -0.72 -2.00
N ILE C 726 22.02 -1.96 -2.32
CA ILE C 726 21.21 -2.21 -3.52
C ILE C 726 19.84 -1.58 -3.36
N ASN C 727 19.18 -1.82 -2.22
CA ASN C 727 17.89 -1.19 -1.97
C ASN C 727 17.98 0.32 -2.02
N LEU C 728 19.13 0.88 -1.62
CA LEU C 728 19.32 2.33 -1.70
C LEU C 728 19.58 2.78 -3.13
N MET C 729 20.39 2.02 -3.88
CA MET C 729 20.64 2.37 -5.27
C MET C 729 19.35 2.36 -6.09
N GLY C 730 18.47 1.39 -5.81
CA GLY C 730 17.17 1.33 -6.44
C GLY C 730 16.32 2.56 -6.23
N ALA C 731 16.53 3.30 -5.13
CA ALA C 731 15.81 4.53 -4.84
C ALA C 731 16.11 5.65 -5.83
N ALA C 732 16.87 5.37 -6.89
CA ALA C 732 17.10 6.31 -7.97
C ALA C 732 16.35 5.91 -9.23
N GLY C 733 16.67 4.75 -9.79
CA GLY C 733 15.98 4.26 -10.97
C GLY C 733 16.92 3.68 -12.02
N MET D 1 71.85 -28.37 26.34
CA MET D 1 72.83 -28.52 27.40
C MET D 1 73.08 -27.19 28.12
N ARG D 2 72.44 -26.14 27.63
CA ARG D 2 72.60 -24.83 28.21
C ARG D 2 72.03 -24.78 29.62
N GLU D 3 72.74 -24.11 30.53
CA GLU D 3 72.34 -24.00 31.92
C GLU D 3 72.48 -22.56 32.37
N VAL D 4 71.43 -22.04 33.00
CA VAL D 4 71.45 -20.71 33.61
C VAL D 4 71.58 -20.88 35.13
N ILE D 5 72.49 -20.13 35.73
CA ILE D 5 72.81 -20.26 37.15
C ILE D 5 72.62 -18.91 37.81
N ASN D 6 71.90 -18.91 38.94
CA ASN D 6 71.70 -17.69 39.70
C ASN D 6 72.99 -17.26 40.38
N PHE D 7 73.18 -15.95 40.47
CA PHE D 7 74.40 -15.36 41.04
C PHE D 7 74.05 -14.10 41.81
N ASN D 8 73.11 -14.23 42.76
CA ASN D 8 72.62 -13.09 43.53
C ASN D 8 73.03 -13.11 45.00
N THR D 9 73.50 -14.24 45.52
CA THR D 9 73.68 -14.40 46.95
C THR D 9 75.01 -13.84 47.42
N LYS D 10 74.99 -13.18 48.58
CA LYS D 10 76.17 -12.68 49.28
C LYS D 10 77.12 -11.91 48.36
N TRP D 11 76.76 -10.68 48.04
CA TRP D 11 77.63 -9.76 47.30
C TRP D 11 78.10 -8.66 48.23
N ALA D 12 79.41 -8.42 48.25
CA ALA D 12 79.95 -7.33 49.04
C ALA D 12 79.65 -6.00 48.37
N PHE D 13 79.28 -5.01 49.19
CA PHE D 13 78.86 -3.70 48.68
C PHE D 13 79.49 -2.61 49.53
N THR D 14 79.63 -1.43 48.93
CA THR D 14 80.16 -0.28 49.65
C THR D 14 79.90 0.99 48.83
N LYS D 15 79.72 2.10 49.53
CA LYS D 15 79.65 3.41 48.92
C LYS D 15 80.91 4.25 49.19
N GLU D 16 81.82 3.75 50.01
CA GLU D 16 83.01 4.48 50.39
C GLU D 16 84.23 4.17 49.53
N ALA D 17 84.32 2.95 48.98
CA ALA D 17 85.45 2.59 48.14
C ALA D 17 85.57 3.55 46.95
N THR D 18 86.81 3.87 46.59
CA THR D 18 87.09 4.74 45.46
C THR D 18 87.99 4.08 44.42
N GLU D 19 88.23 2.78 44.54
CA GLU D 19 89.07 2.06 43.60
C GLU D 19 88.69 0.59 43.63
N VAL D 20 88.78 -0.05 42.47
CA VAL D 20 88.44 -1.48 42.40
C VAL D 20 89.29 -2.25 43.40
N PRO D 21 88.70 -3.06 44.27
CA PRO D 21 89.52 -3.79 45.25
C PRO D 21 90.37 -4.85 44.58
N LYS D 22 91.64 -4.91 44.98
CA LYS D 22 92.55 -5.91 44.44
C LYS D 22 92.27 -7.30 44.97
N GLU D 23 91.65 -7.41 46.14
CA GLU D 23 91.30 -8.70 46.74
C GLU D 23 89.85 -8.66 47.19
N MET D 24 89.31 -9.84 47.45
CA MET D 24 87.92 -9.96 47.89
C MET D 24 87.74 -9.22 49.21
N PRO D 25 86.88 -8.20 49.26
CA PRO D 25 86.75 -7.41 50.49
C PRO D 25 86.19 -8.24 51.63
N GLU D 26 86.58 -7.87 52.86
CA GLU D 26 86.12 -8.53 54.07
C GLU D 26 85.34 -7.63 55.01
N LYS D 27 85.44 -6.31 54.87
CA LYS D 27 84.74 -5.37 55.74
C LYS D 27 83.60 -4.65 55.03
N TRP D 28 83.29 -5.03 53.80
CA TRP D 28 82.14 -4.48 53.10
C TRP D 28 80.86 -5.10 53.62
N TYR D 29 79.72 -4.51 53.23
CA TYR D 29 78.43 -4.97 53.70
C TYR D 29 77.85 -5.98 52.72
N TRP D 30 77.38 -7.11 53.26
CA TRP D 30 76.79 -8.16 52.44
C TRP D 30 75.39 -7.77 52.00
N VAL D 31 75.08 -8.06 50.73
CA VAL D 31 73.75 -7.89 50.19
C VAL D 31 73.49 -9.01 49.20
N THR D 32 72.21 -9.32 48.99
CA THR D 32 71.78 -10.30 48.01
C THR D 32 70.86 -9.63 47.01
N LEU D 33 71.18 -9.75 45.72
CA LEU D 33 70.39 -9.10 44.70
C LEU D 33 69.02 -9.76 44.57
N PRO D 34 67.97 -8.99 44.21
CA PRO D 34 67.98 -7.54 43.91
C PRO D 34 68.57 -6.69 45.04
N HIS D 35 69.10 -5.52 44.72
CA HIS D 35 69.66 -4.64 45.74
C HIS D 35 69.76 -3.23 45.17
N SER D 36 69.67 -2.25 46.06
CA SER D 36 69.83 -0.84 45.69
C SER D 36 70.21 -0.06 46.94
N TRP D 37 71.16 0.85 46.79
CA TRP D 37 71.63 1.68 47.91
C TRP D 37 70.79 2.93 48.10
N ASN D 38 69.65 3.04 47.42
CA ASN D 38 68.75 4.18 47.54
C ASN D 38 67.41 3.82 48.16
N GLU D 39 67.29 2.61 48.72
CA GLU D 39 65.98 2.14 49.20
C GLU D 39 65.41 3.03 50.28
N ILE D 40 66.26 3.73 51.05
CA ILE D 40 65.84 4.59 52.13
C ILE D 40 66.04 6.05 51.80
N ASP D 41 67.26 6.43 51.42
CA ASP D 41 67.53 7.83 51.11
C ASP D 41 66.84 8.29 49.83
N GLY D 42 66.44 7.35 48.97
CA GLY D 42 65.72 7.67 47.75
C GLY D 42 64.22 7.75 47.89
N GLN D 43 63.70 7.70 49.12
CA GLN D 43 62.27 7.82 49.35
C GLN D 43 61.92 8.74 50.52
N ASP D 44 62.91 9.39 51.15
CA ASP D 44 62.67 10.25 52.29
C ASP D 44 62.54 11.73 51.93
N GLY D 45 63.00 12.12 50.75
CA GLY D 45 62.85 13.48 50.29
C GLY D 45 64.19 14.22 50.27
N GLY D 46 64.09 15.53 50.07
CA GLY D 46 65.25 16.40 50.02
C GLY D 46 66.12 16.27 48.80
N ASN D 47 65.84 15.30 47.92
CA ASN D 47 66.68 15.03 46.76
C ASN D 47 68.10 14.63 47.15
N ASP D 48 68.29 14.22 48.40
CA ASP D 48 69.62 13.95 48.94
C ASP D 48 70.05 12.50 48.77
N TYR D 49 69.29 11.69 48.05
CA TYR D 49 69.67 10.30 47.88
C TYR D 49 71.02 10.21 47.17
N TYR D 50 71.88 9.32 47.67
CA TYR D 50 73.26 9.27 47.22
C TYR D 50 73.34 8.84 45.77
N ARG D 51 73.92 9.71 44.94
CA ARG D 51 74.21 9.40 43.54
C ARG D 51 75.72 9.44 43.36
N GLY D 52 76.31 8.31 43.00
CA GLY D 52 77.74 8.23 42.84
C GLY D 52 78.21 6.88 42.34
N THR D 53 79.42 6.48 42.72
CA THR D 53 80.00 5.21 42.28
C THR D 53 80.13 4.29 43.49
N CYS D 54 79.52 3.12 43.40
CA CYS D 54 79.61 2.09 44.43
C CYS D 54 80.02 0.77 43.79
N TYR D 55 80.64 -0.09 44.58
CA TYR D 55 81.25 -1.30 44.06
C TYR D 55 80.56 -2.54 44.65
N TYR D 56 80.43 -3.57 43.81
CA TYR D 56 79.98 -4.88 44.24
C TYR D 56 81.13 -5.87 44.04
N ALA D 57 81.27 -6.81 44.98
CA ALA D 57 82.35 -7.78 44.93
C ALA D 57 81.83 -9.16 45.29
N LYS D 58 82.25 -10.15 44.51
CA LYS D 58 81.89 -11.54 44.77
C LYS D 58 82.82 -12.44 43.97
N GLN D 59 83.13 -13.60 44.53
CA GLN D 59 84.04 -14.56 43.91
C GLN D 59 83.25 -15.62 43.16
N LEU D 60 83.82 -16.08 42.04
CA LEU D 60 83.23 -17.15 41.24
C LEU D 60 84.22 -18.31 41.24
N LYS D 61 83.87 -19.39 41.92
CA LYS D 61 84.74 -20.56 42.02
C LYS D 61 84.53 -21.47 40.83
N LYS D 62 85.64 -21.88 40.21
CA LYS D 62 85.56 -22.69 39.00
C LYS D 62 84.82 -24.00 39.24
N SER D 63 85.28 -24.77 40.24
CA SER D 63 84.71 -26.09 40.49
C SER D 63 83.20 -26.04 40.66
N GLU D 64 82.63 -24.90 41.03
CA GLU D 64 81.18 -24.78 41.18
C GLU D 64 80.46 -24.69 39.85
N LEU D 65 81.14 -24.27 38.78
CA LEU D 65 80.54 -24.18 37.46
C LEU D 65 80.48 -25.56 36.81
N PRO D 66 79.42 -25.86 36.08
CA PRO D 66 79.37 -27.13 35.34
C PRO D 66 80.20 -27.06 34.08
N GLU D 67 80.72 -28.23 33.69
CA GLU D 67 81.55 -28.33 32.49
C GLU D 67 80.87 -27.69 31.30
N ALA D 68 81.56 -26.76 30.65
CA ALA D 68 81.01 -26.04 29.51
C ALA D 68 82.18 -25.55 28.66
N ASP D 69 81.87 -24.73 27.64
CA ASP D 69 82.87 -24.16 26.76
C ASP D 69 82.89 -22.64 26.74
N CYS D 70 81.82 -21.99 27.19
CA CYS D 70 81.76 -20.54 27.28
C CYS D 70 80.94 -20.18 28.51
N TYR D 71 81.32 -19.07 29.15
CA TYR D 71 80.65 -18.61 30.37
C TYR D 71 80.33 -17.13 30.22
N TYR D 72 79.04 -16.80 30.32
CA TYR D 72 78.56 -15.43 30.14
C TYR D 72 78.02 -14.90 31.45
N LEU D 73 78.35 -13.66 31.78
CA LEU D 73 77.83 -12.97 32.94
C LEU D 73 76.63 -12.12 32.51
N GLU D 74 75.43 -12.56 32.86
CA GLU D 74 74.21 -11.85 32.51
C GLU D 74 73.87 -10.85 33.61
N LEU D 75 73.57 -9.61 33.21
CA LEU D 75 73.16 -8.56 34.13
C LEU D 75 71.85 -7.97 33.63
N ARG D 76 70.76 -8.31 34.32
CA ARG D 76 69.43 -7.89 33.90
C ARG D 76 69.07 -6.48 34.35
N GLY D 77 69.91 -5.85 35.17
CA GLY D 77 69.62 -4.50 35.63
C GLY D 77 70.73 -3.92 36.48
N ALA D 78 71.26 -2.78 36.05
CA ALA D 78 72.33 -2.08 36.78
C ALA D 78 72.19 -0.59 36.48
N ASN D 79 71.37 0.08 37.29
CA ASN D 79 71.10 1.50 37.12
C ASN D 79 72.23 2.33 37.74
N ALA D 80 72.82 3.21 36.95
CA ALA D 80 72.49 3.42 35.55
C ALA D 80 73.64 3.00 34.65
N SER D 81 74.84 3.51 34.96
CA SER D 81 76.05 3.15 34.24
C SER D 81 76.89 2.22 35.11
N ALA D 82 77.47 1.20 34.49
CA ALA D 82 78.22 0.19 35.24
C ALA D 82 79.43 -0.28 34.43
N ASP D 83 80.51 -0.58 35.15
CA ASP D 83 81.72 -1.15 34.58
C ASP D 83 82.00 -2.48 35.28
N VAL D 84 82.39 -3.49 34.51
CA VAL D 84 82.51 -4.86 34.99
C VAL D 84 83.98 -5.26 34.92
N TYR D 85 84.65 -5.31 36.06
CA TYR D 85 85.99 -5.85 36.16
C TYR D 85 85.94 -7.30 36.61
N VAL D 86 86.85 -8.11 36.08
CA VAL D 86 86.99 -9.51 36.46
C VAL D 86 88.49 -9.75 36.71
N ASN D 87 88.85 -10.01 37.97
CA ASN D 87 90.24 -10.13 38.37
C ASN D 87 90.99 -8.82 38.13
N GLY D 88 90.37 -7.73 38.58
CA GLY D 88 90.95 -6.41 38.42
C GLY D 88 91.12 -5.94 36.99
N LYS D 89 90.55 -6.64 36.00
CA LYS D 89 90.69 -6.28 34.59
C LYS D 89 89.32 -5.90 34.03
N ALA D 90 89.20 -4.67 33.56
CA ALA D 90 87.96 -4.24 32.93
C ALA D 90 87.63 -5.16 31.75
N VAL D 91 86.34 -5.48 31.60
CA VAL D 91 85.93 -6.44 30.58
C VAL D 91 84.63 -5.99 29.93
N ALA D 92 83.94 -5.02 30.52
CA ALA D 92 82.66 -4.60 29.98
C ALA D 92 82.25 -3.27 30.60
N HIS D 93 81.46 -2.52 29.85
CA HIS D 93 80.86 -1.28 30.34
C HIS D 93 79.53 -1.09 29.64
N HIS D 94 78.53 -0.61 30.39
CA HIS D 94 77.19 -0.44 29.87
C HIS D 94 76.58 0.84 30.44
N ASP D 95 75.75 1.49 29.63
CA ASP D 95 75.02 2.68 30.04
C ASP D 95 73.52 2.44 29.87
N GLY D 96 72.73 2.95 30.82
CA GLY D 96 71.31 2.69 30.84
C GLY D 96 70.97 1.56 31.79
N GLY D 97 70.37 1.89 32.93
CA GLY D 97 70.11 0.91 33.97
C GLY D 97 68.76 0.25 33.88
N TYR D 98 68.29 -0.07 32.67
CA TYR D 98 67.01 -0.70 32.50
C TYR D 98 67.01 -1.79 31.43
N SER D 99 68.18 -2.21 30.94
CA SER D 99 68.28 -3.20 29.89
C SER D 99 69.20 -4.33 30.31
N THR D 100 69.04 -5.48 29.67
CA THR D 100 69.83 -6.67 29.98
C THR D 100 71.03 -6.73 29.05
N TRP D 101 72.24 -6.81 29.64
CA TRP D 101 73.47 -6.92 28.88
C TRP D 101 74.34 -8.00 29.49
N ARG D 102 75.11 -8.68 28.65
CA ARG D 102 75.93 -9.80 29.05
C ARG D 102 77.38 -9.55 28.64
N VAL D 103 78.27 -10.38 29.19
CA VAL D 103 79.69 -10.32 28.88
C VAL D 103 80.26 -11.74 28.91
N ASP D 104 81.19 -12.02 28.00
CA ASP D 104 81.89 -13.30 27.98
C ASP D 104 83.13 -13.20 28.86
N ILE D 105 83.31 -14.18 29.74
CA ILE D 105 84.40 -14.14 30.70
C ILE D 105 85.15 -15.48 30.70
N THR D 106 84.83 -16.34 29.74
CA THR D 106 85.51 -17.63 29.66
C THR D 106 87.02 -17.45 29.65
N LYS D 107 87.51 -16.49 28.86
CA LYS D 107 88.96 -16.26 28.78
C LYS D 107 89.51 -15.80 30.13
N GLU D 108 88.84 -14.84 30.76
CA GLU D 108 89.34 -14.24 32.00
C GLU D 108 89.18 -15.15 33.21
N LEU D 109 88.59 -16.33 33.05
CA LEU D 109 88.42 -17.26 34.17
C LEU D 109 89.64 -18.17 34.26
N THR D 110 90.73 -17.60 34.79
CA THR D 110 92.02 -18.28 34.80
C THR D 110 92.24 -19.09 36.07
N GLU D 111 91.65 -18.70 37.19
CA GLU D 111 91.87 -19.37 38.47
C GLU D 111 90.53 -19.63 39.15
N GLU D 112 90.58 -20.45 40.20
CA GLU D 112 89.38 -20.84 40.92
C GLU D 112 88.81 -19.72 41.77
N GLU D 113 89.55 -18.63 41.97
CA GLU D 113 89.11 -17.56 42.85
C GLU D 113 88.89 -16.27 42.07
N ASN D 114 88.05 -16.34 41.02
CA ASN D 114 87.82 -15.18 40.16
C ASN D 114 86.99 -14.14 40.90
N LEU D 115 87.62 -13.02 41.27
CA LEU D 115 86.95 -11.96 42.00
C LEU D 115 86.30 -11.02 41.00
N ILE D 116 84.97 -11.10 40.87
CA ILE D 116 84.22 -10.26 39.95
C ILE D 116 83.81 -8.99 40.69
N VAL D 117 84.23 -7.85 40.16
CA VAL D 117 83.89 -6.54 40.71
C VAL D 117 83.04 -5.80 39.70
N ILE D 118 81.96 -5.18 40.18
CA ILE D 118 81.06 -4.39 39.35
C ILE D 118 80.97 -3.00 39.96
N ALA D 119 81.33 -1.99 39.18
CA ALA D 119 81.20 -0.59 39.57
C ALA D 119 79.92 -0.04 38.96
N VAL D 120 79.04 0.47 39.81
CA VAL D 120 77.76 1.01 39.38
C VAL D 120 77.69 2.48 39.78
N GLU D 121 77.10 3.29 38.92
CA GLU D 121 77.01 4.73 39.14
C GLU D 121 75.68 5.24 38.62
N ASN D 122 75.09 6.19 39.36
CA ASN D 122 73.82 6.81 38.98
C ASN D 122 73.91 8.33 39.08
N GLY D 123 75.08 8.88 38.80
CA GLY D 123 75.31 10.30 38.91
C GLY D 123 74.84 11.07 37.69
N VAL D 124 75.32 12.30 37.58
CA VAL D 124 74.93 13.20 36.50
C VAL D 124 75.89 13.06 35.34
N ASN D 125 75.36 12.82 34.14
CA ASN D 125 76.13 12.79 32.92
C ASN D 125 75.41 13.63 31.87
N ASP D 126 75.94 13.61 30.65
CA ASP D 126 75.32 14.28 29.51
C ASP D 126 74.89 13.30 28.43
N ARG D 127 75.08 12.00 28.64
CA ARG D 127 74.77 11.00 27.63
C ARG D 127 73.85 9.89 28.13
N VAL D 128 73.95 9.52 29.40
CA VAL D 128 73.19 8.39 29.93
C VAL D 128 71.86 8.90 30.47
N TYR D 129 70.76 8.35 29.94
CA TYR D 129 69.39 8.65 30.36
C TYR D 129 68.92 7.63 31.39
N PRO D 130 67.92 7.97 32.22
CA PRO D 130 67.32 9.31 32.33
C PRO D 130 68.26 10.24 33.08
N GLN D 131 68.04 11.55 32.98
CA GLN D 131 68.79 12.55 33.73
C GLN D 131 67.91 13.60 34.38
N ASN D 132 66.82 14.00 33.72
CA ASN D 132 65.89 14.99 34.24
C ASN D 132 64.49 14.41 34.21
N ALA D 133 63.98 14.03 35.38
CA ALA D 133 62.65 13.43 35.49
C ALA D 133 62.18 13.57 36.93
N ASP D 134 60.97 13.08 37.19
CA ASP D 134 60.39 13.07 38.53
C ASP D 134 60.18 11.61 38.95
N PHE D 135 61.29 10.92 39.17
CA PHE D 135 61.29 9.60 39.80
C PHE D 135 62.72 9.25 40.17
N THR D 136 62.91 8.73 41.36
CA THR D 136 64.25 8.49 41.89
C THR D 136 65.03 7.56 40.96
N PHE D 137 66.32 7.85 40.80
CA PHE D 137 67.21 7.02 40.01
C PHE D 137 67.95 6.05 40.93
N TYR D 138 67.21 5.06 41.40
CA TYR D 138 67.78 4.03 42.26
C TYR D 138 69.00 3.41 41.60
N GLY D 139 70.16 3.55 42.26
CA GLY D 139 71.37 2.93 41.77
C GLY D 139 71.54 1.52 42.32
N GLY D 140 72.29 0.71 41.58
CA GLY D 140 72.70 -0.60 42.02
C GLY D 140 72.21 -1.69 41.08
N LEU D 141 72.39 -2.94 41.53
CA LEU D 141 71.98 -4.12 40.78
C LEU D 141 70.62 -4.57 41.31
N TYR D 142 69.58 -3.87 40.85
CA TYR D 142 68.23 -4.10 41.32
C TYR D 142 67.52 -5.25 40.59
N ARG D 143 68.21 -5.92 39.66
CA ARG D 143 67.67 -7.08 38.98
C ARG D 143 68.71 -8.20 39.02
N ASP D 144 68.27 -9.40 38.66
CA ASP D 144 69.10 -10.60 38.76
C ASP D 144 70.45 -10.42 38.06
N VAL D 145 71.42 -11.24 38.44
CA VAL D 145 72.72 -11.32 37.78
C VAL D 145 73.06 -12.81 37.69
N ASN D 146 72.97 -13.37 36.49
CA ASN D 146 73.12 -14.80 36.29
C ASN D 146 74.39 -15.11 35.52
N ILE D 147 74.75 -16.40 35.50
CA ILE D 147 75.88 -16.92 34.75
C ILE D 147 75.36 -18.01 33.83
N ILE D 148 75.50 -17.80 32.52
CA ILE D 148 75.02 -18.73 31.52
C ILE D 148 76.18 -19.59 31.05
N ALA D 149 76.01 -20.91 31.16
CA ALA D 149 76.98 -21.86 30.66
C ALA D 149 76.47 -22.39 29.32
N VAL D 150 77.18 -22.08 28.24
CA VAL D 150 76.76 -22.41 26.89
C VAL D 150 77.89 -23.15 26.18
N ASN D 151 77.56 -23.74 25.04
CA ASN D 151 78.54 -24.43 24.23
C ASN D 151 79.42 -23.42 23.48
N LYS D 152 80.52 -23.92 22.91
CA LYS D 152 81.34 -23.08 22.06
C LYS D 152 80.53 -22.53 20.89
N SER D 153 79.53 -23.27 20.43
CA SER D 153 78.61 -22.83 19.38
C SER D 153 77.25 -22.63 20.03
N HIS D 154 76.91 -21.37 20.32
CA HIS D 154 75.71 -21.04 21.07
C HIS D 154 74.85 -20.06 20.28
N PHE D 155 73.62 -19.89 20.75
CA PHE D 155 72.73 -18.89 20.20
C PHE D 155 73.19 -17.50 20.63
N ASP D 156 73.13 -16.55 19.70
CA ASP D 156 73.68 -15.22 19.93
C ASP D 156 73.30 -14.67 21.29
N LEU D 157 74.31 -14.34 22.09
CA LEU D 157 74.12 -13.78 23.42
C LEU D 157 74.62 -12.35 23.54
N ASP D 158 75.22 -11.80 22.48
CA ASP D 158 75.78 -10.45 22.50
C ASP D 158 74.97 -9.46 21.68
N TYR D 159 73.85 -9.89 21.10
CA TYR D 159 73.01 -9.01 20.28
C TYR D 159 72.18 -8.13 21.21
N TYR D 160 72.84 -7.12 21.78
CA TYR D 160 72.19 -6.13 22.64
C TYR D 160 71.41 -6.79 23.78
N GLY D 161 71.88 -7.94 24.24
CA GLY D 161 71.21 -8.63 25.32
C GLY D 161 69.92 -9.33 24.93
N GLY D 162 69.72 -9.60 23.63
CA GLY D 162 68.52 -10.24 23.17
C GLY D 162 68.47 -11.71 23.55
N PRO D 163 67.36 -12.36 23.21
CA PRO D 163 67.20 -13.77 23.55
C PRO D 163 67.77 -14.71 22.50
N GLY D 164 68.02 -14.19 21.29
CA GLY D 164 68.49 -15.03 20.21
C GLY D 164 67.41 -15.74 19.44
N ILE D 165 66.16 -15.31 19.57
CA ILE D 165 65.04 -15.90 18.85
C ILE D 165 64.05 -14.79 18.53
N LYS D 166 63.50 -14.82 17.32
CA LYS D 166 62.57 -13.81 16.84
C LYS D 166 61.36 -14.51 16.25
N VAL D 167 60.18 -14.12 16.71
CA VAL D 167 58.92 -14.75 16.30
C VAL D 167 58.00 -13.68 15.72
N THR D 168 57.65 -13.83 14.45
CA THR D 168 56.71 -12.94 13.78
C THR D 168 55.70 -13.78 13.01
N PRO D 169 54.48 -13.95 13.52
CA PRO D 169 53.50 -14.78 12.81
C PRO D 169 52.67 -13.99 11.82
N GLU D 170 51.74 -14.66 11.16
CA GLU D 170 50.86 -14.01 10.18
C GLU D 170 49.43 -14.51 10.32
N LYS D 172 46.87 -14.50 8.55
CA LYS D 172 46.23 -13.99 7.34
C LYS D 172 44.76 -14.39 7.29
N GLY D 173 44.50 -15.68 7.53
CA GLY D 173 43.13 -16.17 7.52
C GLY D 173 42.72 -16.77 8.85
N ALA D 174 42.53 -18.10 8.89
CA ALA D 174 42.25 -18.82 10.12
C ALA D 174 43.47 -19.54 10.66
N ASP D 175 44.63 -19.37 10.03
CA ASP D 175 45.87 -19.99 10.46
C ASP D 175 46.94 -18.91 10.58
N ALA D 176 48.11 -19.32 11.10
CA ALA D 176 49.22 -18.41 11.34
C ALA D 176 50.44 -18.84 10.55
N SER D 177 51.15 -17.86 9.99
CA SER D 177 52.39 -18.10 9.25
C SER D 177 53.52 -17.44 10.03
N VAL D 178 54.01 -18.14 11.04
CA VAL D 178 55.01 -17.61 11.96
C VAL D 178 56.40 -18.00 11.48
N GLU D 179 57.27 -17.02 11.33
CA GLU D 179 58.66 -17.23 10.96
C GLU D 179 59.54 -17.04 12.19
N VAL D 180 60.34 -18.04 12.52
CA VAL D 180 61.18 -18.03 13.71
C VAL D 180 62.60 -17.73 13.25
N GLU D 181 62.95 -16.45 13.23
CA GLU D 181 64.33 -16.05 12.96
C GLU D 181 65.19 -16.29 14.20
N VAL D 182 66.44 -16.66 13.96
CA VAL D 182 67.40 -16.92 15.03
C VAL D 182 68.73 -16.27 14.70
N PHE D 183 69.45 -15.88 15.75
CA PHE D 183 70.82 -15.41 15.64
C PHE D 183 71.75 -16.49 16.16
N LEU D 184 72.88 -16.68 15.48
CA LEU D 184 73.84 -17.69 15.86
C LEU D 184 75.23 -17.08 15.94
N THR D 185 76.08 -17.69 16.77
CA THR D 185 77.46 -17.27 16.96
C THR D 185 78.34 -18.51 16.91
N ASN D 186 79.20 -18.59 15.90
CA ASN D 186 80.11 -19.72 15.72
C ASN D 186 79.33 -21.02 15.53
N ALA D 187 78.75 -21.16 14.34
CA ALA D 187 77.95 -22.34 14.00
C ALA D 187 78.64 -23.20 12.96
N ALA D 189 77.68 -25.31 8.14
CA ALA D 189 78.20 -26.30 9.07
C ALA D 189 77.27 -27.51 9.15
N ASP D 190 77.69 -28.51 9.94
CA ASP D 190 76.89 -29.72 10.14
C ASP D 190 75.81 -29.43 11.18
N GLN D 191 74.81 -28.68 10.75
CA GLN D 191 73.72 -28.26 11.61
C GLN D 191 72.46 -29.08 11.34
N LYS D 192 71.46 -28.85 12.19
CA LYS D 192 70.17 -29.52 12.09
C LYS D 192 69.15 -28.77 12.93
N LEU D 193 69.21 -27.43 12.88
CA LEU D 193 68.34 -26.57 13.67
C LEU D 193 66.89 -27.02 13.58
N VAL D 194 66.35 -27.58 14.66
CA VAL D 194 64.98 -28.07 14.69
C VAL D 194 64.10 -26.96 15.25
N TYR D 195 63.31 -26.32 14.39
CA TYR D 195 62.37 -25.30 14.80
C TYR D 195 61.02 -25.93 15.07
N THR D 196 60.41 -25.59 16.20
CA THR D 196 59.11 -26.14 16.57
C THR D 196 58.30 -25.08 17.29
N VAL D 197 57.06 -24.88 16.83
CA VAL D 197 56.12 -23.93 17.49
C VAL D 197 55.02 -24.74 18.17
N LYS D 198 54.95 -26.05 17.90
CA LYS D 198 53.95 -26.88 18.56
C LYS D 198 53.97 -26.62 20.06
N ASP D 199 52.94 -25.95 20.56
CA ASP D 199 52.90 -25.55 21.96
C ASP D 199 51.47 -25.52 22.46
N ALA D 200 50.68 -26.54 22.12
CA ALA D 200 49.30 -26.61 22.53
C ALA D 200 49.18 -26.95 24.02
N GLU D 201 49.99 -26.30 24.84
CA GLU D 201 49.95 -26.50 26.28
C GLU D 201 50.34 -27.93 26.66
N ALA D 211 65.66 -28.74 10.03
CA ALA D 211 66.09 -27.87 8.94
C ALA D 211 67.62 -27.79 8.88
N ALA D 212 68.12 -26.65 8.43
CA ALA D 212 69.56 -26.46 8.28
C ALA D 212 70.01 -25.12 8.84
N GLY D 213 71.27 -24.76 8.63
CA GLY D 213 71.82 -23.55 9.19
C GLY D 213 71.56 -22.30 8.37
N GLU D 214 70.29 -22.01 8.11
CA GLU D 214 69.89 -20.82 7.38
C GLU D 214 69.61 -19.62 8.28
N THR D 215 69.66 -19.81 9.59
CA THR D 215 69.39 -18.73 10.55
C THR D 215 67.95 -18.25 10.46
N LYS D 216 67.04 -19.14 10.07
CA LYS D 216 65.63 -18.80 9.95
C LYS D 216 64.83 -19.99 9.44
N LEU D 219 58.60 -21.72 9.37
CA LEU D 219 57.28 -21.26 8.93
C LEU D 219 56.24 -22.38 9.11
N SER D 220 55.39 -22.23 10.11
CA SER D 220 54.36 -23.21 10.44
C SER D 220 52.98 -22.56 10.29
N ILE D 221 51.95 -23.29 10.69
CA ILE D 221 50.57 -22.81 10.58
C ILE D 221 49.60 -23.79 11.21
N PRO D 222 48.82 -23.36 12.22
CA PRO D 222 47.78 -24.23 12.76
C PRO D 222 46.38 -23.65 12.58
N ALA D 223 45.41 -24.20 13.30
CA ALA D 223 44.11 -23.55 13.48
C ALA D 223 44.23 -22.57 14.65
N VAL D 224 44.98 -21.50 14.40
CA VAL D 224 45.52 -20.67 15.46
C VAL D 224 44.42 -20.15 16.37
N HIS D 225 44.63 -20.28 17.69
CA HIS D 225 43.83 -19.59 18.69
C HIS D 225 44.50 -18.24 18.95
N LEU D 226 43.96 -17.20 18.33
CA LEU D 226 44.61 -15.89 18.37
C LEU D 226 44.61 -15.30 19.77
N TRP D 227 45.64 -14.50 20.05
CA TRP D 227 45.75 -13.79 21.33
C TRP D 227 44.74 -12.66 21.36
N ASN D 228 43.75 -12.77 22.25
CA ASN D 228 42.69 -11.77 22.31
C ASN D 228 42.61 -11.11 23.67
N GLY D 229 43.73 -10.57 24.15
CA GLY D 229 43.74 -9.81 25.39
C GLY D 229 43.08 -10.55 26.53
N LYS D 230 42.33 -9.81 27.34
CA LYS D 230 41.65 -10.40 28.49
C LYS D 230 40.63 -11.45 28.08
N LYS D 231 40.07 -11.34 26.87
CA LYS D 231 39.07 -12.29 26.43
C LYS D 231 39.65 -13.68 26.26
N ASP D 232 40.89 -13.75 25.75
CA ASP D 232 41.61 -15.01 25.60
C ASP D 232 43.07 -14.72 25.26
N PRO D 233 43.96 -14.73 26.25
CA PRO D 233 45.39 -14.46 25.98
C PRO D 233 46.17 -15.75 25.71
N TYR D 234 45.77 -16.45 24.65
CA TYR D 234 46.47 -17.68 24.28
C TYR D 234 47.93 -17.39 23.98
N LEU D 235 48.79 -18.31 24.38
CA LEU D 235 50.24 -18.14 24.21
C LEU D 235 50.83 -19.42 23.64
N TYR D 236 51.55 -19.29 22.54
CA TYR D 236 52.29 -20.39 21.93
C TYR D 236 53.78 -20.26 22.24
N THR D 237 54.46 -21.41 22.32
CA THR D 237 55.86 -21.49 22.67
C THR D 237 56.65 -22.09 21.51
N ALA D 238 57.77 -21.44 21.16
CA ALA D 238 58.65 -21.86 20.09
C ALA D 238 60.02 -22.22 20.67
N GLU D 239 60.78 -23.01 19.92
CA GLU D 239 62.06 -23.50 20.42
C GLU D 239 62.83 -24.10 19.27
N VAL D 240 63.93 -23.44 18.88
CA VAL D 240 64.88 -23.95 17.90
C VAL D 240 66.11 -24.46 18.63
N ALA D 241 66.62 -25.62 18.19
CA ALA D 241 67.73 -26.29 18.85
C ALA D 241 68.87 -26.52 17.88
N LEU D 242 70.09 -26.19 18.31
CA LEU D 242 71.29 -26.48 17.55
C LEU D 242 71.63 -27.96 17.74
N VAL D 243 71.30 -28.77 16.75
CA VAL D 243 71.58 -30.21 16.80
C VAL D 243 72.79 -30.51 15.94
N SER D 244 73.57 -31.49 16.36
CA SER D 244 74.78 -31.88 15.64
C SER D 244 74.96 -33.40 15.67
N GLU D 247 72.54 -34.85 20.60
CA GLU D 247 72.66 -34.13 19.34
C GLU D 247 72.51 -32.62 19.56
N ALA D 248 71.63 -32.25 20.49
CA ALA D 248 71.37 -30.85 20.75
C ALA D 248 72.57 -30.19 21.44
N VAL D 249 72.57 -28.87 21.43
CA VAL D 249 73.62 -28.08 22.08
C VAL D 249 72.96 -27.12 23.06
N ASP D 250 72.35 -26.06 22.55
CA ASP D 250 71.49 -25.19 23.33
C ASP D 250 70.08 -25.27 22.75
N ALA D 251 69.12 -24.66 23.46
CA ALA D 251 67.73 -24.70 23.03
C ALA D 251 67.04 -23.41 23.47
N VAL D 252 67.37 -22.31 22.79
CA VAL D 252 66.68 -21.05 23.05
C VAL D 252 65.19 -21.23 22.80
N SER D 253 64.37 -20.59 23.61
CA SER D 253 62.93 -20.72 23.49
C SER D 253 62.27 -19.40 23.86
N THR D 254 60.98 -19.30 23.57
CA THR D 254 60.22 -18.09 23.85
C THR D 254 58.74 -18.39 23.65
N ARG D 255 57.91 -17.66 24.39
CA ARG D 255 56.47 -17.67 24.18
C ARG D 255 56.08 -16.50 23.28
N PHE D 256 55.09 -16.73 22.42
CA PHE D 256 54.65 -15.71 21.47
C PHE D 256 53.13 -15.78 21.35
N GLY D 257 52.56 -14.73 20.78
CA GLY D 257 51.13 -14.66 20.59
C GLY D 257 50.79 -14.27 19.16
N CYS D 258 49.62 -14.73 18.72
CA CYS D 258 49.09 -14.40 17.40
C CYS D 258 47.97 -13.38 17.59
N ARG D 259 48.18 -12.17 17.09
CA ARG D 259 47.21 -11.11 17.27
C ARG D 259 47.38 -10.07 16.17
N THR D 260 46.26 -9.47 15.78
CA THR D 260 46.23 -8.37 14.81
C THR D 260 45.62 -7.15 15.48
N PHE D 261 46.18 -5.98 15.20
CA PHE D 261 45.72 -4.77 15.86
C PHE D 261 45.99 -3.55 14.97
N GLU D 262 45.31 -2.47 15.30
CA GLU D 262 45.49 -1.18 14.63
C GLU D 262 44.89 -0.10 15.52
N ILE D 263 45.33 1.14 15.30
CA ILE D 263 44.87 2.26 16.11
C ILE D 263 44.25 3.31 15.20
N ASP D 264 43.01 3.09 14.80
CA ASP D 264 42.32 4.03 13.91
C ASP D 264 42.06 5.34 14.64
N PRO D 265 42.33 6.50 14.02
CA PRO D 265 42.02 7.78 14.67
C PRO D 265 40.61 7.82 15.22
N GLU D 266 39.71 7.03 14.63
CA GLU D 266 38.38 6.79 15.14
C GLU D 266 38.28 5.36 15.65
N ARG D 267 37.28 5.09 16.49
CA ARG D 267 37.06 3.74 17.01
C ARG D 267 38.19 3.32 17.93
N GLY D 268 39.26 4.11 18.00
CA GLY D 268 40.32 3.80 18.94
C GLY D 268 41.04 2.51 18.58
N PHE D 269 41.49 1.80 19.61
CA PHE D 269 42.24 0.57 19.40
C PHE D 269 41.32 -0.55 18.89
N ILE D 270 41.86 -1.38 18.00
CA ILE D 270 41.17 -2.55 17.48
C ILE D 270 42.11 -3.74 17.63
N LEU D 271 41.68 -4.74 18.38
CA LEU D 271 42.47 -5.95 18.62
C LEU D 271 41.83 -7.11 17.86
N ASN D 272 42.53 -7.60 16.84
CA ASN D 272 42.11 -8.78 16.09
C ASN D 272 40.81 -8.52 15.33
N GLY D 273 40.65 -7.29 14.82
CA GLY D 273 39.50 -6.97 13.99
C GLY D 273 38.41 -6.23 14.73
N GLU D 274 38.08 -6.69 15.93
CA GLU D 274 37.03 -6.08 16.73
C GLU D 274 37.57 -4.93 17.57
N GLU D 275 36.68 -4.03 17.95
CA GLU D 275 37.07 -2.90 18.78
C GLU D 275 37.41 -3.37 20.19
N TYR D 276 38.42 -2.74 20.79
CA TYR D 276 38.92 -3.13 22.10
C TYR D 276 39.50 -1.89 22.78
N PRO D 277 38.64 -1.09 23.40
CA PRO D 277 39.12 0.18 23.98
C PRO D 277 40.27 -0.05 24.96
N LEU D 278 41.32 0.75 24.81
CA LEU D 278 42.48 0.70 25.71
C LEU D 278 42.30 1.79 26.76
N ARG D 279 41.85 1.38 27.94
CA ARG D 279 41.72 2.28 29.09
C ARG D 279 42.43 1.62 30.26
N GLY D 280 43.42 2.31 30.82
CA GLY D 280 44.24 1.71 31.85
C GLY D 280 45.01 2.70 32.69
N VAL D 281 46.20 2.28 33.12
CA VAL D 281 46.98 2.95 34.15
C VAL D 281 48.45 2.95 33.75
N SER D 282 49.25 3.67 34.54
CA SER D 282 50.70 3.62 34.46
C SER D 282 51.26 3.01 35.73
N ARG D 283 52.44 2.42 35.63
CA ARG D 283 53.06 1.75 36.76
C ARG D 283 54.57 1.98 36.75
N HIS D 284 55.09 2.49 37.87
CA HIS D 284 56.52 2.52 38.09
C HIS D 284 56.98 1.18 38.67
N GLN D 285 58.29 0.96 38.68
CA GLN D 285 58.84 -0.32 39.10
C GLN D 285 59.52 -0.22 40.46
N ASP D 286 58.83 0.38 41.43
CA ASP D 286 59.38 0.56 42.77
C ASP D 286 58.30 0.33 43.80
N ARG D 287 58.71 -0.06 45.00
CA ARG D 287 57.81 -0.20 46.14
C ARG D 287 58.47 0.40 47.37
N TRP D 288 57.64 0.83 48.33
CA TRP D 288 58.15 1.46 49.54
C TRP D 288 59.08 0.51 50.28
N GLY D 289 60.25 1.02 50.67
CA GLY D 289 61.19 0.27 51.47
C GLY D 289 62.23 -0.50 50.68
N ILE D 290 61.90 -0.93 49.46
CA ILE D 290 62.80 -1.72 48.64
C ILE D 290 63.28 -0.95 47.41
N GLY D 291 63.09 0.36 47.39
CA GLY D 291 63.47 1.14 46.22
C GLY D 291 62.93 0.55 44.93
N ASN D 292 63.79 -0.04 44.12
CA ASN D 292 63.36 -0.74 42.90
C ASN D 292 63.90 -2.16 42.84
N ALA D 293 64.25 -2.75 43.98
CA ALA D 293 64.70 -4.13 44.03
C ALA D 293 63.50 -5.04 44.28
N LEU D 294 62.66 -5.12 43.25
CA LEU D 294 61.42 -5.87 43.35
C LEU D 294 61.66 -7.37 43.18
N LEU D 295 60.91 -8.16 43.93
CA LEU D 295 60.93 -9.61 43.80
C LEU D 295 59.83 -10.07 42.86
N PRO D 296 59.92 -11.31 42.37
CA PRO D 296 58.84 -11.82 41.51
C PRO D 296 57.45 -11.64 42.12
N GLU D 297 57.31 -11.91 43.42
CA GLU D 297 56.03 -11.71 44.08
C GLU D 297 55.58 -10.26 43.98
N HIS D 298 56.52 -9.31 43.98
CA HIS D 298 56.14 -7.90 43.89
C HIS D 298 55.53 -7.59 42.53
N HIS D 299 56.09 -8.16 41.46
CA HIS D 299 55.47 -7.99 40.15
C HIS D 299 54.11 -8.69 40.11
N ARG D 300 54.02 -9.90 40.67
CA ARG D 300 52.75 -10.61 40.70
C ARG D 300 51.66 -9.80 41.38
N GLU D 301 51.99 -9.17 42.52
CA GLU D 301 51.00 -8.37 43.23
C GLU D 301 50.65 -7.10 42.47
N ASP D 302 51.65 -6.43 41.90
CA ASP D 302 51.41 -5.18 41.19
C ASP D 302 50.37 -5.37 40.08
N ILE D 303 50.56 -6.41 39.26
CA ILE D 303 49.61 -6.65 38.17
C ILE D 303 48.31 -7.27 38.66
N ASP D 304 48.33 -7.94 39.80
CA ASP D 304 47.09 -8.48 40.37
C ASP D 304 46.15 -7.36 40.79
N LEU D 305 46.70 -6.28 41.36
CA LEU D 305 45.87 -5.13 41.71
C LEU D 305 45.36 -4.42 40.46
N ILE D 306 46.08 -4.52 39.34
CA ILE D 306 45.64 -3.89 38.11
C ILE D 306 44.48 -4.67 37.51
N CYS D 307 44.61 -6.00 37.44
CA CYS D 307 43.50 -6.81 36.94
C CYS D 307 42.24 -6.59 37.75
N GLU D 308 42.39 -6.39 39.07
CA GLU D 308 41.22 -6.12 39.90
C GLU D 308 40.50 -4.85 39.47
N LEU D 309 41.26 -3.79 39.20
CA LEU D 309 40.65 -2.55 38.72
C LEU D 309 39.98 -2.76 37.37
N GLY D 310 40.48 -3.69 36.55
CA GLY D 310 39.90 -3.98 35.26
C GLY D 310 40.59 -3.33 34.08
N ALA D 311 41.73 -2.68 34.29
CA ALA D 311 42.41 -2.00 33.20
C ALA D 311 42.81 -2.98 32.10
N THR D 312 42.72 -2.53 30.85
CA THR D 312 43.12 -3.32 29.70
C THR D 312 44.47 -2.89 29.13
N THR D 313 45.11 -1.88 29.71
CA THR D 313 46.37 -1.38 29.19
C THR D 313 47.14 -0.72 30.33
N ILE D 314 48.47 -0.84 30.26
CA ILE D 314 49.37 -0.18 31.20
C ILE D 314 50.50 0.47 30.42
N ARG D 315 50.90 1.65 30.85
CA ARG D 315 52.05 2.32 30.21
C ARG D 315 53.28 2.02 31.08
N LEU D 316 53.88 0.83 30.92
CA LEU D 316 55.08 0.46 31.70
C LEU D 316 56.16 1.48 31.41
N HIS D 318 58.79 4.96 33.04
CA HIS D 318 59.32 5.66 31.84
C HIS D 318 60.60 4.96 31.39
N TYR D 319 60.55 3.64 31.21
CA TYR D 319 61.75 2.87 30.89
C TYR D 319 61.34 1.44 30.62
N GLN D 320 62.33 0.60 30.36
CA GLN D 320 62.12 -0.83 30.17
C GLN D 320 61.98 -1.51 31.52
N HIS D 321 60.98 -2.39 31.63
CA HIS D 321 60.69 -3.09 32.87
C HIS D 321 61.27 -4.49 32.83
N ASP D 322 61.02 -5.25 33.89
CA ASP D 322 61.56 -6.60 33.99
C ASP D 322 60.83 -7.56 33.04
N GLN D 323 61.56 -8.57 32.60
CA GLN D 323 60.96 -9.59 31.73
C GLN D 323 59.80 -10.27 32.41
N TYR D 324 59.91 -10.48 33.73
CA TYR D 324 58.85 -11.18 34.45
C TYR D 324 57.54 -10.40 34.46
N PHE D 325 57.61 -9.07 34.43
CA PHE D 325 56.38 -8.28 34.39
C PHE D 325 55.79 -8.25 32.98
N TYR D 326 56.63 -8.02 31.97
CA TYR D 326 56.16 -8.13 30.59
C TYR D 326 55.51 -9.49 30.36
N ASP D 327 56.17 -10.57 30.80
CA ASP D 327 55.61 -11.90 30.69
C ASP D 327 54.25 -11.98 31.37
N LEU D 328 54.15 -11.44 32.59
CA LEU D 328 52.86 -11.41 33.27
C LEU D 328 51.81 -10.71 32.42
N CYS D 329 52.20 -9.65 31.72
CA CYS D 329 51.27 -8.96 30.84
C CYS D 329 50.80 -9.86 29.70
N ASP D 330 51.68 -10.75 29.22
CA ASP D 330 51.30 -11.65 28.13
C ASP D 330 50.33 -12.72 28.60
N GLU D 331 50.43 -13.16 29.85
CA GLU D 331 49.52 -14.18 30.37
C GLU D 331 48.17 -13.61 30.77
N ARG D 332 48.12 -12.36 31.19
CA ARG D 332 46.88 -11.72 31.59
C ARG D 332 46.18 -10.98 30.46
N GLY D 333 46.82 -10.86 29.29
CA GLY D 333 46.19 -10.23 28.15
C GLY D 333 46.02 -8.73 28.29
N LEU D 334 47.09 -8.04 28.70
CA LEU D 334 47.10 -6.59 28.82
C LEU D 334 47.87 -5.99 27.65
N VAL D 335 47.27 -5.00 27.01
CA VAL D 335 47.92 -4.28 25.91
C VAL D 335 48.74 -3.14 26.50
N ILE D 336 50.06 -3.21 26.34
CA ILE D 336 50.98 -2.33 27.05
C ILE D 336 51.76 -1.48 26.06
N TRP D 337 52.22 -0.32 26.55
CA TRP D 337 53.06 0.60 25.79
C TRP D 337 54.40 0.70 26.49
N ALA D 338 55.43 0.12 25.88
CA ALA D 338 56.79 0.19 26.42
C ALA D 338 57.48 1.47 25.98
N GLU D 339 58.28 2.03 26.87
CA GLU D 339 58.91 3.33 26.69
C GLU D 339 60.42 3.20 26.81
N ILE D 340 61.10 4.32 26.64
CA ILE D 340 62.53 4.44 26.97
C ILE D 340 62.76 5.75 27.70
N PRO D 341 63.80 5.80 28.52
CA PRO D 341 63.96 6.93 29.46
C PRO D 341 64.12 8.31 28.81
N TYR D 342 64.07 8.39 27.49
CA TYR D 342 64.01 9.68 26.81
C TYR D 342 62.94 10.57 27.44
N ILE D 343 63.34 11.60 28.18
CA ILE D 343 62.37 12.39 28.95
C ILE D 343 62.89 13.80 29.17
N SER D 344 61.96 14.73 29.30
CA SER D 344 62.21 16.12 29.72
C SER D 344 63.17 16.76 28.72
N SER D 345 64.14 17.56 29.19
CA SER D 345 65.03 18.29 28.30
C SER D 345 65.77 17.34 27.37
N HIS D 346 66.15 17.87 26.21
CA HIS D 346 66.97 17.13 25.25
C HIS D 346 68.43 17.42 25.52
N MET D 347 69.21 16.37 25.73
CA MET D 347 70.65 16.51 25.87
C MET D 347 71.30 16.25 24.52
N PRO D 348 71.93 17.26 23.90
CA PRO D 348 72.56 17.01 22.59
C PRO D 348 73.40 15.73 22.56
N ASN D 349 74.32 15.58 23.50
CA ASN D 349 75.00 14.32 23.66
C ASN D 349 74.08 13.32 24.35
N GLY D 350 74.39 12.03 24.17
CA GLY D 350 73.56 10.97 24.68
C GLY D 350 72.64 10.33 23.67
N ARG D 351 72.64 10.81 22.43
CA ARG D 351 71.91 10.12 21.37
C ARG D 351 72.27 8.64 21.36
N GLU D 352 73.58 8.34 21.31
CA GLU D 352 74.04 6.96 21.34
C GLU D 352 73.34 6.14 22.42
N ASN D 353 72.98 6.77 23.54
CA ASN D 353 72.24 6.06 24.58
C ASN D 353 70.80 5.83 24.17
N THR D 354 70.18 6.80 23.49
CA THR D 354 68.80 6.64 23.05
C THR D 354 68.68 5.51 22.03
N ILE D 355 69.60 5.44 21.07
CA ILE D 355 69.62 4.30 20.17
C ILE D 355 69.97 3.02 20.93
N SER D 356 70.92 3.11 21.86
CA SER D 356 71.30 1.94 22.64
C SER D 356 70.11 1.38 23.41
N GLN D 357 69.47 2.22 24.24
CA GLN D 357 68.38 1.73 25.09
C GLN D 357 67.15 1.38 24.28
N MET D 358 66.87 2.11 23.19
CA MET D 358 65.73 1.75 22.36
C MET D 358 66.03 0.53 21.49
N LYS D 359 67.28 0.37 21.04
CA LYS D 359 67.64 -0.85 20.34
C LYS D 359 67.58 -2.05 21.26
N GLU D 360 68.05 -1.89 22.51
CA GLU D 360 67.93 -2.96 23.48
C GLU D 360 66.47 -3.22 23.85
N LEU D 361 65.67 -2.15 23.92
CA LEU D 361 64.26 -2.31 24.31
C LEU D 361 63.52 -3.19 23.32
N VAL D 362 63.75 -2.99 22.02
CA VAL D 362 62.99 -3.73 21.01
C VAL D 362 63.50 -5.15 20.87
N VAL D 363 64.83 -5.34 20.95
CA VAL D 363 65.40 -6.67 20.74
C VAL D 363 64.90 -7.65 21.79
N GLN D 364 64.93 -7.23 23.06
CA GLN D 364 64.65 -8.13 24.16
C GLN D 364 63.16 -8.37 24.40
N ASN D 365 62.30 -7.43 23.99
CA ASN D 365 60.86 -7.55 24.21
C ASN D 365 60.10 -7.74 22.89
N TYR D 366 60.71 -8.44 21.93
CA TYR D 366 60.07 -8.62 20.63
C TYR D 366 58.89 -9.58 20.71
N ASN D 367 59.05 -10.69 21.46
CA ASN D 367 58.08 -11.78 21.46
C ASN D 367 56.96 -11.59 22.46
N HIS D 368 56.90 -10.47 23.17
CA HIS D 368 55.79 -10.25 24.08
C HIS D 368 54.56 -9.78 23.29
N PRO D 369 53.58 -10.65 23.07
CA PRO D 369 52.41 -10.25 22.26
C PRO D 369 51.64 -9.09 22.85
N SER D 370 51.84 -8.76 24.12
CA SER D 370 51.08 -7.68 24.77
C SER D 370 51.59 -6.30 24.37
N ILE D 371 52.77 -6.20 23.79
CA ILE D 371 53.34 -4.92 23.40
C ILE D 371 52.81 -4.54 22.02
N VAL D 372 52.39 -3.28 21.87
CA VAL D 372 51.77 -2.84 20.63
C VAL D 372 52.40 -1.55 20.13
N VAL D 373 52.93 -0.74 21.03
CA VAL D 373 53.44 0.58 20.67
C VAL D 373 54.76 0.82 21.38
N TRP D 374 55.84 0.93 20.60
CA TRP D 374 57.11 1.43 21.11
C TRP D 374 57.11 2.95 21.03
N GLY D 375 57.22 3.60 22.20
CA GLY D 375 57.37 5.03 22.26
C GLY D 375 58.71 5.40 22.88
N LEU D 376 59.08 6.68 22.76
CA LEU D 376 60.43 7.06 23.20
C LEU D 376 60.46 8.39 23.96
N SER D 377 59.62 9.37 23.64
CA SER D 377 59.77 10.68 24.32
C SER D 377 58.72 10.95 25.40
N ASN D 378 59.05 11.83 26.36
CA ASN D 378 58.07 12.26 27.40
C ASN D 378 58.31 13.72 27.72
N GLU D 379 57.37 14.62 27.39
CA GLU D 379 57.49 16.05 27.65
C GLU D 379 58.87 16.55 27.26
N ILE D 380 59.28 16.22 26.03
CA ILE D 380 60.62 16.52 25.57
C ILE D 380 60.87 18.02 25.43
N THR D 381 59.81 18.81 25.26
CA THR D 381 59.94 20.25 25.07
C THR D 381 59.82 21.03 26.38
N MET D 382 59.75 20.34 27.52
CA MET D 382 59.61 21.01 28.81
C MET D 382 60.82 21.90 29.10
N SER D 385 60.33 25.70 20.40
CA SER D 385 59.90 24.56 21.17
C SER D 385 60.86 23.38 21.02
N SER D 386 61.10 22.99 19.77
CA SER D 386 62.03 21.93 19.43
C SER D 386 63.18 22.50 18.59
N ASP D 387 64.15 21.65 18.28
CA ASP D 387 65.29 22.05 17.46
C ASP D 387 65.58 20.93 16.47
N GLU D 388 66.67 21.07 15.72
CA GLU D 388 66.98 20.10 14.68
C GLU D 388 67.45 18.78 15.28
N ASP D 389 68.42 18.83 16.20
CA ASP D 389 68.90 17.61 16.83
C ASP D 389 67.76 16.82 17.43
N LEU D 390 66.84 17.50 18.13
CA LEU D 390 65.67 16.85 18.70
C LEU D 390 64.93 16.03 17.65
N LEU D 391 64.45 16.71 16.60
CA LEU D 391 63.73 16.01 15.54
C LEU D 391 64.65 15.05 14.80
N GLU D 392 65.89 15.45 14.53
CA GLU D 392 66.87 14.58 13.93
C GLU D 392 67.44 13.61 14.97
N ASN D 393 66.59 13.18 15.89
CA ASN D 393 66.92 12.14 16.87
C ASN D 393 65.74 11.20 16.99
N HIS D 394 64.56 11.76 17.25
CA HIS D 394 63.33 10.97 17.19
C HIS D 394 63.17 10.28 15.83
N ARG D 395 63.61 10.93 14.76
CA ARG D 395 63.47 10.35 13.42
C ARG D 395 64.26 9.06 13.30
N ILE D 396 65.55 9.10 13.67
CA ILE D 396 66.38 7.90 13.59
C ILE D 396 65.77 6.79 14.44
N LEU D 397 65.38 7.12 15.67
CA LEU D 397 64.70 6.14 16.52
C LEU D 397 63.41 5.66 15.87
N ASN D 398 62.61 6.59 15.34
CA ASN D 398 61.38 6.22 14.66
C ASN D 398 61.65 5.28 13.50
N ASP D 399 62.58 5.65 12.61
CA ASP D 399 62.90 4.79 11.47
C ASP D 399 63.65 3.54 11.91
N MET D 400 64.44 3.63 12.98
CA MET D 400 65.11 2.44 13.51
C MET D 400 64.07 1.38 13.88
N VAL D 401 63.19 1.70 14.84
CA VAL D 401 62.18 0.74 15.26
C VAL D 401 61.35 0.26 14.07
N HIS D 402 61.07 1.16 13.13
CA HIS D 402 60.27 0.77 11.97
C HIS D 402 61.01 -0.25 11.12
N GLU D 403 62.34 -0.12 11.02
CA GLU D 403 63.12 -1.08 10.24
C GLU D 403 63.26 -2.40 10.98
N MET D 404 63.44 -2.35 12.31
CA MET D 404 63.60 -3.57 13.08
C MET D 404 62.27 -4.30 13.26
N ASP D 405 61.20 -3.57 13.56
CA ASP D 405 59.89 -4.17 13.82
C ASP D 405 58.84 -3.46 12.97
N HIS D 406 58.24 -4.20 12.03
CA HIS D 406 57.18 -3.68 11.18
C HIS D 406 55.79 -3.98 11.74
N THR D 407 55.69 -4.64 12.89
CA THR D 407 54.41 -5.04 13.45
C THR D 407 53.87 -4.10 14.49
N ARG D 408 54.69 -3.19 15.01
CA ARG D 408 54.26 -2.24 16.04
C ARG D 408 54.33 -0.82 15.50
N LEU D 409 53.68 0.09 16.22
CA LEU D 409 53.68 1.50 15.89
C LEU D 409 54.52 2.27 16.90
N THR D 410 54.85 3.51 16.55
CA THR D 410 55.57 4.40 17.44
C THR D 410 54.60 5.29 18.20
N THR D 411 55.09 5.86 19.30
CA THR D 411 54.27 6.71 20.14
C THR D 411 55.15 7.67 20.90
N ILE D 412 54.55 8.78 21.36
CA ILE D 412 55.24 9.75 22.19
C ILE D 412 54.21 10.41 23.11
N ALA D 413 54.67 10.84 24.28
CA ALA D 413 53.85 11.55 25.24
C ALA D 413 54.29 13.01 25.26
N VAL D 414 53.40 13.90 24.84
CA VAL D 414 53.71 15.32 24.72
C VAL D 414 53.30 16.04 26.00
N VAL D 415 54.08 17.04 26.39
CA VAL D 415 53.79 17.84 27.57
C VAL D 415 52.56 18.70 27.30
N SER D 416 52.00 19.28 28.36
CA SER D 416 50.84 20.15 28.22
C SER D 416 51.27 21.54 27.76
N ASP D 419 51.96 25.53 19.91
CA ASP D 419 52.35 24.46 20.83
C ASP D 419 51.98 23.09 20.26
N ILE D 420 50.71 22.95 19.84
CA ILE D 420 50.28 21.72 19.19
C ILE D 420 50.88 21.55 17.82
N HIS D 421 51.50 22.58 17.27
CA HIS D 421 52.09 22.54 15.94
C HIS D 421 53.60 22.28 15.96
N ASP D 422 54.12 21.72 17.04
CA ASP D 422 55.53 21.38 17.09
C ASP D 422 55.81 20.24 16.12
N PRO D 423 56.78 20.37 15.23
CA PRO D 423 57.01 19.33 14.22
C PRO D 423 57.16 17.93 14.81
N TYR D 424 57.83 17.79 15.95
CA TYR D 424 58.15 16.46 16.46
C TYR D 424 56.93 15.62 16.76
N ILE D 425 55.72 16.17 16.64
CA ILE D 425 54.50 15.43 16.92
C ILE D 425 54.13 14.61 15.69
N GLN D 426 54.88 14.77 14.61
CA GLN D 426 54.53 14.14 13.34
C GLN D 426 55.39 12.94 12.99
N ILE D 427 56.49 12.71 13.69
CA ILE D 427 57.36 11.56 13.39
C ILE D 427 56.65 10.26 13.70
N PRO D 428 56.12 10.07 14.91
CA PRO D 428 55.55 8.78 15.28
C PRO D 428 54.16 8.58 14.71
N ASP D 429 53.80 7.30 14.53
CA ASP D 429 52.47 6.96 14.02
C ASP D 429 51.38 7.61 14.86
N VAL D 430 51.32 7.26 16.14
CA VAL D 430 50.33 7.79 17.06
C VAL D 430 51.05 8.63 18.11
N ILE D 431 50.28 9.48 18.80
CA ILE D 431 50.80 10.33 19.86
C ILE D 431 49.84 10.31 21.04
N SER D 432 50.31 10.85 22.16
CA SER D 432 49.53 10.93 23.39
C SER D 432 50.00 12.14 24.17
N TYR D 433 49.12 12.64 25.05
CA TYR D 433 49.36 13.88 25.77
C TYR D 433 49.31 13.62 27.28
N ASN D 434 50.17 14.36 28.00
CA ASN D 434 50.21 14.30 29.49
C ASN D 434 49.55 15.57 29.99
N HIS D 435 48.30 15.48 30.42
CA HIS D 435 47.52 16.64 30.86
C HIS D 435 47.19 16.54 32.34
N TYR D 436 47.27 17.67 33.03
CA TYR D 436 46.92 17.77 34.43
C TYR D 436 46.00 18.96 34.68
N PHE D 437 45.00 19.11 33.81
CA PHE D 437 43.95 20.10 34.01
C PHE D 437 43.07 19.66 35.17
N GLY D 438 43.24 20.33 36.31
CA GLY D 438 42.52 19.95 37.50
C GLY D 438 43.43 19.86 38.70
N TRP D 439 44.74 19.80 38.45
CA TRP D 439 45.70 19.78 39.55
C TRP D 439 46.75 20.87 39.39
N TYR D 440 47.32 20.98 38.19
CA TYR D 440 48.36 21.97 37.93
C TYR D 440 47.77 23.27 37.38
N GLY D 441 46.71 23.75 38.02
CA GLY D 441 46.10 25.02 37.64
C GLY D 441 44.80 24.88 36.89
N GLY D 442 44.75 23.95 35.94
CA GLY D 442 43.58 23.78 35.09
C GLY D 442 42.38 23.24 35.83
N ASP D 443 41.26 23.21 35.11
CA ASP D 443 40.00 22.68 35.62
C ASP D 443 39.73 21.32 35.00
N VAL D 444 39.21 20.39 35.81
CA VAL D 444 38.92 19.05 35.32
C VAL D 444 37.99 19.10 34.12
N SER D 445 37.19 20.16 34.01
CA SER D 445 36.28 20.30 32.87
C SER D 445 37.01 20.64 31.58
N MET D 446 38.26 21.08 31.66
CA MET D 446 38.99 21.51 30.47
C MET D 446 39.53 20.35 29.65
N ASN D 447 39.61 19.15 30.23
CA ASN D 447 40.21 18.02 29.52
C ASN D 447 39.39 17.64 28.30
N GLY D 448 38.07 17.52 28.46
CA GLY D 448 37.21 17.07 27.39
C GLY D 448 37.29 17.93 26.14
N PRO D 449 37.01 19.23 26.28
CA PRO D 449 37.13 20.11 25.11
C PRO D 449 38.51 20.10 24.49
N TRP D 450 39.57 20.14 25.31
CA TRP D 450 40.92 20.19 24.77
C TRP D 450 41.18 19.01 23.84
N MET D 451 40.89 17.79 24.30
CA MET D 451 41.14 16.61 23.47
C MET D 451 40.38 16.68 22.16
N ASP D 452 39.27 17.41 22.12
CA ASP D 452 38.53 17.56 20.87
C ASP D 452 39.29 18.44 19.89
N ASN D 453 39.89 19.53 20.37
CA ASN D 453 40.59 20.45 19.49
C ASN D 453 41.68 19.73 18.69
N PHE D 454 42.52 18.95 19.36
CA PHE D 454 43.54 18.19 18.66
C PHE D 454 42.93 17.32 17.57
N HIS D 455 41.87 16.58 17.92
CA HIS D 455 41.20 15.75 16.93
C HIS D 455 40.50 16.58 15.86
N LYS D 456 40.28 17.87 16.10
CA LYS D 456 39.68 18.71 15.07
C LYS D 456 40.68 19.06 13.98
N GLU D 457 41.89 19.47 14.37
CA GLU D 457 42.90 19.91 13.41
C GLU D 457 43.75 18.78 12.88
N PHE D 458 44.01 17.74 13.69
CA PHE D 458 44.85 16.63 13.25
C PHE D 458 44.03 15.34 13.23
N PRO D 459 42.89 15.30 12.53
CA PRO D 459 41.99 14.14 12.67
C PRO D 459 42.61 12.80 12.31
N ASN D 460 43.67 12.77 11.49
CA ASN D 460 44.22 11.49 11.03
C ASN D 460 45.35 10.98 11.90
N ILE D 461 45.72 11.68 12.97
CA ILE D 461 46.75 11.23 13.91
C ILE D 461 46.04 10.71 15.14
N PRO D 462 46.02 9.40 15.39
CA PRO D 462 45.29 8.87 16.57
C PRO D 462 45.80 9.50 17.85
N LEU D 463 44.87 10.09 18.60
CA LEU D 463 45.19 10.79 19.84
C LEU D 463 44.81 9.94 21.04
N GLY D 464 45.58 10.10 22.12
CA GLY D 464 45.33 9.38 23.35
C GLY D 464 45.80 10.17 24.54
N MET D 465 45.35 9.75 25.72
CA MET D 465 45.75 10.35 26.99
C MET D 465 46.84 9.49 27.61
N SER D 466 48.07 9.99 27.57
CA SER D 466 49.19 9.24 28.14
C SER D 466 49.32 9.44 29.65
N GLU D 467 48.78 10.52 30.19
CA GLU D 467 48.93 10.81 31.62
C GLU D 467 47.86 11.77 32.09
N TYR D 468 47.47 11.60 33.34
CA TYR D 468 46.52 12.47 34.03
C TYR D 468 46.26 11.91 35.42
N GLY D 469 46.24 12.76 36.43
CA GLY D 469 46.05 12.27 37.78
C GLY D 469 45.97 13.41 38.78
N CYS D 470 45.68 13.01 40.02
CA CYS D 470 45.56 13.94 41.14
C CYS D 470 46.26 13.32 42.35
N GLU D 471 46.91 14.16 43.15
CA GLU D 471 47.59 13.68 44.34
C GLU D 471 46.60 13.48 45.47
N ALA D 472 46.74 12.37 46.19
CA ALA D 472 45.81 12.05 47.27
C ALA D 472 46.56 11.35 48.39
N LEU D 473 46.32 11.81 49.62
CA LEU D 473 46.88 11.18 50.81
C LEU D 473 45.76 10.85 51.79
N ASN D 474 46.05 10.87 53.08
CA ASN D 474 45.04 10.63 54.11
C ASN D 474 44.49 11.94 54.66
N TRP D 475 44.18 12.87 53.76
CA TRP D 475 43.51 14.11 54.11
C TRP D 475 42.07 14.05 53.59
N HIS D 476 41.16 14.68 54.32
CA HIS D 476 39.74 14.59 54.01
C HIS D 476 39.07 15.93 54.23
N THR D 477 37.86 16.06 53.68
CA THR D 477 37.13 17.32 53.71
C THR D 477 35.75 17.10 53.13
N SER D 478 34.84 18.03 53.45
CA SER D 478 33.51 18.06 52.85
C SER D 478 33.40 19.07 51.72
N ASP D 479 34.30 20.04 51.65
CA ASP D 479 34.35 21.01 50.57
C ASP D 479 35.59 20.75 49.72
N PRO D 480 35.58 19.73 48.86
CA PRO D 480 36.79 19.40 48.09
C PRO D 480 37.21 20.52 47.15
N LYS D 481 38.33 21.16 47.46
CA LYS D 481 38.92 22.20 46.63
C LYS D 481 40.16 21.64 45.93
N GLN D 482 40.77 22.48 45.11
CA GLN D 482 41.99 22.12 44.40
C GLN D 482 43.20 22.57 45.23
N GLY D 483 43.98 21.60 45.71
CA GLY D 483 45.18 21.89 46.48
C GLY D 483 45.17 21.33 47.89
N ASP D 484 44.14 20.60 48.30
CA ASP D 484 44.07 20.04 49.64
C ASP D 484 44.67 18.64 49.74
N TYR D 485 45.05 18.02 48.62
CA TYR D 485 45.62 16.68 48.60
C TYR D 485 44.69 15.66 49.26
N THR D 486 43.40 15.97 49.33
CA THR D 486 42.45 15.12 50.03
C THR D 486 42.01 13.96 49.14
N GLU D 487 41.63 12.86 49.79
CA GLU D 487 41.06 11.73 49.05
C GLU D 487 39.77 12.11 48.34
N GLU D 488 39.02 13.06 48.91
CA GLU D 488 37.73 13.43 48.34
C GLU D 488 37.89 14.07 46.97
N TYR D 489 38.71 15.11 46.87
CA TYR D 489 38.88 15.81 45.59
C TYR D 489 39.44 14.87 44.54
N GLN D 490 40.48 14.11 44.90
CA GLN D 490 41.08 13.19 43.93
C GLN D 490 40.04 12.24 43.35
N ALA D 491 39.11 11.78 44.18
CA ALA D 491 38.00 10.99 43.67
C ALA D 491 37.09 11.81 42.78
N TYR D 492 36.96 13.11 43.07
CA TYR D 492 36.19 14.00 42.19
C TYR D 492 36.90 14.17 40.85
N TYR D 493 38.23 14.25 40.87
CA TYR D 493 38.98 14.48 39.63
C TYR D 493 38.82 13.31 38.67
N HIS D 494 38.98 12.08 39.17
CA HIS D 494 38.90 10.91 38.29
C HIS D 494 37.47 10.52 37.98
N GLU D 495 36.50 10.93 38.78
CA GLU D 495 35.10 10.80 38.39
C GLU D 495 34.85 11.55 37.09
N GLU D 496 35.15 12.85 37.09
CA GLU D 496 34.99 13.65 35.88
C GLU D 496 35.93 13.17 34.77
N MET D 497 37.14 12.74 35.14
CA MET D 497 38.07 12.21 34.15
C MET D 497 37.44 11.06 33.37
N ILE D 498 36.86 10.10 34.07
CA ILE D 498 36.27 8.93 33.40
C ILE D 498 35.09 9.36 32.53
N LYS D 499 34.27 10.29 33.02
CA LYS D 499 33.09 10.70 32.27
C LYS D 499 33.44 11.35 30.94
N GLN D 500 34.63 11.95 30.85
CA GLN D 500 35.08 12.64 29.64
C GLN D 500 35.93 11.75 28.72
N LEU D 501 36.93 11.07 29.28
CA LEU D 501 37.81 10.25 28.45
C LEU D 501 37.14 8.96 27.98
N PHE D 502 36.37 8.31 28.86
CA PHE D 502 35.80 7.00 28.55
C PHE D 502 34.63 7.06 27.58
N THR D 503 34.08 8.25 27.31
CA THR D 503 32.95 8.39 26.39
C THR D 503 33.37 8.79 24.99
N ARG D 504 34.60 9.23 24.79
CA ARG D 504 35.14 9.56 23.46
C ARG D 504 35.98 8.37 23.00
N LYS D 505 35.41 7.54 22.13
CA LYS D 505 36.13 6.36 21.66
C LYS D 505 37.31 6.71 20.76
N TYR D 506 37.37 7.94 20.24
CA TYR D 506 38.45 8.31 19.34
C TYR D 506 39.79 8.41 20.06
N ILE D 507 39.79 8.57 21.38
CA ILE D 507 41.04 8.55 22.15
C ILE D 507 41.51 7.09 22.22
N TRP D 508 42.62 6.79 21.55
CA TRP D 508 43.00 5.39 21.33
C TRP D 508 43.38 4.69 22.62
N ALA D 509 43.84 5.43 23.63
CA ALA D 509 44.20 4.80 24.89
C ALA D 509 44.30 5.87 25.97
N THR D 510 43.96 5.47 27.19
CA THR D 510 44.02 6.35 28.35
C THR D 510 44.85 5.69 29.44
N HIS D 511 45.68 6.48 30.11
CA HIS D 511 46.59 5.97 31.14
C HIS D 511 46.62 6.96 32.30
N VAL D 512 45.96 6.62 33.40
CA VAL D 512 45.98 7.47 34.58
C VAL D 512 47.35 7.40 35.24
N TRP D 513 47.77 8.52 35.82
CA TRP D 513 49.06 8.65 36.47
C TRP D 513 48.82 8.93 37.95
N ASN D 514 49.19 7.98 38.80
CA ASN D 514 49.78 6.68 38.48
C ASN D 514 48.92 5.60 39.13
N MET D 515 49.25 4.33 38.88
CA MET D 515 48.53 3.25 39.57
C MET D 515 48.90 3.21 41.05
N PHE D 516 50.19 3.29 41.35
CA PHE D 516 50.68 3.34 42.72
C PHE D 516 51.47 4.62 42.95
N ASP D 517 51.47 5.08 44.20
CA ASP D 517 52.45 6.09 44.59
C ASP D 517 53.86 5.53 44.39
N PHE D 518 54.78 6.40 43.98
CA PHE D 518 56.13 5.95 43.68
C PHE D 518 57.15 6.89 44.32
N GLY D 519 58.42 6.51 44.20
CA GLY D 519 59.50 7.28 44.77
C GLY D 519 59.97 8.42 43.90
N ALA D 520 59.84 9.66 44.40
CA ALA D 520 60.31 10.86 43.73
C ALA D 520 60.99 11.72 44.81
N ASP D 521 62.26 11.41 45.07
CA ASP D 521 62.97 12.05 46.18
C ASP D 521 62.95 13.58 46.09
N ALA D 522 62.72 14.13 44.90
CA ALA D 522 62.67 15.59 44.77
C ALA D 522 61.40 16.19 45.37
N ARG D 523 60.34 15.39 45.52
CA ARG D 523 59.07 15.90 45.99
C ARG D 523 59.10 16.19 47.49
N ASN D 524 58.55 17.34 47.86
CA ASN D 524 58.42 17.73 49.26
C ASN D 524 57.06 18.39 49.47
N GLU D 525 56.00 17.65 49.14
CA GLU D 525 54.63 18.16 49.25
C GLU D 525 53.74 17.07 49.83
N GLY D 526 52.56 17.49 50.28
CA GLY D 526 51.54 16.58 50.75
C GLY D 526 51.63 16.20 52.21
N GLY D 527 52.71 16.53 52.89
CA GLY D 527 52.94 16.10 54.26
C GLY D 527 53.79 14.84 54.36
N GLU D 528 54.16 14.24 53.23
CA GLU D 528 55.04 13.08 53.19
C GLU D 528 55.99 13.28 52.03
N ASN D 529 57.24 13.61 52.34
CA ASN D 529 58.20 13.97 51.32
C ASN D 529 58.78 12.72 50.65
N GLY D 530 59.32 12.92 49.45
CA GLY D 530 60.00 11.87 48.72
C GLY D 530 59.13 10.97 47.87
N GLN D 531 57.84 11.28 47.75
CA GLN D 531 56.92 10.41 47.02
C GLN D 531 55.98 11.24 46.15
N ASN D 532 55.64 10.68 45.00
CA ASN D 532 54.53 11.19 44.19
C ASN D 532 53.27 10.44 44.58
N HIS D 533 52.31 11.15 45.14
CA HIS D 533 51.08 10.55 45.67
C HIS D 533 49.90 10.74 44.74
N LYS D 534 50.11 10.53 43.43
CA LYS D 534 49.04 10.61 42.44
C LYS D 534 48.45 9.25 42.11
N GLY D 535 48.88 8.18 42.79
CA GLY D 535 48.43 6.85 42.45
C GLY D 535 47.08 6.51 43.03
N LEU D 536 46.46 5.49 42.46
CA LEU D 536 45.22 4.95 42.99
C LEU D 536 45.46 4.01 44.16
N VAL D 537 46.69 3.54 44.35
CA VAL D 537 47.06 2.67 45.45
C VAL D 537 48.32 3.24 46.09
N THR D 538 48.41 3.14 47.41
CA THR D 538 49.53 3.74 48.13
C THR D 538 50.84 3.03 47.77
N PHE D 539 51.94 3.66 48.16
CA PHE D 539 53.27 3.13 47.83
C PHE D 539 53.43 1.69 48.34
N ASP D 540 52.97 1.42 49.55
CA ASP D 540 53.06 0.08 50.13
C ASP D 540 52.13 -0.92 49.47
N ARG D 541 51.34 -0.50 48.46
CA ARG D 541 50.36 -1.36 47.83
C ARG D 541 49.42 -1.96 48.88
N LYS D 542 49.17 -1.22 49.96
CA LYS D 542 48.38 -1.70 51.08
C LYS D 542 47.02 -1.05 51.21
N TYR D 543 46.79 0.11 50.60
CA TYR D 543 45.53 0.82 50.72
C TYR D 543 45.03 1.21 49.34
N LYS D 544 43.88 0.67 48.95
CA LYS D 544 43.23 1.05 47.70
C LYS D 544 42.44 2.33 47.93
N LYS D 545 42.85 3.42 47.28
CA LYS D 545 42.19 4.69 47.47
C LYS D 545 40.79 4.68 46.84
N ASP D 546 39.96 5.64 47.27
CA ASP D 546 38.59 5.71 46.77
C ASP D 546 38.56 5.77 45.25
N SER D 547 39.44 6.56 44.64
CA SER D 547 39.47 6.66 43.19
C SER D 547 39.67 5.29 42.54
N PHE D 548 40.40 4.39 43.21
CA PHE D 548 40.60 3.05 42.67
C PHE D 548 39.28 2.38 42.34
N TYR D 549 38.25 2.62 43.15
CA TYR D 549 36.98 1.94 42.99
C TYR D 549 36.06 2.64 41.99
N ALA D 550 36.30 3.91 41.69
CA ALA D 550 35.57 4.56 40.60
C ALA D 550 35.99 3.98 39.25
N TYR D 551 37.24 3.53 39.13
CA TYR D 551 37.67 2.86 37.91
C TYR D 551 37.23 1.40 37.87
N LYS D 552 37.18 0.74 39.03
CA LYS D 552 36.63 -0.62 39.08
C LYS D 552 35.17 -0.64 38.64
N ALA D 553 34.43 0.44 38.94
CA ALA D 553 33.02 0.49 38.58
C ALA D 553 32.82 0.43 37.07
N TRP D 554 33.72 1.05 36.30
CA TRP D 554 33.59 1.10 34.85
C TRP D 554 34.28 -0.05 34.15
N LEU D 555 35.30 -0.65 34.77
CA LEU D 555 36.19 -1.56 34.08
C LEU D 555 36.11 -3.00 34.55
N SER D 556 35.46 -3.27 35.68
CA SER D 556 35.47 -4.60 36.28
C SER D 556 34.12 -5.29 36.08
N ASP D 557 34.17 -6.55 35.69
CA ASP D 557 32.99 -7.41 35.69
C ASP D 557 32.84 -8.17 37.00
N GLU D 558 33.72 -7.92 37.98
CA GLU D 558 33.64 -8.56 39.28
C GLU D 558 32.69 -7.76 40.16
N PRO D 559 31.52 -8.28 40.52
CA PRO D 559 30.55 -7.47 41.27
C PRO D 559 31.11 -6.98 42.59
N PHE D 560 30.88 -5.70 42.87
CA PHE D 560 31.39 -5.07 44.08
C PHE D 560 30.55 -3.86 44.42
N VAL D 561 30.62 -3.45 45.68
CA VAL D 561 30.01 -2.22 46.17
C VAL D 561 30.99 -1.58 47.15
N HIS D 562 31.41 -0.36 46.87
CA HIS D 562 32.38 0.35 47.69
C HIS D 562 31.78 1.64 48.23
N LEU D 563 31.90 1.83 49.54
CA LEU D 563 31.46 3.06 50.18
C LEU D 563 32.62 4.05 50.21
N CYS D 564 32.37 5.27 49.76
CA CYS D 564 33.40 6.30 49.69
C CYS D 564 33.45 7.09 50.98
N GLY D 565 34.66 7.48 51.38
CA GLY D 565 34.82 8.29 52.58
C GLY D 565 34.84 7.50 53.86
N LYS D 566 35.25 6.23 53.83
CA LYS D 566 35.29 5.43 55.04
C LYS D 566 36.31 5.95 56.06
N ARG D 567 37.30 6.71 55.60
CA ARG D 567 38.31 7.29 56.48
C ARG D 567 37.97 8.73 56.85
N TYR D 568 36.78 9.20 56.51
CA TYR D 568 36.30 10.55 56.85
C TYR D 568 35.07 10.37 57.73
N VAL D 569 35.32 10.13 59.02
CA VAL D 569 34.26 9.77 59.97
C VAL D 569 33.74 11.00 60.71
N ASP D 570 34.63 11.85 61.22
CA ASP D 570 34.22 13.06 61.91
C ASP D 570 33.78 14.09 60.88
N ARG D 571 32.48 14.41 60.89
CA ARG D 571 31.91 15.38 59.97
C ARG D 571 31.06 16.37 60.74
N VAL D 572 31.06 17.62 60.28
CA VAL D 572 30.47 18.73 61.02
C VAL D 572 29.07 19.07 60.52
N GLU D 573 28.91 19.06 59.20
CA GLU D 573 27.64 19.52 58.60
C GLU D 573 26.48 18.58 58.91
N ASP D 574 25.34 19.17 59.30
CA ASP D 574 24.16 18.38 59.73
C ASP D 574 23.65 17.47 58.63
N THR D 575 23.83 17.84 57.37
CA THR D 575 23.45 16.92 56.27
C THR D 575 24.71 16.65 55.45
N THR D 576 25.14 15.39 55.39
CA THR D 576 26.42 15.11 54.72
C THR D 576 26.18 14.39 53.40
N LYS D 577 27.19 14.36 52.55
CA LYS D 577 27.11 13.66 51.28
C LYS D 577 27.76 12.29 51.39
N VAL D 578 27.14 11.30 50.76
CA VAL D 578 27.64 9.94 50.72
C VAL D 578 27.70 9.51 49.26
N THR D 579 28.83 8.94 48.85
CA THR D 579 29.03 8.50 47.48
C THR D 579 29.30 7.00 47.47
N VAL D 580 28.69 6.31 46.51
CA VAL D 580 28.80 4.86 46.38
C VAL D 580 29.18 4.54 44.94
N TYR D 581 30.28 3.81 44.77
CA TYR D 581 30.68 3.29 43.48
C TYR D 581 30.26 1.84 43.36
N SER D 582 29.76 1.44 42.19
CA SER D 582 29.33 0.08 41.98
C SER D 582 29.13 -0.17 40.50
N ASN D 583 29.60 -1.33 40.03
CA ASN D 583 29.33 -1.79 38.68
C ASN D 583 28.00 -2.52 38.57
N LEU D 584 27.15 -2.42 39.58
CA LEU D 584 25.83 -3.04 39.60
C LEU D 584 24.76 -2.02 39.27
N PRO D 585 23.55 -2.47 38.93
CA PRO D 585 22.53 -1.55 38.44
C PRO D 585 22.01 -0.58 39.50
N GLU D 586 21.65 -1.09 40.67
CA GLU D 586 21.02 -0.27 41.71
C GLU D 586 21.76 -0.41 43.02
N VAL D 587 21.70 0.64 43.83
CA VAL D 587 22.37 0.70 45.13
C VAL D 587 21.45 1.43 46.09
N GLU D 588 21.07 0.76 47.18
CA GLU D 588 20.25 1.36 48.22
C GLU D 588 21.10 1.63 49.46
N LEU D 589 20.88 2.79 50.08
CA LEU D 589 21.67 3.24 51.21
C LEU D 589 20.82 3.26 52.47
N PHE D 590 21.32 2.63 53.52
CA PHE D 590 20.67 2.62 54.83
C PHE D 590 21.51 3.44 55.79
N VAL D 591 20.90 4.45 56.41
CA VAL D 591 21.52 5.24 57.45
C VAL D 591 20.89 4.82 58.77
N ASN D 592 21.59 3.98 59.53
CA ASN D 592 21.07 3.45 60.78
C ASN D 592 19.84 2.58 60.53
N GLY D 593 19.86 1.83 59.44
CA GLY D 593 18.75 0.98 59.06
C GLY D 593 17.62 1.67 58.32
N LYS D 594 17.48 2.98 58.48
CA LYS D 594 16.44 3.73 57.78
C LYS D 594 16.90 4.02 56.36
N SER D 595 16.27 3.38 55.39
CA SER D 595 16.71 3.50 54.01
C SER D 595 16.67 4.95 53.53
N ALA D 596 17.73 5.36 52.84
CA ALA D 596 17.78 6.68 52.22
C ALA D 596 17.39 6.65 50.75
N GLY D 597 17.20 5.48 50.16
CA GLY D 597 16.75 5.34 48.79
C GLY D 597 17.45 4.25 48.01
N LYS D 598 16.73 3.65 47.07
CA LYS D 598 17.30 2.74 46.09
C LYS D 598 17.59 3.53 44.83
N LEU D 599 18.86 3.56 44.42
CA LEU D 599 19.32 4.46 43.37
C LEU D 599 19.88 3.68 42.20
N GLN D 600 19.64 4.20 41.00
CA GLN D 600 20.33 3.80 39.79
C GLN D 600 21.23 4.94 39.34
N ALA D 601 22.27 4.59 38.58
CA ALA D 601 23.24 5.60 38.14
C ALA D 601 23.92 5.10 36.88
N GLU D 602 23.83 5.89 35.80
CA GLU D 602 24.47 5.49 34.54
C GLU D 602 25.98 5.57 34.65
N ASP D 603 26.50 6.67 35.20
CA ASP D 603 27.95 6.84 35.34
C ASP D 603 28.53 6.00 36.47
N HIS D 604 27.71 5.20 37.16
CA HIS D 604 28.15 4.28 38.20
C HIS D 604 28.53 4.98 39.50
N PHE D 605 28.28 6.28 39.62
CA PHE D 605 28.61 7.05 40.81
C PHE D 605 27.30 7.47 41.49
N PHE D 606 26.83 6.63 42.42
CA PHE D 606 25.61 6.91 43.16
C PHE D 606 25.91 7.90 44.28
N HIS D 607 25.20 9.03 44.31
CA HIS D 607 25.44 10.10 45.26
C HIS D 607 24.21 10.29 46.13
N PHE D 608 24.34 10.03 47.43
CA PHE D 608 23.26 10.22 48.39
C PHE D 608 23.54 11.48 49.22
N GLU D 609 22.59 11.79 50.12
CA GLU D 609 22.71 12.95 50.99
C GLU D 609 21.81 12.73 52.20
N VAL D 610 22.41 12.47 53.35
CA VAL D 610 21.65 12.12 54.55
C VAL D 610 22.05 13.02 55.71
N PRO D 611 21.11 13.43 56.56
CA PRO D 611 21.49 14.18 57.76
C PRO D 611 22.54 13.43 58.57
N ASN D 612 23.31 14.19 59.36
CA ASN D 612 24.38 13.66 60.20
C ASN D 612 23.97 13.84 61.66
N VAL D 613 23.38 12.78 62.22
CA VAL D 613 22.85 12.80 63.59
C VAL D 613 23.65 11.80 64.41
N GLY D 614 24.34 12.30 65.44
CA GLY D 614 25.15 11.48 66.31
C GLY D 614 26.07 10.57 65.52
N GLU D 615 26.27 9.36 66.05
CA GLU D 615 27.09 8.36 65.40
C GLU D 615 26.17 7.46 64.57
N SER D 616 26.26 7.58 63.25
CA SER D 616 25.42 6.82 62.33
C SER D 616 26.23 5.76 61.61
N THR D 617 25.55 4.69 61.21
CA THR D 617 26.16 3.56 60.50
C THR D 617 25.52 3.44 59.13
N LEU D 618 26.28 3.76 58.08
CA LEU D 618 25.79 3.69 56.71
C LEU D 618 26.10 2.33 56.13
N VAL D 619 25.12 1.73 55.46
CA VAL D 619 25.27 0.43 54.82
C VAL D 619 24.76 0.54 53.39
N ALA D 620 25.63 0.25 52.42
CA ALA D 620 25.28 0.25 51.02
C ALA D 620 24.93 -1.17 50.58
N VAL D 621 23.78 -1.32 49.93
CA VAL D 621 23.30 -2.61 49.46
C VAL D 621 23.07 -2.51 47.95
N ALA D 622 23.62 -3.46 47.20
CA ALA D 622 23.44 -3.54 45.75
C ALA D 622 23.13 -5.00 45.42
N GLY D 623 21.88 -5.39 45.61
CA GLY D 623 21.47 -6.76 45.37
C GLY D 623 21.89 -7.70 46.47
N GLU D 624 22.90 -8.53 46.19
CA GLU D 624 23.45 -9.47 47.16
C GLU D 624 24.82 -9.03 47.67
N TYR D 625 25.19 -7.78 47.43
CA TYR D 625 26.49 -7.26 47.84
C TYR D 625 26.28 -6.04 48.73
N LYS D 626 27.09 -5.96 49.80
CA LYS D 626 26.95 -4.90 50.78
C LYS D 626 28.32 -4.36 51.16
N ASP D 627 28.31 -3.16 51.72
CA ASP D 627 29.52 -2.53 52.26
C ASP D 627 29.07 -1.55 53.34
N GLU D 628 29.93 -1.35 54.34
CA GLU D 628 29.58 -0.57 55.52
C GLU D 628 30.62 0.51 55.78
N SER D 629 30.14 1.65 56.27
CA SER D 629 30.98 2.76 56.66
C SER D 629 30.41 3.38 57.93
N HIS D 630 31.18 4.30 58.51
CA HIS D 630 30.80 4.94 59.77
C HIS D 630 31.02 6.45 59.68
N ILE D 631 30.17 7.19 60.38
CA ILE D 631 30.30 8.64 60.50
C ILE D 631 29.71 9.06 61.84
N ARG D 632 30.05 10.28 62.26
CA ARG D 632 29.54 10.83 63.51
C ARG D 632 29.52 12.35 63.41
N LYS D 633 28.47 12.95 63.96
CA LYS D 633 28.33 14.40 63.93
C LYS D 633 29.19 15.02 65.04
N VAL D 634 30.02 15.98 64.66
CA VAL D 634 30.83 16.74 65.61
C VAL D 634 30.46 18.21 65.48
N ASP D 635 30.99 19.01 66.40
CA ASP D 635 30.72 20.45 66.42
C ASP D 635 31.81 21.28 65.75
N THR D 636 33.04 20.78 65.72
CA THR D 636 34.16 21.49 65.13
C THR D 636 34.96 20.54 64.26
N PHE D 637 35.59 21.07 63.22
CA PHE D 637 36.34 20.25 62.29
C PHE D 637 37.53 19.58 62.98
N ASN D 638 37.69 18.27 62.74
CA ASN D 638 38.81 17.52 63.27
C ASN D 638 40.07 17.88 62.50
N GLU D 639 40.97 18.63 63.13
CA GLU D 639 42.12 19.17 62.43
C GLU D 639 43.00 18.10 61.79
N GLU D 640 42.95 16.86 62.27
CA GLU D 640 43.76 15.81 61.69
C GLU D 640 43.34 15.43 60.26
N TYR D 641 42.39 16.17 59.68
CA TYR D 641 41.90 15.87 58.34
C TYR D 641 42.42 16.84 57.28
N SER D 642 42.79 18.07 57.67
CA SER D 642 43.26 19.07 56.74
C SER D 642 44.76 19.29 56.92
N LEU D 643 45.47 19.41 55.80
CA LEU D 643 46.90 19.65 55.84
C LEU D 643 47.20 21.14 55.87
#